data_4YGF
#
_entry.id   4YGF
#
_cell.length_a   41.780
_cell.length_b   133.610
_cell.length_c   166.540
_cell.angle_alpha   90.000
_cell.angle_beta   90.160
_cell.angle_gamma   90.000
#
_symmetry.space_group_name_H-M   'P 1 21 1'
#
loop_
_entity.id
_entity.type
_entity.pdbx_description
1 polymer 'Alpha-carbonic anhydrase'
2 non-polymer 'ZINC ION'
3 non-polymer 'CHLORIDE ION'
4 non-polymer 5-ACETAMIDO-1,3,4-THIADIAZOLE-2-SULFONAMIDE
5 non-polymer GLYCEROL
6 water water
#
_entity_poly.entity_id   1
_entity_poly.type   'polypeptide(L)'
_entity_poly.pdbx_seq_one_letter_code
;GIDPFTNTKWDYKNKENGPHRWDKLHKDFEVCKSGKSQSPINIEHYYHTQDKADLQFKYAASKPKAVFFTHHTLKASFEP
TNHINYRGHDYVLDNVHFHAPMEFLINNKTRPLSAHFVHKDAKGRLLVLAIGFEEGKENPNLDPILEGIQKKQNFKEVAL
DAFLPKSINYYHFNGSLTAPPCTEGVAWFVIEEPLEVSAKQLAEIKKRMKNSPNQRPVQPDYNTVIIKSSAETR
;
_entity_poly.pdbx_strand_id   A,B,C,D,E,F,G,H
#
loop_
_chem_comp.id
_chem_comp.type
_chem_comp.name
_chem_comp.formula
AZM non-polymer 5-ACETAMIDO-1,3,4-THIADIAZOLE-2-SULFONAMIDE 'C4 H6 N4 O3 S2'
CL non-polymer 'CHLORIDE ION' 'Cl -1'
GOL non-polymer GLYCEROL 'C3 H8 O3'
ZN non-polymer 'ZINC ION' 'Zn 2'
#
# COMPACT_ATOMS: atom_id res chain seq x y z
N LYS A 9 0.76 14.92 -10.39
CA LYS A 9 2.20 15.16 -10.36
C LYS A 9 3.09 14.06 -11.02
N TRP A 10 2.56 12.84 -11.19
CA TRP A 10 3.27 11.72 -11.85
C TRP A 10 4.10 12.18 -13.05
N ASP A 11 5.31 11.66 -13.17
CA ASP A 11 6.15 12.01 -14.33
C ASP A 11 6.97 10.82 -14.80
N TYR A 12 7.89 11.06 -15.73
CA TYR A 12 8.78 9.99 -16.21
C TYR A 12 10.27 10.15 -15.82
N LYS A 13 10.59 11.09 -14.93
CA LYS A 13 11.98 11.29 -14.46
C LYS A 13 12.36 10.29 -13.37
N ASN A 14 13.62 10.28 -12.97
CA ASN A 14 14.08 9.23 -12.06
C ASN A 14 13.96 9.57 -10.59
N LYS A 15 13.07 10.49 -10.21
CA LYS A 15 12.99 10.86 -8.81
C LYS A 15 11.65 10.43 -8.25
N GLU A 16 11.11 11.21 -7.33
CA GLU A 16 9.98 10.78 -6.52
C GLU A 16 8.76 10.35 -7.32
N ASN A 17 8.53 10.96 -8.48
CA ASN A 17 7.30 10.72 -9.24
C ASN A 17 7.47 9.88 -10.50
N GLY A 18 8.62 9.24 -10.65
CA GLY A 18 8.89 8.48 -11.85
C GLY A 18 8.14 7.16 -11.93
N PRO A 19 8.25 6.48 -13.08
CA PRO A 19 7.52 5.26 -13.42
C PRO A 19 7.61 4.16 -12.36
N HIS A 20 8.70 4.06 -11.62
CA HIS A 20 8.86 3.05 -10.58
C HIS A 20 7.98 3.34 -9.37
N ARG A 21 7.48 4.56 -9.26
CA ARG A 21 6.77 4.98 -8.06
C ARG A 21 5.34 5.41 -8.29
N TRP A 22 4.79 5.10 -9.45
CA TRP A 22 3.44 5.54 -9.75
C TRP A 22 2.41 4.97 -8.77
N ASP A 23 2.60 3.73 -8.32
CA ASP A 23 1.64 3.08 -7.39
C ASP A 23 1.62 3.74 -6.02
N LYS A 24 2.72 4.41 -5.68
CA LYS A 24 2.81 5.06 -4.38
C LYS A 24 2.17 6.46 -4.31
N LEU A 25 2.11 7.17 -5.44
CA LEU A 25 1.63 8.56 -5.43
C LEU A 25 0.13 8.71 -5.16
N HIS A 26 -0.65 7.76 -5.62
CA HIS A 26 -2.08 7.75 -5.42
C HIS A 26 -2.52 6.29 -5.42
N LYS A 27 -3.54 5.97 -4.65
CA LYS A 27 -4.03 4.61 -4.51
C LYS A 27 -4.85 4.20 -5.70
N ASP A 28 -5.32 5.16 -6.48
CA ASP A 28 -5.91 4.84 -7.79
C ASP A 28 -4.84 4.25 -8.73
N PHE A 29 -3.58 4.58 -8.49
CA PHE A 29 -2.48 4.17 -9.37
C PHE A 29 -1.88 2.83 -8.96
N GLU A 30 -2.53 2.14 -8.04
CA GLU A 30 -2.00 0.91 -7.49
C GLU A 30 -1.92 -0.20 -8.52
N VAL A 31 -2.85 -0.24 -9.47
CA VAL A 31 -2.82 -1.28 -10.50
C VAL A 31 -1.61 -1.10 -11.42
N CYS A 32 -0.97 0.08 -11.37
CA CYS A 32 0.28 0.30 -12.11
C CYS A 32 1.39 -0.65 -11.72
N LYS A 33 1.31 -1.14 -10.48
CA LYS A 33 2.25 -2.11 -9.95
C LYS A 33 1.62 -3.47 -9.82
N SER A 34 0.39 -3.49 -9.33
CA SER A 34 -0.26 -4.74 -8.98
C SER A 34 -0.85 -5.51 -10.18
N GLY A 35 -1.01 -4.83 -11.31
CA GLY A 35 -1.60 -5.44 -12.49
C GLY A 35 -0.80 -6.55 -13.17
N LYS A 36 -1.51 -7.54 -13.71
CA LYS A 36 -0.86 -8.70 -14.32
C LYS A 36 -0.93 -8.60 -15.85
N SER A 37 -1.51 -7.51 -16.35
CA SER A 37 -1.65 -7.31 -17.78
CA SER A 37 -1.60 -7.33 -17.79
C SER A 37 -1.31 -5.88 -18.17
N GLN A 38 -0.17 -5.39 -17.69
CA GLN A 38 0.26 -4.01 -17.88
C GLN A 38 1.00 -3.72 -19.18
N SER A 39 0.78 -2.52 -19.72
CA SER A 39 1.41 -2.08 -20.97
C SER A 39 2.40 -0.95 -20.68
N PRO A 40 3.45 -0.80 -21.50
CA PRO A 40 3.73 -1.55 -22.72
C PRO A 40 4.50 -2.83 -22.46
N ILE A 41 4.56 -3.65 -23.48
CA ILE A 41 5.34 -4.86 -23.43
C ILE A 41 6.14 -4.99 -24.70
N ASN A 42 7.10 -5.90 -24.65
CA ASN A 42 7.86 -6.33 -25.79
C ASN A 42 7.02 -7.41 -26.46
N ILE A 43 6.63 -7.19 -27.72
CA ILE A 43 5.84 -8.15 -28.47
C ILE A 43 6.78 -9.16 -29.16
N GLU A 44 6.94 -10.37 -28.61
CA GLU A 44 7.94 -11.29 -29.19
C GLU A 44 7.47 -12.73 -29.34
N HIS A 45 6.46 -13.12 -28.58
CA HIS A 45 5.81 -14.41 -28.80
C HIS A 45 4.33 -14.15 -29.12
N TYR A 46 3.91 -14.62 -30.29
CA TYR A 46 2.55 -14.37 -30.77
C TYR A 46 2.07 -15.43 -31.73
N TYR A 47 0.77 -15.40 -32.00
CA TYR A 47 0.15 -16.42 -32.82
C TYR A 47 -0.30 -15.85 -34.14
N HIS A 48 0.05 -16.54 -35.22
CA HIS A 48 -0.38 -16.16 -36.55
C HIS A 48 -1.79 -16.69 -36.80
N THR A 49 -2.64 -15.87 -37.42
CA THR A 49 -4.02 -16.27 -37.63
C THR A 49 -4.63 -15.72 -38.92
N GLN A 50 -5.90 -16.10 -39.12
CA GLN A 50 -6.78 -15.68 -40.21
C GLN A 50 -7.09 -14.18 -40.23
N ASP A 51 -7.54 -13.69 -41.39
CA ASP A 51 -8.00 -12.30 -41.51
C ASP A 51 -9.51 -12.42 -41.30
N LYS A 52 -9.96 -12.40 -40.05
CA LYS A 52 -11.37 -12.67 -39.76
C LYS A 52 -12.26 -11.42 -39.95
N ALA A 53 -11.83 -10.46 -40.77
CA ALA A 53 -12.55 -9.19 -40.92
C ALA A 53 -13.01 -8.57 -39.60
N ASP A 54 -12.34 -8.88 -38.49
CA ASP A 54 -12.72 -8.29 -37.22
C ASP A 54 -12.65 -6.78 -37.14
N LEU A 55 -11.76 -6.16 -37.89
CA LEU A 55 -11.48 -4.75 -37.66
C LEU A 55 -11.78 -3.91 -38.87
N GLN A 56 -12.80 -3.08 -38.77
CA GLN A 56 -13.17 -2.21 -39.87
C GLN A 56 -13.09 -0.75 -39.45
N PHE A 57 -12.52 0.07 -40.33
CA PHE A 57 -12.33 1.49 -40.06
C PHE A 57 -13.39 2.36 -40.72
N LYS A 58 -13.96 3.29 -39.96
CA LYS A 58 -14.79 4.34 -40.56
C LYS A 58 -14.19 5.69 -40.20
N TYR A 59 -13.07 6.00 -40.84
CA TYR A 59 -12.37 7.25 -40.55
C TYR A 59 -12.60 8.30 -41.63
N ALA A 60 -12.47 9.57 -41.25
CA ALA A 60 -12.57 10.67 -42.19
C ALA A 60 -11.72 11.85 -41.72
N ALA A 61 -11.40 12.76 -42.64
CA ALA A 61 -10.62 13.95 -42.30
C ALA A 61 -11.36 14.75 -41.24
N SER A 62 -10.67 15.07 -40.15
CA SER A 62 -11.35 15.73 -39.05
C SER A 62 -10.55 16.87 -38.48
N LYS A 63 -11.23 17.99 -38.26
CA LYS A 63 -10.61 19.11 -37.58
C LYS A 63 -10.62 18.88 -36.07
N PRO A 64 -9.44 18.94 -35.44
CA PRO A 64 -9.35 18.74 -34.00
C PRO A 64 -10.20 19.74 -33.24
N LYS A 65 -10.91 19.26 -32.23
CA LYS A 65 -11.60 20.11 -31.28
C LYS A 65 -10.55 20.87 -30.47
N ALA A 66 -9.43 20.22 -30.23
CA ALA A 66 -8.30 20.85 -29.58
C ALA A 66 -7.00 20.12 -29.89
N VAL A 67 -5.91 20.86 -29.82
CA VAL A 67 -4.55 20.33 -29.88
C VAL A 67 -3.77 20.97 -28.73
N PHE A 68 -3.24 20.16 -27.82
CA PHE A 68 -2.63 20.71 -26.61
C PHE A 68 -1.65 19.79 -25.93
N PHE A 69 -0.89 20.35 -25.00
CA PHE A 69 0.04 19.60 -24.17
C PHE A 69 -0.61 19.22 -22.87
N THR A 70 -0.65 17.92 -22.58
CA THR A 70 -1.23 17.43 -21.35
C THR A 70 -0.50 16.16 -20.93
N HIS A 71 -0.18 16.06 -19.65
CA HIS A 71 0.48 14.87 -19.07
C HIS A 71 1.62 14.36 -19.94
N HIS A 72 2.51 15.27 -20.31
CA HIS A 72 3.75 14.95 -21.00
C HIS A 72 3.49 14.61 -22.47
N THR A 73 2.25 14.73 -22.95
CA THR A 73 2.00 14.40 -24.35
C THR A 73 1.41 15.57 -25.11
N LEU A 74 1.54 15.52 -26.42
CA LEU A 74 0.86 16.43 -27.34
C LEU A 74 -0.40 15.75 -27.83
N LYS A 75 -1.56 16.34 -27.58
CA LYS A 75 -2.80 15.62 -27.83
C LYS A 75 -3.72 16.37 -28.76
N ALA A 76 -4.29 15.66 -29.72
CA ALA A 76 -5.32 16.23 -30.58
C ALA A 76 -6.61 15.48 -30.35
N SER A 77 -7.61 16.17 -29.81
CA SER A 77 -8.90 15.55 -29.52
C SER A 77 -9.83 15.77 -30.69
N PHE A 78 -10.83 14.89 -30.83
CA PHE A 78 -11.74 14.99 -31.96
C PHE A 78 -13.18 14.89 -31.55
N GLU A 79 -14.04 15.42 -32.40
CA GLU A 79 -15.47 15.21 -32.27
C GLU A 79 -15.76 13.74 -32.52
N PRO A 80 -16.86 13.23 -31.96
CA PRO A 80 -17.20 11.82 -32.08
C PRO A 80 -17.75 11.43 -33.43
N THR A 81 -16.97 11.70 -34.48
CA THR A 81 -17.42 11.47 -35.83
C THR A 81 -16.64 10.33 -36.52
N ASN A 82 -15.56 9.88 -35.87
CA ASN A 82 -14.72 8.79 -36.37
C ASN A 82 -14.88 7.49 -35.58
N HIS A 83 -14.87 6.37 -36.28
CA HIS A 83 -15.06 5.05 -35.66
C HIS A 83 -14.09 3.95 -36.08
N ILE A 84 -13.96 3.00 -35.16
CA ILE A 84 -13.41 1.68 -35.41
C ILE A 84 -14.49 0.68 -35.01
N ASN A 85 -14.79 -0.25 -35.90
CA ASN A 85 -15.73 -1.31 -35.59
C ASN A 85 -14.99 -2.62 -35.40
N TYR A 86 -15.14 -3.24 -34.24
CA TYR A 86 -14.39 -4.47 -33.99
C TYR A 86 -15.24 -5.60 -33.48
N ARG A 87 -15.35 -6.66 -34.29
CA ARG A 87 -16.11 -7.83 -33.92
C ARG A 87 -17.55 -7.47 -33.61
N GLY A 88 -18.08 -6.51 -34.35
CA GLY A 88 -19.44 -6.09 -34.13
C GLY A 88 -19.58 -5.11 -32.98
N HIS A 89 -18.48 -4.44 -32.62
CA HIS A 89 -18.51 -3.41 -31.56
C HIS A 89 -17.92 -2.10 -32.11
N ASP A 90 -18.68 -0.99 -32.05
CA ASP A 90 -18.18 0.32 -32.50
C ASP A 90 -17.51 1.15 -31.41
N TYR A 91 -16.30 1.59 -31.72
CA TYR A 91 -15.49 2.47 -30.87
C TYR A 91 -15.30 3.83 -31.55
N VAL A 92 -15.73 4.90 -30.90
CA VAL A 92 -15.53 6.22 -31.48
CA VAL A 92 -15.55 6.23 -31.44
C VAL A 92 -14.17 6.78 -31.08
N LEU A 93 -13.44 7.32 -32.06
CA LEU A 93 -12.13 7.91 -31.79
C LEU A 93 -12.19 9.16 -30.93
N ASP A 94 -11.48 9.13 -29.80
CA ASP A 94 -11.45 10.28 -28.91
C ASP A 94 -10.29 11.23 -29.19
N ASN A 95 -9.08 10.70 -29.28
CA ASN A 95 -7.94 11.57 -29.42
C ASN A 95 -6.72 10.87 -30.00
N VAL A 96 -5.76 11.66 -30.47
CA VAL A 96 -4.47 11.15 -30.91
CA VAL A 96 -4.47 11.13 -30.89
C VAL A 96 -3.37 11.87 -30.15
N HIS A 97 -2.51 11.11 -29.50
CA HIS A 97 -1.38 11.71 -28.80
C HIS A 97 -0.14 10.90 -29.12
N PHE A 98 0.99 11.35 -28.60
CA PHE A 98 2.26 10.84 -29.06
C PHE A 98 3.14 10.38 -27.92
N HIS A 99 4.02 9.44 -28.24
CA HIS A 99 5.05 8.98 -27.33
C HIS A 99 6.40 8.98 -28.01
N ALA A 100 7.42 9.46 -27.29
CA ALA A 100 8.79 9.42 -27.77
C ALA A 100 9.69 8.91 -26.65
N PRO A 101 10.36 7.76 -26.88
CA PRO A 101 10.22 6.89 -28.05
C PRO A 101 8.95 6.03 -28.03
N MET A 102 8.76 5.22 -29.07
CA MET A 102 7.60 4.35 -29.15
C MET A 102 7.56 3.41 -27.96
N GLU A 103 6.36 3.22 -27.41
CA GLU A 103 6.27 2.42 -26.20
C GLU A 103 6.23 0.92 -26.43
N PHE A 104 5.43 0.43 -27.36
CA PHE A 104 5.46 -1.01 -27.62
C PHE A 104 6.68 -1.31 -28.47
N LEU A 105 7.42 -2.37 -28.13
CA LEU A 105 8.59 -2.76 -28.88
C LEU A 105 8.24 -3.94 -29.76
N ILE A 106 8.59 -3.89 -31.03
CA ILE A 106 8.30 -5.05 -31.83
C ILE A 106 9.59 -5.82 -32.05
N ASN A 107 9.58 -7.03 -31.50
CA ASN A 107 10.71 -7.92 -31.53
C ASN A 107 11.96 -7.22 -31.05
N ASN A 108 11.76 -6.48 -29.97
CA ASN A 108 12.79 -5.85 -29.18
C ASN A 108 13.47 -4.73 -29.92
N LYS A 109 12.78 -4.20 -30.93
CA LYS A 109 13.33 -3.13 -31.77
C LYS A 109 12.66 -1.77 -31.54
N THR A 110 13.51 -0.76 -31.51
CA THR A 110 13.21 0.65 -31.24
C THR A 110 12.54 1.49 -32.34
N ARG A 111 11.76 2.50 -31.95
CA ARG A 111 11.32 3.57 -32.86
C ARG A 111 11.43 4.90 -32.13
N PRO A 112 11.70 5.99 -32.86
CA PRO A 112 11.82 7.32 -32.25
C PRO A 112 10.49 7.97 -31.85
N LEU A 113 9.37 7.48 -32.38
CA LEU A 113 8.08 8.11 -32.11
C LEU A 113 6.93 7.13 -32.34
N SER A 114 5.84 7.32 -31.60
CA SER A 114 4.64 6.53 -31.84
C SER A 114 3.39 7.39 -31.70
N ALA A 115 2.29 6.90 -32.25
CA ALA A 115 1.00 7.56 -32.12
C ALA A 115 -0.02 6.60 -31.55
N HIS A 116 -0.81 7.07 -30.59
CA HIS A 116 -1.86 6.24 -30.04
C HIS A 116 -3.21 6.82 -30.43
N PHE A 117 -4.02 6.00 -31.09
CA PHE A 117 -5.36 6.38 -31.47
C PHE A 117 -6.29 5.81 -30.41
N VAL A 118 -6.77 6.69 -29.52
CA VAL A 118 -7.52 6.28 -28.34
C VAL A 118 -9.03 6.29 -28.61
N HIS A 119 -9.66 5.14 -28.45
CA HIS A 119 -11.08 4.99 -28.71
C HIS A 119 -11.77 4.52 -27.45
N LYS A 120 -13.04 4.89 -27.35
CA LYS A 120 -13.91 4.52 -26.24
C LYS A 120 -15.28 4.21 -26.82
N ASP A 121 -15.91 3.12 -26.42
CA ASP A 121 -17.27 2.91 -26.90
C ASP A 121 -18.24 3.46 -25.89
N ALA A 122 -19.54 3.20 -26.08
CA ALA A 122 -20.57 3.76 -25.21
C ALA A 122 -20.49 3.31 -23.76
N LYS A 123 -19.98 2.09 -23.53
CA LYS A 123 -19.86 1.54 -22.19
C LYS A 123 -18.60 2.01 -21.50
N GLY A 124 -17.71 2.64 -22.27
CA GLY A 124 -16.46 3.10 -21.71
C GLY A 124 -15.29 2.14 -21.94
N ARG A 125 -15.50 1.09 -22.72
CA ARG A 125 -14.42 0.16 -23.01
C ARG A 125 -13.41 0.87 -23.89
N LEU A 126 -12.14 0.64 -23.62
CA LEU A 126 -11.07 1.34 -24.28
C LEU A 126 -10.42 0.50 -25.36
N LEU A 127 -10.19 1.10 -26.53
CA LEU A 127 -9.44 0.46 -27.61
C LEU A 127 -8.37 1.42 -28.10
N VAL A 128 -7.11 1.02 -28.05
CA VAL A 128 -6.09 1.94 -28.52
C VAL A 128 -5.24 1.38 -29.66
N LEU A 129 -5.04 2.24 -30.65
CA LEU A 129 -4.31 1.88 -31.82
C LEU A 129 -2.96 2.58 -31.78
N ALA A 130 -1.90 1.79 -31.95
CA ALA A 130 -0.52 2.27 -31.90
C ALA A 130 0.20 2.01 -33.20
N ILE A 131 1.01 2.98 -33.62
CA ILE A 131 1.84 2.88 -34.82
C ILE A 131 3.12 3.73 -34.66
N GLY A 132 4.27 3.19 -35.08
CA GLY A 132 5.54 3.89 -34.99
C GLY A 132 5.89 4.78 -36.18
N PHE A 133 6.84 5.68 -35.96
CA PHE A 133 7.38 6.54 -37.01
C PHE A 133 8.89 6.28 -37.14
N GLU A 134 9.47 6.33 -38.34
CA GLU A 134 10.94 6.29 -38.51
C GLU A 134 11.50 7.52 -39.23
N GLU A 135 12.73 7.94 -38.88
CA GLU A 135 13.33 9.12 -39.49
C GLU A 135 13.51 8.93 -40.98
N GLY A 136 12.99 9.86 -41.76
CA GLY A 136 13.02 9.72 -43.20
C GLY A 136 12.41 10.86 -43.97
N LYS A 137 11.45 10.50 -44.81
CA LYS A 137 10.74 11.47 -45.63
C LYS A 137 9.89 12.32 -44.68
N GLU A 138 9.59 13.55 -45.06
CA GLU A 138 8.73 14.34 -44.20
C GLU A 138 7.31 13.80 -44.25
N ASN A 139 6.64 13.85 -43.09
CA ASN A 139 5.27 13.40 -43.00
C ASN A 139 4.34 14.58 -42.91
N PRO A 140 3.60 14.84 -44.00
CA PRO A 140 2.68 15.98 -44.07
C PRO A 140 1.53 15.88 -43.06
N ASN A 141 1.23 14.66 -42.62
CA ASN A 141 0.09 14.44 -41.74
C ASN A 141 0.33 15.01 -40.36
N LEU A 142 1.59 15.07 -39.96
CA LEU A 142 1.93 15.57 -38.64
C LEU A 142 1.84 17.09 -38.57
N ASP A 143 1.98 17.73 -39.72
CA ASP A 143 2.09 19.18 -39.82
C ASP A 143 0.89 19.98 -39.27
N PRO A 144 -0.37 19.56 -39.50
CA PRO A 144 -1.46 20.32 -38.89
C PRO A 144 -1.39 20.26 -37.36
N ILE A 145 -0.75 19.22 -36.83
CA ILE A 145 -0.54 19.11 -35.39
C ILE A 145 0.61 20.02 -34.96
N LEU A 146 1.71 19.99 -35.70
CA LEU A 146 2.85 20.87 -35.38
C LEU A 146 2.49 22.34 -35.57
N GLU A 147 1.72 22.60 -36.62
CA GLU A 147 1.24 23.95 -36.96
C GLU A 147 0.08 24.43 -36.08
N GLY A 148 -0.73 23.47 -35.61
CA GLY A 148 -1.99 23.76 -34.94
C GLY A 148 -1.83 24.02 -33.45
N ILE A 149 -0.72 23.53 -32.90
CA ILE A 149 -0.43 23.69 -31.48
C ILE A 149 0.13 25.04 -31.02
N GLN A 150 0.63 25.86 -31.94
CA GLN A 150 1.08 27.23 -31.58
C GLN A 150 -0.05 28.21 -31.94
N LYS A 151 -1.22 27.62 -32.12
CA LYS A 151 -2.50 28.24 -32.46
C LYS A 151 -3.47 27.74 -31.40
N LYS A 152 -4.69 28.29 -31.34
CA LYS A 152 -5.64 27.86 -30.31
C LYS A 152 -7.09 27.52 -30.71
N GLN A 153 -7.51 27.94 -31.90
CA GLN A 153 -8.92 27.79 -32.30
C GLN A 153 -9.06 26.92 -33.55
N ASN A 154 -9.08 27.55 -34.71
CA ASN A 154 -9.17 26.86 -35.97
C ASN A 154 -7.96 26.01 -36.28
N PHE A 155 -8.18 24.73 -36.07
CA PHE A 155 -7.22 23.70 -36.35
C PHE A 155 -7.47 23.23 -37.77
N LYS A 156 -6.42 22.82 -38.46
CA LYS A 156 -6.58 22.34 -39.81
C LYS A 156 -7.10 20.90 -39.72
N GLU A 157 -7.82 20.46 -40.74
CA GLU A 157 -8.33 19.10 -40.73
C GLU A 157 -7.16 18.12 -40.66
N VAL A 158 -7.31 17.09 -39.83
CA VAL A 158 -6.38 15.97 -39.80
C VAL A 158 -6.90 14.92 -40.75
N ALA A 159 -6.05 14.43 -41.64
CA ALA A 159 -6.50 13.44 -42.62
C ALA A 159 -6.51 12.05 -42.00
N LEU A 160 -7.49 11.80 -41.13
CA LEU A 160 -7.61 10.54 -40.41
C LEU A 160 -7.84 9.38 -41.36
N ASP A 161 -8.49 9.67 -42.47
CA ASP A 161 -8.77 8.67 -43.49
C ASP A 161 -7.53 8.35 -44.32
N ALA A 162 -6.45 9.09 -44.08
CA ALA A 162 -5.19 8.89 -44.77
C ALA A 162 -4.01 8.61 -43.84
N PHE A 163 -4.20 8.74 -42.53
CA PHE A 163 -3.08 8.72 -41.62
C PHE A 163 -2.42 7.34 -41.60
N LEU A 164 -3.22 6.30 -41.43
CA LEU A 164 -2.73 4.94 -41.35
C LEU A 164 -2.52 4.34 -42.72
N PRO A 165 -1.74 3.24 -42.81
CA PRO A 165 -1.64 2.50 -44.07
C PRO A 165 -2.97 1.87 -44.51
N LYS A 166 -3.15 1.74 -45.82
CA LYS A 166 -4.32 1.10 -46.39
C LYS A 166 -4.32 -0.36 -45.96
N SER A 167 -3.17 -1.01 -46.10
CA SER A 167 -3.00 -2.38 -45.67
C SER A 167 -2.08 -2.42 -44.44
N ILE A 168 -2.54 -3.06 -43.36
CA ILE A 168 -1.76 -3.08 -42.10
C ILE A 168 -1.52 -4.50 -41.56
N ASN A 169 -0.37 -4.67 -40.89
CA ASN A 169 -0.09 -5.86 -40.07
C ASN A 169 -0.12 -5.45 -38.59
N TYR A 170 -0.93 -6.11 -37.77
CA TYR A 170 -1.05 -5.64 -36.40
C TYR A 170 -1.00 -6.79 -35.41
N TYR A 171 -0.67 -6.46 -34.16
CA TYR A 171 -0.71 -7.42 -33.06
C TYR A 171 -1.83 -7.02 -32.13
N HIS A 172 -2.69 -7.96 -31.75
CA HIS A 172 -3.85 -7.65 -30.91
C HIS A 172 -3.82 -8.46 -29.63
N PHE A 173 -3.99 -7.75 -28.52
CA PHE A 173 -3.99 -8.33 -27.19
C PHE A 173 -4.72 -7.38 -26.27
N ASN A 174 -5.06 -7.84 -25.09
CA ASN A 174 -5.57 -6.95 -24.07
C ASN A 174 -4.41 -6.56 -23.15
N GLY A 175 -4.35 -5.28 -22.83
CA GLY A 175 -3.29 -4.71 -22.03
C GLY A 175 -3.86 -3.61 -21.18
N SER A 176 -3.08 -2.56 -20.95
CA SER A 176 -3.48 -1.44 -20.11
C SER A 176 -3.16 -0.09 -20.74
N LEU A 177 -3.67 0.98 -20.16
CA LEU A 177 -3.18 2.30 -20.47
C LEU A 177 -1.72 2.35 -20.06
N THR A 178 -0.90 3.05 -20.82
CA THR A 178 0.52 3.08 -20.54
C THR A 178 0.85 4.25 -19.61
N ALA A 179 -0.18 4.94 -19.14
CA ALA A 179 -0.01 6.05 -18.20
C ALA A 179 -0.98 5.93 -17.03
N PRO A 180 -0.62 6.46 -15.84
CA PRO A 180 -1.53 6.36 -14.71
C PRO A 180 -2.91 6.86 -15.09
N PRO A 181 -3.97 6.22 -14.61
CA PRO A 181 -4.01 5.17 -13.60
C PRO A 181 -3.78 3.74 -14.10
N CYS A 182 -3.28 3.58 -15.34
CA CYS A 182 -2.91 2.27 -15.88
C CYS A 182 -4.05 1.26 -15.95
N THR A 183 -5.23 1.77 -16.28
CA THR A 183 -6.45 0.97 -16.32
C THR A 183 -6.27 -0.24 -17.22
N GLU A 184 -6.66 -1.43 -16.77
CA GLU A 184 -6.54 -2.60 -17.62
C GLU A 184 -7.85 -2.79 -18.39
N GLY A 185 -7.92 -3.85 -19.19
CA GLY A 185 -9.05 -4.06 -20.08
C GLY A 185 -8.94 -3.21 -21.34
N VAL A 186 -7.74 -2.74 -21.67
CA VAL A 186 -7.54 -1.93 -22.85
C VAL A 186 -7.25 -2.84 -24.05
N ALA A 187 -8.04 -2.71 -25.13
CA ALA A 187 -7.80 -3.48 -26.35
C ALA A 187 -6.70 -2.83 -27.20
N TRP A 188 -5.53 -3.46 -27.22
CA TRP A 188 -4.43 -2.91 -27.97
C TRP A 188 -4.31 -3.52 -29.35
N PHE A 189 -4.15 -2.67 -30.36
CA PHE A 189 -3.81 -3.09 -31.71
C PHE A 189 -2.54 -2.36 -32.13
N VAL A 190 -1.43 -3.07 -32.22
CA VAL A 190 -0.18 -2.43 -32.60
C VAL A 190 0.18 -2.78 -34.03
N ILE A 191 0.21 -1.76 -34.88
CA ILE A 191 0.48 -1.92 -36.29
C ILE A 191 1.98 -2.08 -36.46
N GLU A 192 2.41 -3.11 -37.16
CA GLU A 192 3.84 -3.38 -37.29
C GLU A 192 4.48 -2.41 -38.26
N GLU A 193 3.76 -2.07 -39.33
CA GLU A 193 4.26 -1.15 -40.34
C GLU A 193 4.36 0.26 -39.77
N PRO A 194 5.54 0.85 -39.90
CA PRO A 194 5.83 2.22 -39.49
C PRO A 194 5.41 3.31 -40.52
N LEU A 195 5.10 4.50 -40.02
CA LEU A 195 4.93 5.69 -40.86
C LEU A 195 6.22 6.48 -40.86
N GLU A 196 6.33 7.50 -41.70
CA GLU A 196 7.57 8.27 -41.80
C GLU A 196 7.53 9.61 -41.08
N VAL A 197 8.69 10.08 -40.61
CA VAL A 197 8.80 11.41 -40.00
C VAL A 197 10.20 12.05 -40.26
N SER A 198 10.25 13.35 -40.55
CA SER A 198 11.51 14.05 -40.83
C SER A 198 12.29 14.35 -39.57
N ALA A 199 13.56 14.69 -39.72
CA ALA A 199 14.36 15.07 -38.55
C ALA A 199 13.78 16.34 -37.89
N LYS A 200 13.28 17.27 -38.70
CA LYS A 200 12.72 18.53 -38.20
C LYS A 200 11.37 18.34 -37.55
N GLN A 201 10.55 17.49 -38.15
CA GLN A 201 9.28 17.14 -37.51
C GLN A 201 9.51 16.39 -36.20
N LEU A 202 10.41 15.42 -36.22
CA LEU A 202 10.69 14.63 -35.02
C LEU A 202 11.22 15.51 -33.92
N ALA A 203 12.16 16.40 -34.27
CA ALA A 203 12.70 17.31 -33.28
C ALA A 203 11.70 18.32 -32.71
N GLU A 204 10.85 18.91 -33.56
CA GLU A 204 9.92 19.91 -33.05
C GLU A 204 8.84 19.20 -32.23
N ILE A 205 8.30 18.09 -32.75
CA ILE A 205 7.33 17.26 -32.01
CA ILE A 205 7.28 17.37 -31.98
C ILE A 205 7.85 16.99 -30.61
N LYS A 206 9.14 16.69 -30.53
CA LYS A 206 9.76 16.46 -29.23
C LYS A 206 9.81 17.74 -28.43
N LYS A 207 10.00 18.86 -29.10
CA LYS A 207 10.04 20.11 -28.38
C LYS A 207 8.63 20.47 -27.91
N ARG A 208 7.60 20.13 -28.69
CA ARG A 208 6.23 20.36 -28.22
C ARG A 208 5.84 19.39 -27.13
N MET A 209 6.58 18.29 -27.03
CA MET A 209 6.47 17.44 -25.85
C MET A 209 7.65 17.74 -24.95
N LYS A 210 8.13 18.97 -25.08
CA LYS A 210 9.05 19.58 -24.15
C LYS A 210 10.39 18.87 -24.08
N ASN A 211 10.77 18.22 -25.19
CA ASN A 211 12.05 17.54 -25.28
C ASN A 211 12.30 16.61 -24.13
N SER A 212 11.19 16.09 -23.60
CA SER A 212 11.24 15.17 -22.48
C SER A 212 10.57 13.84 -22.78
N PRO A 213 11.34 12.74 -22.68
CA PRO A 213 10.83 11.38 -22.94
C PRO A 213 9.57 11.04 -22.13
N ASN A 214 8.52 10.60 -22.83
CA ASN A 214 7.28 10.14 -22.23
C ASN A 214 6.99 8.68 -22.63
N GLN A 215 7.98 7.83 -22.36
CA GLN A 215 7.92 6.42 -22.71
C GLN A 215 7.87 5.58 -21.43
N ARG A 216 6.79 4.87 -21.19
CA ARG A 216 6.76 3.94 -20.06
C ARG A 216 7.69 2.74 -20.31
N PRO A 217 8.47 2.39 -19.29
CA PRO A 217 9.32 1.20 -19.43
C PRO A 217 8.45 -0.04 -19.59
N VAL A 218 9.01 -1.07 -20.19
CA VAL A 218 8.32 -2.34 -20.35
C VAL A 218 8.02 -2.97 -19.00
N GLN A 219 6.79 -3.46 -18.86
CA GLN A 219 6.34 -4.08 -17.62
C GLN A 219 6.42 -5.61 -17.75
N PRO A 220 6.32 -6.33 -16.62
CA PRO A 220 6.28 -7.79 -16.67
C PRO A 220 5.14 -8.34 -17.52
N ASP A 221 5.45 -9.38 -18.30
CA ASP A 221 4.49 -10.05 -19.17
C ASP A 221 4.08 -11.41 -18.61
N TYR A 222 2.80 -11.57 -18.31
CA TYR A 222 2.27 -12.84 -17.81
C TYR A 222 1.67 -13.69 -18.94
N ASN A 223 2.50 -14.09 -19.91
CA ASN A 223 2.05 -14.89 -21.04
C ASN A 223 0.90 -14.29 -21.81
N THR A 224 0.98 -13.00 -22.13
CA THR A 224 -0.05 -12.28 -22.90
C THR A 224 -0.38 -13.00 -24.21
N VAL A 225 -1.65 -13.29 -24.44
CA VAL A 225 -2.05 -13.92 -25.69
C VAL A 225 -2.18 -12.88 -26.79
N ILE A 226 -1.29 -12.96 -27.77
CA ILE A 226 -1.26 -12.04 -28.90
C ILE A 226 -1.52 -12.76 -30.22
N ILE A 227 -2.49 -12.25 -30.98
CA ILE A 227 -2.72 -12.76 -32.31
C ILE A 227 -2.16 -11.73 -33.29
N LYS A 228 -1.56 -12.22 -34.37
CA LYS A 228 -1.07 -11.34 -35.41
C LYS A 228 -1.92 -11.54 -36.62
N SER A 229 -2.45 -10.45 -37.17
CA SER A 229 -3.33 -10.51 -38.33
C SER A 229 -3.10 -9.29 -39.25
N SER A 230 -4.01 -9.08 -40.19
CA SER A 230 -3.91 -7.95 -41.10
C SER A 230 -5.30 -7.52 -41.56
N ALA A 231 -5.42 -6.28 -42.01
CA ALA A 231 -6.69 -5.77 -42.48
C ALA A 231 -6.47 -4.64 -43.47
N GLU A 232 -7.53 -4.24 -44.12
CA GLU A 232 -7.45 -3.07 -44.97
C GLU A 232 -8.21 -1.93 -44.29
N THR A 233 -7.54 -0.79 -44.17
CA THR A 233 -8.09 0.35 -43.46
C THR A 233 -8.91 1.25 -44.38
N ARG A 234 -8.74 1.09 -45.68
CA ARG A 234 -9.49 1.84 -46.69
C ARG A 234 -9.34 1.17 -48.03
N THR B 8 -14.26 -13.86 8.28
CA THR B 8 -15.26 -14.84 7.90
C THR B 8 -14.69 -15.93 7.00
N LYS B 9 -15.56 -16.76 6.44
CA LYS B 9 -15.12 -17.88 5.62
C LYS B 9 -15.84 -18.02 4.27
N TRP B 10 -15.20 -17.54 3.20
CA TRP B 10 -15.73 -17.63 1.83
C TRP B 10 -16.27 -19.03 1.45
N ASP B 11 -17.45 -19.07 0.85
CA ASP B 11 -18.01 -20.35 0.40
C ASP B 11 -18.82 -20.13 -0.89
N TYR B 12 -19.56 -21.16 -1.33
CA TYR B 12 -20.29 -21.08 -2.62
C TYR B 12 -21.79 -20.92 -2.48
N LYS B 13 -22.24 -20.59 -1.27
CA LYS B 13 -23.66 -20.39 -1.00
C LYS B 13 -24.21 -19.03 -1.47
N ASN B 14 -25.53 -18.89 -1.40
CA ASN B 14 -26.20 -17.71 -1.95
C ASN B 14 -26.35 -16.59 -0.92
N LYS B 15 -25.51 -16.64 0.10
CA LYS B 15 -25.64 -15.72 1.20
C LYS B 15 -24.41 -14.81 1.37
N GLU B 16 -24.09 -14.48 2.62
CA GLU B 16 -23.13 -13.44 2.97
C GLU B 16 -21.69 -13.71 2.49
N ASN B 17 -21.30 -14.98 2.36
CA ASN B 17 -19.92 -15.32 2.00
C ASN B 17 -19.78 -15.85 0.59
N GLY B 18 -20.86 -15.79 -0.16
CA GLY B 18 -20.91 -16.37 -1.49
C GLY B 18 -20.13 -15.60 -2.52
N PRO B 19 -20.04 -16.14 -3.74
CA PRO B 19 -19.23 -15.59 -4.82
C PRO B 19 -19.51 -14.12 -5.14
N HIS B 20 -20.76 -13.67 -5.05
CA HIS B 20 -21.04 -12.26 -5.32
C HIS B 20 -20.50 -11.41 -4.19
N ARG B 21 -20.08 -12.03 -3.10
CA ARG B 21 -19.62 -11.25 -1.96
C ARG B 21 -18.20 -11.58 -1.46
N TRP B 22 -17.42 -12.29 -2.25
CA TRP B 22 -16.03 -12.61 -1.90
C TRP B 22 -15.16 -11.36 -1.70
N ASP B 23 -15.45 -10.35 -2.49
CA ASP B 23 -14.72 -9.08 -2.48
C ASP B 23 -14.87 -8.32 -1.16
N LYS B 24 -15.99 -8.55 -0.49
CA LYS B 24 -16.28 -7.84 0.73
C LYS B 24 -15.58 -8.46 1.95
N LEU B 25 -15.36 -9.78 1.88
CA LEU B 25 -14.86 -10.58 3.00
C LEU B 25 -13.41 -10.28 3.36
N HIS B 26 -12.64 -9.89 2.36
CA HIS B 26 -11.25 -9.57 2.58
C HIS B 26 -10.87 -8.55 1.53
N LYS B 27 -9.92 -7.67 1.82
CA LYS B 27 -9.52 -6.65 0.84
C LYS B 27 -8.61 -7.32 -0.17
N ASP B 28 -8.07 -8.45 0.27
CA ASP B 28 -7.28 -9.34 -0.57
C ASP B 28 -8.06 -9.86 -1.77
N PHE B 29 -9.37 -9.97 -1.58
CA PHE B 29 -10.26 -10.57 -2.57
C PHE B 29 -10.93 -9.51 -3.46
N GLU B 30 -10.44 -8.28 -3.43
CA GLU B 30 -11.13 -7.20 -4.13
C GLU B 30 -11.13 -7.34 -5.63
N VAL B 31 -10.05 -7.92 -6.16
CA VAL B 31 -9.90 -8.09 -7.60
CA VAL B 31 -9.91 -8.08 -7.60
C VAL B 31 -10.95 -9.07 -8.11
N CYS B 32 -11.56 -9.83 -7.20
CA CYS B 32 -12.63 -10.73 -7.57
C CYS B 32 -13.76 -9.95 -8.24
N LYS B 33 -13.88 -8.67 -7.88
CA LYS B 33 -14.91 -7.81 -8.45
C LYS B 33 -14.34 -6.76 -9.41
N SER B 34 -13.22 -6.16 -9.05
CA SER B 34 -12.65 -5.05 -9.80
C SER B 34 -11.80 -5.47 -11.01
N GLY B 35 -11.38 -6.73 -11.03
CA GLY B 35 -10.56 -7.24 -12.11
C GLY B 35 -11.31 -7.32 -13.44
N LYS B 36 -10.58 -7.12 -14.53
CA LYS B 36 -11.18 -7.17 -15.85
C LYS B 36 -10.82 -8.45 -16.61
N SER B 37 -10.10 -9.37 -15.98
CA SER B 37 -9.74 -10.65 -16.60
CA SER B 37 -9.83 -10.65 -16.64
C SER B 37 -10.05 -11.82 -15.69
N GLN B 38 -11.23 -11.83 -15.09
CA GLN B 38 -11.63 -12.86 -14.12
C GLN B 38 -12.20 -14.13 -14.73
N SER B 39 -11.93 -15.24 -14.07
CA SER B 39 -12.38 -16.55 -14.52
C SER B 39 -13.39 -17.15 -13.51
N PRO B 40 -14.31 -18.02 -13.96
CA PRO B 40 -14.46 -18.60 -15.31
C PRO B 40 -15.30 -17.77 -16.25
N ILE B 41 -15.25 -18.12 -17.52
CA ILE B 41 -16.08 -17.45 -18.53
C ILE B 41 -16.74 -18.48 -19.42
N ASN B 42 -17.67 -18.02 -20.24
CA ASN B 42 -18.19 -18.83 -21.33
C ASN B 42 -17.26 -18.64 -22.52
N ILE B 43 -16.58 -19.71 -22.94
CA ILE B 43 -15.64 -19.63 -24.06
C ILE B 43 -16.45 -19.80 -25.31
N GLU B 44 -16.68 -18.70 -25.99
CA GLU B 44 -17.65 -18.66 -27.05
C GLU B 44 -17.19 -17.94 -28.32
N HIS B 45 -16.32 -16.95 -28.16
CA HIS B 45 -15.78 -16.23 -29.30
C HIS B 45 -14.26 -16.35 -29.31
N TYR B 46 -13.68 -16.87 -30.39
CA TYR B 46 -12.22 -17.14 -30.43
C TYR B 46 -11.57 -17.22 -31.80
N TYR B 47 -10.24 -17.32 -31.80
CA TYR B 47 -9.44 -17.34 -33.03
C TYR B 47 -8.79 -18.71 -33.31
N HIS B 48 -8.98 -19.24 -34.52
CA HIS B 48 -8.31 -20.49 -34.92
C HIS B 48 -6.89 -20.28 -35.45
N THR B 49 -5.94 -21.13 -35.04
CA THR B 49 -4.57 -21.01 -35.55
C THR B 49 -3.85 -22.37 -35.62
N ASP B 54 3.59 -25.08 -28.66
CA ASP B 54 4.81 -24.69 -27.96
C ASP B 54 4.64 -25.13 -26.48
N LEU B 55 4.02 -26.30 -26.35
CA LEU B 55 3.53 -26.85 -25.09
C LEU B 55 4.09 -28.24 -24.96
N GLN B 56 4.96 -28.47 -23.98
CA GLN B 56 5.52 -29.78 -23.77
C GLN B 56 5.18 -30.36 -22.41
N PHE B 57 4.80 -31.63 -22.38
CA PHE B 57 4.39 -32.26 -21.12
C PHE B 57 5.45 -33.17 -20.55
N LYS B 58 5.71 -33.01 -19.25
CA LYS B 58 6.56 -33.93 -18.52
C LYS B 58 5.83 -34.53 -17.32
N TYR B 59 4.86 -35.39 -17.59
CA TYR B 59 4.10 -36.00 -16.52
C TYR B 59 4.49 -37.46 -16.35
N ALA B 60 4.36 -37.96 -15.13
CA ALA B 60 4.64 -39.36 -14.85
C ALA B 60 3.78 -39.79 -13.69
N ALA B 61 3.65 -41.09 -13.52
CA ALA B 61 2.90 -41.60 -12.40
C ALA B 61 3.57 -41.11 -11.13
N SER B 62 2.78 -40.44 -10.29
CA SER B 62 3.29 -39.77 -9.10
C SER B 62 2.41 -40.10 -7.94
N LYS B 63 3.05 -40.46 -6.85
CA LYS B 63 2.37 -40.68 -5.62
C LYS B 63 2.12 -39.30 -5.01
N PRO B 64 0.87 -39.01 -4.67
CA PRO B 64 0.56 -37.70 -4.10
C PRO B 64 1.35 -37.42 -2.84
N LYS B 65 1.79 -36.18 -2.71
CA LYS B 65 2.37 -35.67 -1.49
C LYS B 65 1.31 -35.76 -0.39
N ALA B 66 0.07 -35.48 -0.78
CA ALA B 66 -1.10 -35.58 0.09
C ALA B 66 -2.37 -35.62 -0.76
N VAL B 67 -3.46 -36.18 -0.24
CA VAL B 67 -4.78 -36.08 -0.90
C VAL B 67 -5.84 -35.66 0.08
N PHE B 68 -6.48 -34.53 -0.20
CA PHE B 68 -7.34 -33.96 0.81
C PHE B 68 -8.42 -33.03 0.33
N PHE B 69 -9.38 -32.82 1.22
CA PHE B 69 -10.47 -31.92 0.98
C PHE B 69 -10.04 -30.62 1.60
N THR B 70 -10.07 -29.55 0.82
CA THR B 70 -9.67 -28.25 1.32
C THR B 70 -10.47 -27.17 0.65
N HIS B 71 -10.95 -26.23 1.44
CA HIS B 71 -11.63 -25.05 0.94
C HIS B 71 -12.63 -25.47 -0.13
N HIS B 72 -13.42 -26.49 0.21
CA HIS B 72 -14.57 -26.95 -0.58
C HIS B 72 -14.22 -27.74 -1.85
N THR B 73 -12.95 -28.12 -2.03
CA THR B 73 -12.55 -28.89 -3.21
C THR B 73 -11.89 -30.22 -2.85
N LEU B 74 -11.87 -31.15 -3.79
CA LEU B 74 -11.10 -32.37 -3.61
C LEU B 74 -9.76 -32.15 -4.27
N LYS B 75 -8.71 -32.21 -3.49
CA LYS B 75 -7.42 -31.80 -3.99
C LYS B 75 -6.40 -32.89 -3.82
N ALA B 76 -5.56 -33.08 -4.84
CA ALA B 76 -4.40 -33.96 -4.75
C ALA B 76 -3.10 -33.18 -5.00
N SER B 77 -2.22 -33.12 -4.01
CA SER B 77 -0.98 -32.39 -4.16
C SER B 77 0.17 -33.30 -4.56
N PHE B 78 1.20 -32.72 -5.19
CA PHE B 78 2.34 -33.52 -5.65
C PHE B 78 3.69 -32.92 -5.26
N GLU B 79 4.72 -33.76 -5.20
CA GLU B 79 6.09 -33.26 -5.11
C GLU B 79 6.38 -32.53 -6.41
N PRO B 80 7.30 -31.56 -6.38
CA PRO B 80 7.54 -30.78 -7.59
C PRO B 80 8.32 -31.54 -8.68
N THR B 81 7.78 -32.68 -9.12
CA THR B 81 8.51 -33.52 -10.07
C THR B 81 7.90 -33.57 -11.47
N ASN B 82 6.71 -33.01 -11.62
CA ASN B 82 6.03 -32.94 -12.92
C ASN B 82 6.05 -31.53 -13.46
N HIS B 83 6.24 -31.38 -14.77
CA HIS B 83 6.33 -30.06 -15.40
C HIS B 83 5.52 -29.93 -16.70
N ILE B 84 5.13 -28.71 -17.03
CA ILE B 84 4.68 -28.39 -18.38
C ILE B 84 5.65 -27.31 -18.81
N ASN B 85 6.23 -27.42 -20.00
CA ASN B 85 7.11 -26.38 -20.47
C ASN B 85 6.35 -25.58 -21.53
N TYR B 86 6.22 -24.27 -21.32
CA TYR B 86 5.53 -23.40 -22.26
C TYR B 86 6.36 -22.17 -22.58
N ARG B 87 6.65 -21.99 -23.87
CA ARG B 87 7.40 -20.84 -24.36
C ARG B 87 8.76 -20.68 -23.66
N GLY B 88 9.44 -21.80 -23.47
CA GLY B 88 10.79 -21.86 -22.91
C GLY B 88 10.91 -21.71 -21.41
N HIS B 89 9.80 -21.90 -20.70
CA HIS B 89 9.77 -21.84 -19.23
C HIS B 89 9.05 -23.05 -18.63
N ASP B 90 9.62 -23.65 -17.59
CA ASP B 90 8.99 -24.81 -16.93
C ASP B 90 7.99 -24.43 -15.86
N TYR B 91 6.78 -24.96 -15.96
CA TYR B 91 5.76 -24.73 -14.95
C TYR B 91 5.54 -26.03 -14.20
N VAL B 92 5.88 -26.06 -12.91
CA VAL B 92 5.82 -27.30 -12.16
C VAL B 92 4.42 -27.52 -11.59
N LEU B 93 3.91 -28.74 -11.76
CA LEU B 93 2.59 -29.07 -11.27
C LEU B 93 2.59 -29.09 -9.74
N ASP B 94 1.72 -28.29 -9.14
CA ASP B 94 1.60 -28.23 -7.70
C ASP B 94 0.53 -29.20 -7.23
N ASN B 95 -0.63 -29.12 -7.86
CA ASN B 95 -1.77 -29.93 -7.46
C ASN B 95 -2.77 -30.07 -8.57
N VAL B 96 -3.62 -31.08 -8.46
CA VAL B 96 -4.80 -31.23 -9.32
C VAL B 96 -6.06 -31.28 -8.45
N HIS B 97 -7.05 -30.48 -8.78
CA HIS B 97 -8.28 -30.48 -8.01
C HIS B 97 -9.50 -30.52 -8.91
N PHE B 98 -10.67 -30.61 -8.28
CA PHE B 98 -11.89 -30.91 -9.01
C PHE B 98 -12.98 -29.90 -8.72
N HIS B 99 -13.87 -29.71 -9.68
CA HIS B 99 -15.03 -28.85 -9.49
C HIS B 99 -16.25 -29.56 -9.95
N ALA B 100 -17.33 -29.43 -9.20
CA ALA B 100 -18.59 -30.01 -9.62
C ALA B 100 -19.67 -28.95 -9.47
N PRO B 101 -20.27 -28.53 -10.60
CA PRO B 101 -19.91 -28.91 -11.97
C PRO B 101 -18.66 -28.18 -12.48
N MET B 102 -18.38 -28.34 -13.76
CA MET B 102 -17.29 -27.64 -14.43
C MET B 102 -17.55 -26.13 -14.39
N GLU B 103 -16.49 -25.36 -14.15
CA GLU B 103 -16.55 -23.89 -14.00
C GLU B 103 -16.58 -23.17 -15.34
N PHE B 104 -15.68 -23.57 -16.23
CA PHE B 104 -15.62 -23.03 -17.57
C PHE B 104 -16.68 -23.63 -18.46
N LEU B 105 -17.38 -22.78 -19.19
CA LEU B 105 -18.35 -23.24 -20.15
C LEU B 105 -17.74 -23.07 -21.54
N ILE B 106 -17.83 -24.09 -22.39
CA ILE B 106 -17.39 -23.94 -23.78
C ILE B 106 -18.66 -23.85 -24.62
N ASN B 107 -18.90 -22.69 -25.21
CA ASN B 107 -20.13 -22.42 -25.94
C ASN B 107 -21.37 -22.82 -25.16
N ASN B 108 -21.37 -22.43 -23.90
CA ASN B 108 -22.54 -22.54 -23.07
C ASN B 108 -22.97 -23.97 -22.76
N LYS B 109 -22.00 -24.89 -22.85
CA LYS B 109 -22.19 -26.32 -22.53
C LYS B 109 -21.40 -26.68 -21.28
N THR B 110 -22.06 -27.29 -20.31
CA THR B 110 -21.41 -27.63 -19.05
C THR B 110 -21.16 -29.13 -19.01
N ARG B 111 -20.13 -29.52 -18.26
CA ARG B 111 -19.90 -30.91 -17.93
C ARG B 111 -20.17 -31.06 -16.44
N PRO B 112 -20.49 -32.28 -15.99
CA PRO B 112 -20.75 -32.53 -14.57
C PRO B 112 -19.52 -32.45 -13.68
N LEU B 113 -18.35 -32.39 -14.29
CA LEU B 113 -17.12 -32.35 -13.52
C LEU B 113 -16.00 -31.77 -14.36
N SER B 114 -15.04 -31.14 -13.70
CA SER B 114 -13.81 -30.72 -14.33
C SER B 114 -12.64 -30.91 -13.38
N ALA B 115 -11.44 -30.95 -13.92
CA ALA B 115 -10.21 -31.04 -13.14
C ALA B 115 -9.26 -29.91 -13.55
N HIS B 116 -8.57 -29.30 -12.59
CA HIS B 116 -7.58 -28.26 -12.90
C HIS B 116 -6.16 -28.72 -12.55
N PHE B 117 -5.26 -28.62 -13.51
CA PHE B 117 -3.86 -28.94 -13.25
C PHE B 117 -3.10 -27.63 -13.07
N VAL B 118 -2.74 -27.31 -11.82
CA VAL B 118 -2.18 -26.00 -11.45
C VAL B 118 -0.66 -25.99 -11.45
N HIS B 119 -0.05 -25.12 -12.26
CA HIS B 119 1.42 -25.03 -12.38
C HIS B 119 1.98 -23.66 -12.07
N LYS B 120 3.25 -23.59 -11.68
CA LYS B 120 3.89 -22.32 -11.36
C LYS B 120 5.30 -22.30 -11.96
N ASP B 121 5.71 -21.21 -12.61
CA ASP B 121 7.08 -21.20 -13.10
C ASP B 121 8.00 -20.52 -12.11
N ALA B 122 9.25 -20.32 -12.52
CA ALA B 122 10.28 -19.75 -11.65
C ALA B 122 9.94 -18.31 -11.24
N LYS B 123 9.23 -17.57 -12.09
CA LYS B 123 8.87 -16.19 -11.78
C LYS B 123 7.63 -16.13 -10.92
N GLY B 124 6.99 -17.27 -10.72
CA GLY B 124 5.79 -17.35 -9.91
C GLY B 124 4.51 -17.25 -10.73
N ARG B 125 4.67 -17.23 -12.05
CA ARG B 125 3.56 -17.15 -12.97
C ARG B 125 2.78 -18.45 -12.98
N LEU B 126 1.47 -18.34 -13.07
CA LEU B 126 0.61 -19.50 -13.00
C LEU B 126 0.16 -19.95 -14.38
N LEU B 127 0.18 -21.25 -14.60
CA LEU B 127 -0.37 -21.85 -15.81
C LEU B 127 -1.33 -22.94 -15.32
N VAL B 128 -2.60 -22.84 -15.66
CA VAL B 128 -3.55 -23.86 -15.22
C VAL B 128 -4.25 -24.50 -16.42
N LEU B 129 -4.33 -25.83 -16.36
CA LEU B 129 -4.91 -26.64 -17.42
C LEU B 129 -6.25 -27.18 -16.95
N ALA B 130 -7.31 -26.99 -17.74
CA ALA B 130 -8.64 -27.46 -17.35
C ALA B 130 -9.19 -28.47 -18.36
N ILE B 131 -9.90 -29.49 -17.87
CA ILE B 131 -10.51 -30.45 -18.77
C ILE B 131 -11.78 -31.01 -18.14
N GLY B 132 -12.83 -31.16 -18.94
CA GLY B 132 -14.11 -31.66 -18.48
C GLY B 132 -14.22 -33.17 -18.47
N PHE B 133 -15.21 -33.68 -17.77
CA PHE B 133 -15.49 -35.12 -17.73
C PHE B 133 -16.85 -35.34 -18.36
N GLU B 134 -17.04 -36.50 -18.97
CA GLU B 134 -18.33 -36.85 -19.54
C GLU B 134 -18.93 -38.06 -18.83
N GLU B 135 -20.23 -38.04 -18.59
CA GLU B 135 -20.85 -39.21 -17.99
C GLU B 135 -20.74 -40.33 -18.99
N GLY B 136 -20.18 -41.47 -18.57
CA GLY B 136 -20.00 -42.58 -19.49
C GLY B 136 -19.34 -43.79 -18.87
N LYS B 137 -18.29 -44.27 -19.52
CA LYS B 137 -17.55 -45.43 -19.04
C LYS B 137 -16.76 -45.05 -17.79
N GLU B 138 -16.34 -46.05 -17.02
CA GLU B 138 -15.47 -45.87 -15.88
C GLU B 138 -14.11 -45.30 -16.26
N ASN B 139 -13.58 -44.40 -15.44
CA ASN B 139 -12.22 -43.91 -15.64
C ASN B 139 -11.29 -44.38 -14.53
N PRO B 140 -10.39 -45.32 -14.84
CA PRO B 140 -9.50 -45.98 -13.86
C PRO B 140 -8.55 -45.03 -13.18
N ASN B 141 -8.28 -43.90 -13.81
CA ASN B 141 -7.34 -42.90 -13.28
C ASN B 141 -7.85 -42.15 -12.06
N LEU B 142 -9.16 -42.09 -11.90
CA LEU B 142 -9.79 -41.42 -10.77
C LEU B 142 -9.63 -42.20 -9.48
N ASP B 143 -9.38 -43.51 -9.60
CA ASP B 143 -9.33 -44.41 -8.44
C ASP B 143 -8.26 -44.17 -7.35
N PRO B 144 -7.02 -43.82 -7.71
CA PRO B 144 -6.06 -43.56 -6.64
C PRO B 144 -6.38 -42.32 -5.80
N ILE B 145 -7.08 -41.38 -6.40
CA ILE B 145 -7.50 -40.20 -5.68
C ILE B 145 -8.70 -40.56 -4.80
N LEU B 146 -9.66 -41.27 -5.37
CA LEU B 146 -10.81 -41.73 -4.61
C LEU B 146 -10.45 -42.76 -3.53
N GLU B 147 -9.47 -43.61 -3.80
CA GLU B 147 -9.05 -44.60 -2.81
C GLU B 147 -8.30 -43.95 -1.66
N GLY B 148 -7.62 -42.85 -1.95
CA GLY B 148 -6.68 -42.25 -1.02
C GLY B 148 -6.98 -41.00 -0.20
N ILE B 149 -8.27 -40.70 0.04
CA ILE B 149 -8.70 -39.62 0.94
C ILE B 149 -8.58 -40.22 2.35
N GLN B 150 -8.45 -41.53 2.28
CA GLN B 150 -8.67 -42.48 3.32
C GLN B 150 -7.33 -42.79 3.96
N LYS B 151 -6.30 -42.13 3.46
CA LYS B 151 -4.96 -42.46 3.86
C LYS B 151 -4.09 -41.23 4.05
N LYS B 152 -2.90 -41.41 4.65
CA LYS B 152 -1.97 -40.32 4.96
C LYS B 152 -0.55 -40.59 4.46
N GLN B 153 -0.31 -41.83 4.04
CA GLN B 153 1.05 -42.35 3.91
C GLN B 153 1.52 -42.66 2.48
N ASN B 154 1.83 -43.92 2.19
CA ASN B 154 2.24 -44.28 0.84
C ASN B 154 1.01 -44.31 -0.07
N PHE B 155 0.80 -43.26 -0.86
CA PHE B 155 -0.40 -43.16 -1.69
C PHE B 155 -0.23 -43.90 -2.99
N LYS B 156 -1.33 -44.33 -3.59
CA LYS B 156 -1.21 -45.03 -4.86
C LYS B 156 -0.95 -43.96 -5.93
N GLU B 157 -0.09 -44.31 -6.87
CA GLU B 157 0.35 -43.38 -7.89
C GLU B 157 -0.82 -42.86 -8.70
N VAL B 158 -0.78 -41.58 -9.03
CA VAL B 158 -1.75 -41.05 -9.98
C VAL B 158 -1.12 -41.11 -11.38
N ALA B 159 -1.82 -41.70 -12.34
CA ALA B 159 -1.29 -41.88 -13.70
C ALA B 159 -1.43 -40.59 -14.49
N LEU B 160 -0.59 -39.62 -14.16
CA LEU B 160 -0.67 -38.31 -14.77
C LEU B 160 -0.32 -38.37 -16.23
N ASP B 161 0.55 -39.30 -16.61
CA ASP B 161 0.99 -39.46 -18.00
C ASP B 161 -0.01 -40.19 -18.89
N ALA B 162 -1.12 -40.64 -18.30
CA ALA B 162 -2.19 -41.34 -19.01
C ALA B 162 -3.51 -40.61 -18.86
N PHE B 163 -3.50 -39.56 -18.06
CA PHE B 163 -4.70 -38.86 -17.62
C PHE B 163 -5.44 -38.15 -18.75
N LEU B 164 -4.68 -37.35 -19.50
CA LEU B 164 -5.16 -36.49 -20.55
C LEU B 164 -5.26 -37.22 -21.89
N PRO B 165 -6.02 -36.65 -22.84
CA PRO B 165 -5.98 -37.21 -24.19
C PRO B 165 -4.59 -37.11 -24.82
N LYS B 166 -4.25 -38.08 -25.67
CA LYS B 166 -3.00 -38.03 -26.41
C LYS B 166 -3.02 -36.83 -27.33
N SER B 167 -4.12 -36.67 -28.05
CA SER B 167 -4.33 -35.53 -28.92
C SER B 167 -5.38 -34.62 -28.32
N ILE B 168 -5.03 -33.36 -28.12
CA ILE B 168 -5.97 -32.42 -27.49
C ILE B 168 -6.21 -31.19 -28.38
N ASN B 169 -7.41 -30.65 -28.30
CA ASN B 169 -7.77 -29.36 -28.89
C ASN B 169 -7.97 -28.39 -27.74
N TYR B 170 -7.35 -27.23 -27.78
CA TYR B 170 -7.43 -26.41 -26.58
C TYR B 170 -7.71 -24.95 -26.88
N TYR B 171 -8.23 -24.24 -25.88
CA TYR B 171 -8.41 -22.79 -25.92
C TYR B 171 -7.43 -22.19 -24.93
N HIS B 172 -6.69 -21.18 -25.34
CA HIS B 172 -5.71 -20.58 -24.46
C HIS B 172 -6.04 -19.11 -24.34
N PHE B 173 -6.08 -18.61 -23.11
CA PHE B 173 -6.44 -17.21 -22.87
C PHE B 173 -5.85 -16.75 -21.54
N ASN B 174 -5.89 -15.45 -21.32
CA ASN B 174 -5.46 -14.92 -20.04
C ASN B 174 -6.67 -14.69 -19.14
N GLY B 175 -6.59 -15.18 -17.90
CA GLY B 175 -7.67 -15.11 -16.93
C GLY B 175 -7.17 -14.98 -15.52
N SER B 176 -7.92 -15.55 -14.58
CA SER B 176 -7.64 -15.48 -13.14
C SER B 176 -7.89 -16.80 -12.41
N LEU B 177 -7.48 -16.88 -11.15
CA LEU B 177 -7.91 -17.98 -10.29
C LEU B 177 -9.44 -17.92 -10.20
N THR B 178 -10.13 -19.05 -10.15
CA THR B 178 -11.60 -19.02 -10.10
C THR B 178 -12.09 -19.08 -8.65
N ALA B 179 -11.16 -19.02 -7.70
CA ALA B 179 -11.44 -18.96 -6.26
C ALA B 179 -10.59 -17.88 -5.62
N PRO B 180 -11.04 -17.32 -4.48
CA PRO B 180 -10.24 -16.30 -3.81
C PRO B 180 -8.79 -16.70 -3.57
N PRO B 181 -7.84 -15.76 -3.68
CA PRO B 181 -8.03 -14.32 -3.89
C PRO B 181 -8.20 -13.88 -5.34
N CYS B 182 -8.49 -14.81 -6.23
CA CYS B 182 -8.84 -14.51 -7.62
C CYS B 182 -7.78 -13.77 -8.40
N THR B 183 -6.52 -14.08 -8.10
CA THR B 183 -5.34 -13.43 -8.67
C THR B 183 -5.31 -13.55 -10.20
N GLU B 184 -5.00 -12.47 -10.90
CA GLU B 184 -4.93 -12.54 -12.35
C GLU B 184 -3.52 -12.93 -12.74
N GLY B 185 -3.24 -12.93 -14.04
CA GLY B 185 -1.98 -13.41 -14.59
C GLY B 185 -1.90 -14.93 -14.74
N VAL B 186 -3.05 -15.58 -14.77
CA VAL B 186 -3.13 -17.01 -14.91
C VAL B 186 -3.22 -17.37 -16.38
N ALA B 187 -2.25 -18.14 -16.87
CA ALA B 187 -2.25 -18.66 -18.23
C ALA B 187 -3.09 -19.92 -18.30
N TRP B 188 -4.30 -19.80 -18.86
CA TRP B 188 -5.24 -20.91 -18.95
C TRP B 188 -5.16 -21.71 -20.25
N PHE B 189 -5.22 -23.03 -20.15
CA PHE B 189 -5.38 -23.86 -21.35
C PHE B 189 -6.61 -24.72 -21.13
N VAL B 190 -7.66 -24.53 -21.91
CA VAL B 190 -8.87 -25.34 -21.70
C VAL B 190 -9.10 -26.38 -22.80
N ILE B 191 -9.02 -27.65 -22.44
CA ILE B 191 -9.13 -28.73 -23.40
C ILE B 191 -10.60 -29.04 -23.75
N GLU B 192 -10.85 -29.16 -25.05
CA GLU B 192 -12.19 -29.34 -25.57
C GLU B 192 -12.71 -30.76 -25.31
N GLU B 193 -11.82 -31.73 -25.36
CA GLU B 193 -12.18 -33.14 -25.16
C GLU B 193 -12.58 -33.51 -23.73
N PRO B 194 -13.73 -34.19 -23.57
CA PRO B 194 -14.11 -34.64 -22.23
C PRO B 194 -13.39 -35.91 -21.87
N LEU B 195 -13.12 -36.12 -20.60
CA LEU B 195 -12.72 -37.43 -20.19
C LEU B 195 -14.01 -38.08 -19.72
N GLU B 196 -14.01 -39.39 -19.51
CA GLU B 196 -15.22 -40.03 -19.02
C GLU B 196 -15.10 -40.36 -17.56
N VAL B 197 -16.25 -40.43 -16.92
CA VAL B 197 -16.38 -40.81 -15.53
C VAL B 197 -17.68 -41.60 -15.36
N SER B 198 -17.65 -42.65 -14.54
CA SER B 198 -18.83 -43.49 -14.34
C SER B 198 -19.86 -42.81 -13.44
N ALA B 199 -21.08 -43.32 -13.46
CA ALA B 199 -22.13 -42.82 -12.58
C ALA B 199 -21.79 -43.02 -11.09
N LYS B 200 -21.13 -44.13 -10.74
CA LYS B 200 -20.75 -44.41 -9.34
C LYS B 200 -19.58 -43.54 -8.85
N GLN B 201 -18.62 -43.31 -9.75
CA GLN B 201 -17.47 -42.45 -9.49
C GLN B 201 -17.84 -40.98 -9.33
N LEU B 202 -18.71 -40.48 -10.21
CA LEU B 202 -19.15 -39.10 -10.12
C LEU B 202 -19.96 -38.83 -8.85
N ALA B 203 -20.89 -39.73 -8.55
CA ALA B 203 -21.70 -39.62 -7.36
C ALA B 203 -20.78 -39.71 -6.18
N GLU B 204 -19.76 -40.55 -6.29
CA GLU B 204 -18.81 -40.69 -5.21
C GLU B 204 -18.08 -39.38 -5.07
N ILE B 205 -17.51 -38.87 -6.16
CA ILE B 205 -16.68 -37.67 -6.11
C ILE B 205 -17.52 -36.48 -5.69
N LYS B 206 -18.74 -36.40 -6.20
CA LYS B 206 -19.62 -35.30 -5.83
C LYS B 206 -20.05 -35.37 -4.38
N LYS B 207 -20.17 -36.58 -3.85
CA LYS B 207 -20.58 -36.74 -2.47
C LYS B 207 -19.51 -36.34 -1.47
N ARG B 208 -18.24 -36.61 -1.82
CA ARG B 208 -17.12 -36.24 -0.95
C ARG B 208 -16.82 -34.77 -0.92
N MET B 209 -17.31 -34.07 -1.94
CA MET B 209 -17.28 -32.62 -1.94
C MET B 209 -18.64 -32.16 -1.46
N LYS B 210 -19.23 -33.00 -0.59
CA LYS B 210 -20.39 -32.63 0.21
C LYS B 210 -21.69 -32.35 -0.52
N ASN B 211 -21.88 -32.95 -1.69
CA ASN B 211 -23.12 -32.79 -2.45
C ASN B 211 -23.47 -31.33 -2.63
N SER B 212 -22.45 -30.50 -2.56
CA SER B 212 -22.59 -29.06 -2.67
C SER B 212 -21.76 -28.53 -3.81
N PRO B 213 -22.43 -27.94 -4.82
CA PRO B 213 -21.75 -27.41 -6.00
C PRO B 213 -20.60 -26.47 -5.68
N ASN B 214 -19.43 -26.70 -6.27
CA ASN B 214 -18.28 -25.80 -6.06
C ASN B 214 -17.86 -25.15 -7.37
N GLN B 215 -18.83 -24.56 -8.04
CA GLN B 215 -18.61 -23.95 -9.33
C GLN B 215 -18.83 -22.47 -9.21
N ARG B 216 -17.76 -21.70 -9.40
CA ARG B 216 -17.87 -20.26 -9.48
C ARG B 216 -18.63 -19.89 -10.76
N PRO B 217 -19.60 -18.97 -10.66
CA PRO B 217 -20.38 -18.54 -11.82
C PRO B 217 -19.53 -17.84 -12.86
N VAL B 218 -19.97 -17.83 -14.09
CA VAL B 218 -19.27 -17.12 -15.16
C VAL B 218 -19.19 -15.63 -14.88
N GLN B 219 -17.99 -15.10 -15.10
CA GLN B 219 -17.68 -13.72 -14.79
C GLN B 219 -17.80 -12.87 -16.02
N PRO B 220 -17.87 -11.54 -15.84
CA PRO B 220 -17.91 -10.68 -17.03
C PRO B 220 -16.69 -10.89 -17.93
N ASP B 221 -16.95 -11.01 -19.23
CA ASP B 221 -15.93 -11.25 -20.22
C ASP B 221 -15.70 -9.96 -20.98
N TYR B 222 -14.50 -9.39 -20.87
CA TYR B 222 -14.21 -8.17 -21.60
C TYR B 222 -13.49 -8.45 -22.94
N ASN B 223 -14.12 -9.25 -23.80
CA ASN B 223 -13.52 -9.67 -25.06
C ASN B 223 -12.12 -10.29 -24.87
N THR B 224 -12.01 -11.23 -23.94
CA THR B 224 -10.76 -11.95 -23.71
C THR B 224 -10.24 -12.51 -25.02
N VAL B 225 -8.97 -12.30 -25.33
CA VAL B 225 -8.41 -12.87 -26.55
C VAL B 225 -8.10 -14.35 -26.30
N ILE B 226 -8.84 -15.21 -26.98
CA ILE B 226 -8.74 -16.65 -26.80
C ILE B 226 -8.30 -17.27 -28.11
N ILE B 227 -7.25 -18.09 -28.10
CA ILE B 227 -6.89 -18.82 -29.32
C ILE B 227 -7.32 -20.28 -29.19
N LYS B 228 -7.74 -20.90 -30.28
CA LYS B 228 -8.03 -22.33 -30.23
C LYS B 228 -7.02 -23.09 -31.06
N SER B 229 -6.44 -24.13 -30.49
CA SER B 229 -5.42 -24.91 -31.17
C SER B 229 -5.46 -26.40 -30.80
N SER B 230 -4.38 -27.08 -31.09
CA SER B 230 -4.25 -28.51 -30.78
C SER B 230 -2.80 -28.85 -30.50
N ALA B 231 -2.60 -29.93 -29.74
CA ALA B 231 -1.26 -30.36 -29.38
C ALA B 231 -1.30 -31.84 -29.09
N GLU B 232 -0.11 -32.41 -28.89
CA GLU B 232 0.02 -33.79 -28.46
C GLU B 232 0.56 -33.81 -27.04
N THR B 233 -0.11 -34.53 -26.13
CA THR B 233 0.30 -34.54 -24.73
C THR B 233 1.30 -35.67 -24.45
N ARG B 234 1.42 -36.58 -25.40
CA ARG B 234 2.35 -37.68 -25.33
C ARG B 234 2.51 -38.28 -26.73
N THR C 8 -9.59 18.77 -9.42
CA THR C 8 -10.26 17.56 -8.95
C THR C 8 -11.78 17.72 -9.15
N LYS C 9 -12.58 16.81 -8.60
CA LYS C 9 -14.04 16.90 -8.77
C LYS C 9 -14.95 16.65 -7.54
N TRP C 10 -14.39 16.29 -6.37
CA TRP C 10 -15.16 16.13 -5.12
C TRP C 10 -15.72 17.49 -4.70
N ASP C 11 -16.95 17.53 -4.23
CA ASP C 11 -17.54 18.78 -3.78
C ASP C 11 -18.44 18.60 -2.57
N TYR C 12 -19.21 19.64 -2.25
CA TYR C 12 -20.11 19.54 -1.12
C TYR C 12 -21.59 19.48 -1.51
N LYS C 13 -21.89 19.29 -2.79
CA LYS C 13 -23.28 19.19 -3.23
C LYS C 13 -23.87 17.82 -2.91
N ASN C 14 -25.18 17.70 -3.01
CA ASN C 14 -25.82 16.46 -2.62
C ASN C 14 -26.06 15.49 -3.79
N LYS C 15 -25.19 15.55 -4.80
CA LYS C 15 -25.33 14.65 -5.93
C LYS C 15 -24.17 13.66 -5.90
N GLU C 16 -23.75 13.19 -7.07
CA GLU C 16 -22.82 12.07 -7.13
C GLU C 16 -21.42 12.34 -6.58
N ASN C 17 -21.00 13.60 -6.51
CA ASN C 17 -19.64 13.91 -6.10
C ASN C 17 -19.54 14.49 -4.67
N GLY C 18 -20.66 14.49 -3.96
CA GLY C 18 -20.76 15.11 -2.65
C GLY C 18 -20.12 14.31 -1.55
N PRO C 19 -20.07 14.89 -0.34
CA PRO C 19 -19.39 14.31 0.82
C PRO C 19 -19.85 12.88 1.14
N HIS C 20 -21.14 12.64 0.92
CA HIS C 20 -21.71 11.34 1.20
C HIS C 20 -21.12 10.28 0.27
N ARG C 21 -20.45 10.71 -0.79
CA ARG C 21 -19.90 9.78 -1.75
C ARG C 21 -18.42 9.97 -2.06
N TRP C 22 -17.69 10.72 -1.23
CA TRP C 22 -16.25 11.02 -1.46
C TRP C 22 -15.35 9.79 -1.60
N ASP C 23 -15.66 8.73 -0.87
CA ASP C 23 -14.85 7.52 -0.88
C ASP C 23 -14.86 6.81 -2.24
N LYS C 24 -15.95 7.01 -2.98
CA LYS C 24 -16.17 6.37 -4.28
C LYS C 24 -15.37 7.08 -5.36
N LEU C 25 -15.09 8.35 -5.13
CA LEU C 25 -14.48 9.18 -6.16
C LEU C 25 -13.05 8.82 -6.45
N HIS C 26 -12.30 8.47 -5.42
CA HIS C 26 -10.88 8.16 -5.53
C HIS C 26 -10.46 7.14 -4.48
N LYS C 27 -9.41 6.38 -4.76
CA LYS C 27 -8.95 5.35 -3.83
C LYS C 27 -8.26 5.97 -2.64
N ASP C 28 -7.75 7.19 -2.81
CA ASP C 28 -7.21 7.98 -1.71
C ASP C 28 -8.26 8.39 -0.63
N PHE C 29 -9.51 8.48 -1.05
CA PHE C 29 -10.58 9.01 -0.20
C PHE C 29 -11.31 7.89 0.53
N GLU C 30 -10.77 6.68 0.54
CA GLU C 30 -11.50 5.55 1.09
C GLU C 30 -11.62 5.68 2.61
N VAL C 31 -10.63 6.30 3.23
CA VAL C 31 -10.66 6.57 4.67
C VAL C 31 -11.71 7.63 5.08
N CYS C 32 -12.21 8.41 4.12
CA CYS C 32 -13.31 9.36 4.36
C CYS C 32 -14.53 8.62 4.86
N LYS C 33 -14.57 7.32 4.59
CA LYS C 33 -15.65 6.47 5.06
C LYS C 33 -15.22 5.49 6.12
N SER C 34 -14.03 4.92 5.93
CA SER C 34 -13.53 3.83 6.76
C SER C 34 -12.84 4.25 8.04
N GLY C 35 -12.45 5.52 8.11
CA GLY C 35 -11.72 6.03 9.26
C GLY C 35 -12.55 6.01 10.52
N LYS C 36 -11.88 5.80 11.64
CA LYS C 36 -12.54 5.73 12.93
C LYS C 36 -12.28 6.98 13.78
N SER C 37 -11.62 7.96 13.19
CA SER C 37 -11.40 9.26 13.83
CA SER C 37 -11.45 9.26 13.84
C SER C 37 -11.64 10.40 12.83
N GLN C 38 -12.82 10.42 12.21
CA GLN C 38 -13.16 11.38 11.18
C GLN C 38 -13.72 12.72 11.72
N SER C 39 -13.33 13.80 11.06
CA SER C 39 -13.72 15.16 11.43
C SER C 39 -14.61 15.79 10.36
N PRO C 40 -15.51 16.70 10.75
CA PRO C 40 -15.80 17.24 12.08
C PRO C 40 -16.79 16.39 12.84
N ILE C 41 -16.97 16.68 14.13
CA ILE C 41 -18.01 16.05 14.93
C ILE C 41 -18.72 17.09 15.78
N ASN C 42 -19.84 16.73 16.41
CA ASN C 42 -20.47 17.59 17.42
C ASN C 42 -19.81 17.36 18.77
N ILE C 43 -19.23 18.41 19.34
CA ILE C 43 -18.53 18.30 20.61
C ILE C 43 -19.56 18.40 21.72
N GLU C 44 -19.82 17.28 22.40
CA GLU C 44 -20.91 17.26 23.35
C GLU C 44 -20.43 16.65 24.68
N HIS C 45 -19.45 15.75 24.63
CA HIS C 45 -18.84 15.21 25.85
C HIS C 45 -17.33 15.38 25.92
N TYR C 46 -16.82 15.97 26.99
CA TYR C 46 -15.38 16.24 27.11
C TYR C 46 -14.99 16.25 28.59
N TYR C 47 -13.70 16.34 28.85
CA TYR C 47 -13.18 16.32 30.20
C TYR C 47 -12.48 17.63 30.55
N HIS C 48 -12.85 18.27 31.66
CA HIS C 48 -12.15 19.47 32.08
C HIS C 48 -10.86 19.05 32.75
N THR C 49 -9.79 19.82 32.55
CA THR C 49 -8.51 19.49 33.20
C THR C 49 -7.79 20.75 33.63
N GLN C 50 -6.78 20.58 34.44
CA GLN C 50 -5.93 21.66 34.82
C GLN C 50 -4.65 21.71 34.05
N ASP C 51 -4.14 22.92 33.98
CA ASP C 51 -3.48 23.56 32.86
C ASP C 51 -2.14 22.99 32.45
N LYS C 52 -1.99 22.85 31.16
CA LYS C 52 -0.73 22.89 30.54
C LYS C 52 -0.67 24.26 29.94
N ALA C 53 0.55 24.70 29.75
CA ALA C 53 0.97 25.37 28.59
C ALA C 53 0.94 24.26 27.52
N ASP C 54 -0.26 23.84 27.17
CA ASP C 54 -0.47 22.84 26.12
C ASP C 54 -0.13 23.40 24.75
N LEU C 55 -0.35 24.69 24.60
CA LEU C 55 -0.30 25.40 23.36
C LEU C 55 0.41 26.74 23.57
N GLN C 56 1.58 26.94 23.00
CA GLN C 56 2.20 28.25 23.12
C GLN C 56 2.39 28.84 21.73
N PHE C 57 2.01 30.10 21.55
CA PHE C 57 2.00 30.71 20.22
C PHE C 57 3.18 31.61 19.93
N LYS C 58 3.80 31.40 18.77
CA LYS C 58 4.84 32.28 18.25
C LYS C 58 4.46 32.77 16.85
N TYR C 59 3.53 33.73 16.80
CA TYR C 59 3.06 34.32 15.55
C TYR C 59 3.62 35.74 15.45
N ALA C 60 3.61 36.30 14.26
CA ALA C 60 3.91 37.71 14.04
C ALA C 60 3.19 38.17 12.78
N ALA C 61 3.04 39.49 12.62
CA ALA C 61 2.45 40.03 11.40
C ALA C 61 3.26 39.57 10.20
N SER C 62 2.58 38.97 9.23
CA SER C 62 3.24 38.37 8.06
C SER C 62 2.52 38.63 6.75
N LYS C 63 3.27 39.01 5.71
CA LYS C 63 2.71 39.05 4.37
C LYS C 63 2.63 37.64 3.80
N PRO C 64 1.42 37.23 3.41
CA PRO C 64 1.21 35.91 2.84
C PRO C 64 2.05 35.70 1.59
N LYS C 65 2.57 34.50 1.42
CA LYS C 65 3.21 34.11 0.17
C LYS C 65 2.17 34.15 -0.95
N ALA C 66 0.91 33.81 -0.61
CA ALA C 66 -0.19 33.81 -1.58
C ALA C 66 -1.55 33.94 -0.92
N VAL C 67 -2.52 34.46 -1.68
CA VAL C 67 -3.95 34.40 -1.31
C VAL C 67 -4.69 33.97 -2.56
N PHE C 68 -5.40 32.85 -2.48
CA PHE C 68 -6.02 32.25 -3.64
C PHE C 68 -7.18 31.30 -3.32
N PHE C 69 -7.99 30.98 -4.32
CA PHE C 69 -9.11 30.05 -4.16
C PHE C 69 -8.69 28.64 -4.58
N THR C 70 -8.87 27.67 -3.70
CA THR C 70 -8.48 26.30 -4.02
C THR C 70 -9.35 25.31 -3.30
N HIS C 71 -9.81 24.29 -4.02
CA HIS C 71 -10.61 23.23 -3.43
C HIS C 71 -11.73 23.79 -2.57
N HIS C 72 -12.50 24.71 -3.16
CA HIS C 72 -13.73 25.27 -2.58
C HIS C 72 -13.51 26.27 -1.45
N THR C 73 -12.26 26.56 -1.11
CA THR C 73 -11.95 27.45 -0.01
C THR C 73 -11.09 28.63 -0.41
N LEU C 74 -11.14 29.66 0.41
CA LEU C 74 -10.23 30.80 0.30
C LEU C 74 -9.07 30.61 1.27
N LYS C 75 -7.86 30.61 0.74
CA LYS C 75 -6.67 30.23 1.48
C LYS C 75 -5.65 31.32 1.46
N ALA C 76 -5.03 31.58 2.59
CA ALA C 76 -3.91 32.49 2.64
C ALA C 76 -2.70 31.70 3.07
N SER C 77 -1.70 31.63 2.20
CA SER C 77 -0.48 30.85 2.45
C SER C 77 0.55 31.72 3.08
N PHE C 78 1.44 31.11 3.85
CA PHE C 78 2.48 31.89 4.50
C PHE C 78 3.84 31.26 4.33
N GLU C 79 4.87 32.10 4.42
CA GLU C 79 6.23 31.62 4.54
C GLU C 79 6.32 30.96 5.91
N PRO C 80 7.25 30.03 6.07
CA PRO C 80 7.35 29.30 7.35
C PRO C 80 8.00 30.07 8.51
N THR C 81 7.44 31.19 8.91
CA THR C 81 8.06 31.98 9.98
C THR C 81 7.25 32.01 11.28
N ASN C 82 6.05 31.47 11.27
CA ASN C 82 5.18 31.43 12.45
C ASN C 82 5.04 30.04 13.02
N HIS C 83 5.01 29.90 14.35
CA HIS C 83 4.91 28.58 14.96
C HIS C 83 3.95 28.46 16.14
N ILE C 84 3.52 27.23 16.35
CA ILE C 84 2.88 26.79 17.57
C ILE C 84 3.74 25.70 18.15
N ASN C 85 4.02 25.82 19.44
CA ASN C 85 4.80 24.80 20.10
C ASN C 85 3.86 23.97 20.96
N TYR C 86 3.83 22.67 20.68
CA TYR C 86 2.96 21.76 21.39
C TYR C 86 3.72 20.57 21.93
N ARG C 87 3.77 20.51 23.26
CA ARG C 87 4.44 19.42 23.96
C ARG C 87 5.90 19.25 23.51
N GLY C 88 6.57 20.38 23.26
CA GLY C 88 7.96 20.35 22.85
C GLY C 88 8.15 20.11 21.38
N HIS C 89 7.12 20.44 20.62
CA HIS C 89 7.12 20.34 19.17
C HIS C 89 6.80 21.65 18.52
N ASP C 90 7.64 22.06 17.56
CA ASP C 90 7.30 23.21 16.74
C ASP C 90 6.47 22.71 15.57
N TYR C 91 5.28 23.30 15.44
CA TYR C 91 4.44 23.08 14.30
C TYR C 91 4.41 24.39 13.55
N VAL C 92 4.89 24.41 12.31
CA VAL C 92 4.94 25.63 11.53
C VAL C 92 3.60 25.84 10.85
N LEU C 93 3.09 27.06 10.94
CA LEU C 93 1.85 27.47 10.31
C LEU C 93 2.02 27.47 8.78
N ASP C 94 1.19 26.70 8.09
CA ASP C 94 1.20 26.65 6.63
C ASP C 94 0.22 27.62 5.97
N ASN C 95 -1.00 27.59 6.47
CA ASN C 95 -2.05 28.39 5.87
C ASN C 95 -3.20 28.62 6.83
N VAL C 96 -4.02 29.61 6.50
CA VAL C 96 -5.32 29.84 7.13
C VAL C 96 -6.37 29.76 6.05
N HIS C 97 -7.43 28.97 6.23
CA HIS C 97 -8.52 28.94 5.26
C HIS C 97 -9.84 28.97 5.99
N PHE C 98 -10.95 29.04 5.23
CA PHE C 98 -12.26 29.30 5.83
C PHE C 98 -13.29 28.27 5.44
N HIS C 99 -14.28 28.08 6.28
CA HIS C 99 -15.42 27.22 6.00
C HIS C 99 -16.72 27.93 6.35
N ALA C 100 -17.71 27.82 5.49
CA ALA C 100 -19.01 28.38 5.75
C ALA C 100 -20.07 27.36 5.42
N PRO C 101 -20.83 26.90 6.42
CA PRO C 101 -20.71 27.25 7.85
C PRO C 101 -19.52 26.60 8.56
N MET C 102 -19.40 26.87 9.84
CA MET C 102 -18.41 26.24 10.69
C MET C 102 -18.66 24.74 10.65
N GLU C 103 -17.59 23.95 10.63
CA GLU C 103 -17.70 22.51 10.52
C GLU C 103 -17.92 21.81 11.86
N PHE C 104 -17.09 22.14 12.84
CA PHE C 104 -17.23 21.57 14.18
C PHE C 104 -18.36 22.29 14.87
N LEU C 105 -19.23 21.51 15.51
CA LEU C 105 -20.30 22.06 16.34
C LEU C 105 -19.87 21.87 17.79
N ILE C 106 -20.03 22.92 18.59
CA ILE C 106 -19.76 22.86 20.02
C ILE C 106 -21.06 22.88 20.81
N ASN C 107 -21.35 21.76 21.48
CA ASN C 107 -22.59 21.56 22.20
C ASN C 107 -23.76 21.94 21.27
N ASN C 108 -23.66 21.47 20.03
CA ASN C 108 -24.70 21.62 19.00
C ASN C 108 -24.86 23.05 18.48
N LYS C 109 -23.86 23.89 18.66
CA LYS C 109 -23.98 25.25 18.18
C LYS C 109 -23.11 25.41 16.94
N THR C 110 -23.68 26.02 15.92
CA THR C 110 -22.95 26.29 14.69
C THR C 110 -22.66 27.79 14.54
N ARG C 111 -21.60 28.12 13.81
CA ARG C 111 -21.33 29.49 13.38
C ARG C 111 -21.49 29.59 11.86
N PRO C 112 -21.76 30.79 11.35
CA PRO C 112 -21.87 30.92 9.90
C PRO C 112 -20.52 30.82 9.18
N LEU C 113 -19.43 30.90 9.93
CA LEU C 113 -18.09 30.91 9.37
C LEU C 113 -17.09 30.43 10.40
N SER C 114 -16.00 29.80 9.95
CA SER C 114 -14.88 29.45 10.82
C SER C 114 -13.55 29.60 10.08
N ALA C 115 -12.44 29.64 10.81
CA ALA C 115 -11.13 29.70 10.19
C ALA C 115 -10.27 28.56 10.67
N HIS C 116 -9.52 27.93 9.78
CA HIS C 116 -8.59 26.87 10.19
C HIS C 116 -7.16 27.29 10.01
N PHE C 117 -6.39 27.24 11.09
CA PHE C 117 -4.97 27.52 11.02
C PHE C 117 -4.26 26.18 10.93
N VAL C 118 -3.71 25.88 9.77
CA VAL C 118 -3.12 24.58 9.47
C VAL C 118 -1.60 24.56 9.74
N HIS C 119 -1.14 23.65 10.60
CA HIS C 119 0.28 23.57 10.96
C HIS C 119 0.94 22.22 10.59
N LYS C 120 2.26 22.23 10.36
CA LYS C 120 3.01 21.01 10.01
C LYS C 120 4.33 20.96 10.74
N ASP C 121 4.65 19.82 11.33
CA ASP C 121 5.96 19.68 11.97
C ASP C 121 6.99 19.07 10.99
N ALA C 122 8.18 18.75 11.48
CA ALA C 122 9.25 18.31 10.61
C ALA C 122 8.90 16.99 9.91
N LYS C 123 8.15 16.13 10.57
CA LYS C 123 7.74 14.84 10.01
C LYS C 123 6.49 14.91 9.17
N GLY C 124 5.82 16.06 9.19
CA GLY C 124 4.57 16.21 8.48
C GLY C 124 3.34 15.99 9.33
N ARG C 125 3.52 15.86 10.64
CA ARG C 125 2.40 15.67 11.57
C ARG C 125 1.58 16.97 11.65
N LEU C 126 0.26 16.85 11.66
CA LEU C 126 -0.60 18.02 11.56
C LEU C 126 -1.27 18.49 12.84
N LEU C 127 -1.28 19.81 13.02
CA LEU C 127 -2.01 20.42 14.12
C LEU C 127 -2.90 21.49 13.51
N VAL C 128 -4.22 21.39 13.70
CA VAL C 128 -5.08 22.40 13.12
C VAL C 128 -5.93 23.09 14.20
N LEU C 129 -6.03 24.40 14.05
CA LEU C 129 -6.69 25.27 14.96
C LEU C 129 -8.01 25.73 14.36
N ALA C 130 -9.11 25.61 15.08
CA ALA C 130 -10.38 26.07 14.56
C ALA C 130 -10.96 27.19 15.44
N ILE C 131 -11.52 28.20 14.81
CA ILE C 131 -12.16 29.28 15.56
C ILE C 131 -13.35 29.78 14.75
N GLY C 132 -14.47 29.93 15.42
CA GLY C 132 -15.69 30.37 14.78
C GLY C 132 -15.82 31.87 14.73
N PHE C 133 -16.67 32.34 13.82
CA PHE C 133 -16.97 33.75 13.72
C PHE C 133 -18.45 33.93 13.99
N GLU C 134 -18.77 34.99 14.71
CA GLU C 134 -20.13 35.35 15.00
C GLU C 134 -20.39 36.65 14.29
N GLU C 135 -21.59 36.84 13.76
CA GLU C 135 -21.87 38.10 13.10
C GLU C 135 -21.88 39.27 14.09
N GLY C 136 -21.15 40.33 13.77
CA GLY C 136 -20.98 41.44 14.66
C GLY C 136 -20.20 42.61 14.07
N LYS C 137 -19.14 43.00 14.77
CA LYS C 137 -18.28 44.13 14.38
C LYS C 137 -17.47 43.82 13.14
N GLU C 138 -17.07 44.83 12.39
CA GLU C 138 -16.21 44.57 11.23
C GLU C 138 -14.89 44.07 11.81
N ASN C 139 -14.31 43.03 11.19
CA ASN C 139 -13.03 42.48 11.66
C ASN C 139 -11.93 42.85 10.69
N PRO C 140 -11.04 43.76 11.10
CA PRO C 140 -9.97 44.29 10.26
C PRO C 140 -8.95 43.23 9.84
N ASN C 141 -8.90 42.14 10.58
CA ASN C 141 -7.93 41.08 10.31
C ASN C 141 -8.30 40.26 9.08
N LEU C 142 -9.57 40.27 8.73
CA LEU C 142 -10.05 39.62 7.52
C LEU C 142 -9.78 40.42 6.23
N ASP C 143 -9.66 41.73 6.38
CA ASP C 143 -9.50 42.62 5.23
C ASP C 143 -8.24 42.46 4.37
N PRO C 144 -7.07 42.20 4.98
CA PRO C 144 -5.91 42.00 4.10
C PRO C 144 -6.05 40.74 3.21
N ILE C 145 -6.82 39.79 3.71
CA ILE C 145 -7.12 38.57 2.98
C ILE C 145 -8.18 38.81 1.90
N LEU C 146 -9.25 39.50 2.25
CA LEU C 146 -10.32 39.80 1.31
C LEU C 146 -9.82 40.77 0.22
N GLU C 147 -8.91 41.66 0.61
CA GLU C 147 -8.28 42.54 -0.35
C GLU C 147 -7.23 41.76 -1.16
N GLY C 148 -6.63 40.77 -0.52
CA GLY C 148 -5.49 40.09 -1.11
C GLY C 148 -5.88 39.07 -2.16
N ILE C 149 -7.10 38.56 -2.09
CA ILE C 149 -7.63 37.58 -3.05
C ILE C 149 -8.00 38.26 -4.38
N GLN C 150 -7.98 39.58 -4.38
CA GLN C 150 -8.29 40.33 -5.60
C GLN C 150 -7.01 40.72 -6.31
N LYS C 151 -5.89 40.21 -5.82
CA LYS C 151 -4.58 40.59 -6.32
C LYS C 151 -3.75 39.33 -6.58
N LYS C 152 -2.62 39.48 -7.25
CA LYS C 152 -1.79 38.34 -7.60
C LYS C 152 -0.34 38.46 -7.16
N GLN C 153 0.06 39.67 -6.78
CA GLN C 153 1.48 39.91 -6.53
C GLN C 153 1.73 40.31 -5.07
N ASN C 154 2.02 41.58 -4.82
CA ASN C 154 2.35 42.01 -3.46
C ASN C 154 1.18 41.91 -2.47
N PHE C 155 1.19 40.90 -1.61
CA PHE C 155 0.13 40.70 -0.62
C PHE C 155 0.51 41.43 0.68
N LYS C 156 -0.45 42.13 1.29
CA LYS C 156 -0.21 42.82 2.56
C LYS C 156 -0.38 41.99 3.84
N GLU C 157 0.30 42.44 4.88
CA GLU C 157 0.40 41.74 6.16
C GLU C 157 -0.91 41.43 6.85
N VAL C 158 -1.03 40.18 7.29
CA VAL C 158 -2.09 39.71 8.19
C VAL C 158 -1.53 39.74 9.58
N ALA C 159 -2.23 40.40 10.50
CA ALA C 159 -1.75 40.50 11.87
C ALA C 159 -2.09 39.22 12.59
N LEU C 160 -1.30 38.18 12.32
CA LEU C 160 -1.54 36.84 12.87
C LEU C 160 -1.47 36.85 14.36
N ASP C 161 -0.63 37.72 14.92
CA ASP C 161 -0.49 37.79 16.37
C ASP C 161 -1.63 38.57 17.05
N ALA C 162 -2.54 39.14 16.26
CA ALA C 162 -3.66 39.90 16.78
C ALA C 162 -5.01 39.26 16.45
N PHE C 163 -4.97 38.19 15.68
CA PHE C 163 -6.15 37.55 15.11
C PHE C 163 -7.06 36.88 16.13
N LEU C 164 -6.48 36.03 16.99
CA LEU C 164 -7.21 35.25 18.00
C LEU C 164 -7.47 36.04 19.28
N PRO C 165 -8.42 35.60 20.11
CA PRO C 165 -8.55 36.28 21.41
C PRO C 165 -7.26 36.09 22.20
N LYS C 166 -6.94 37.03 23.08
CA LYS C 166 -5.75 36.92 23.88
C LYS C 166 -5.83 35.68 24.73
N SER C 167 -6.99 35.47 25.34
CA SER C 167 -7.22 34.28 26.16
C SER C 167 -8.21 33.39 25.47
N ILE C 168 -7.83 32.12 25.29
CA ILE C 168 -8.72 31.21 24.58
C ILE C 168 -9.01 30.01 25.44
N ASN C 169 -10.24 29.53 25.34
CA ASN C 169 -10.67 28.27 25.92
C ASN C 169 -11.00 27.28 24.81
N TYR C 170 -10.40 26.11 24.83
CA TYR C 170 -10.49 25.21 23.69
C TYR C 170 -10.75 23.74 24.04
N TYR C 171 -11.19 23.02 23.01
CA TYR C 171 -11.39 21.59 23.04
C TYR C 171 -10.37 20.90 22.17
N HIS C 172 -9.63 19.94 22.73
CA HIS C 172 -8.54 19.31 22.01
C HIS C 172 -8.73 17.81 21.94
N PHE C 173 -8.60 17.27 20.73
CA PHE C 173 -8.86 15.86 20.45
C PHE C 173 -8.07 15.41 19.21
N ASN C 174 -8.04 14.11 18.97
CA ASN C 174 -7.44 13.58 17.74
C ASN C 174 -8.50 13.37 16.67
N GLY C 175 -8.25 13.89 15.48
CA GLY C 175 -9.22 13.80 14.42
C GLY C 175 -8.62 13.64 13.04
N SER C 176 -9.31 14.18 12.05
CA SER C 176 -8.86 14.06 10.67
C SER C 176 -8.97 15.39 9.94
N LEU C 177 -8.39 15.46 8.76
CA LEU C 177 -8.65 16.54 7.83
C LEU C 177 -10.13 16.46 7.50
N THR C 178 -10.75 17.61 7.28
CA THR C 178 -12.19 17.66 6.98
C THR C 178 -12.47 17.66 5.46
N ALA C 179 -11.42 17.52 4.67
CA ALA C 179 -11.57 17.45 3.22
C ALA C 179 -10.81 16.25 2.71
N PRO C 180 -11.25 15.67 1.58
CA PRO C 180 -10.51 14.53 1.04
C PRO C 180 -9.03 14.90 0.90
N PRO C 181 -8.12 13.97 1.19
CA PRO C 181 -8.30 12.55 1.46
C PRO C 181 -8.62 12.17 2.90
N CYS C 182 -9.05 13.14 3.71
CA CYS C 182 -9.54 12.88 5.06
C CYS C 182 -8.51 12.21 5.98
N THR C 183 -7.25 12.56 5.79
CA THR C 183 -6.16 11.95 6.53
C THR C 183 -6.32 12.13 8.04
N GLU C 184 -6.13 11.06 8.81
CA GLU C 184 -6.28 11.12 10.27
C GLU C 184 -4.99 11.43 11.03
N GLY C 185 -5.06 11.41 12.35
CA GLY C 185 -3.92 11.75 13.20
C GLY C 185 -3.72 13.26 13.34
N VAL C 186 -4.77 14.02 13.09
CA VAL C 186 -4.71 15.48 13.20
C VAL C 186 -4.99 15.94 14.62
N ALA C 187 -4.06 16.71 15.18
CA ALA C 187 -4.29 17.29 16.49
C ALA C 187 -5.18 18.52 16.37
N TRP C 188 -6.43 18.39 16.77
CA TRP C 188 -7.34 19.52 16.69
C TRP C 188 -7.43 20.34 17.95
N PHE C 189 -7.39 21.65 17.79
CA PHE C 189 -7.68 22.58 18.89
C PHE C 189 -8.81 23.48 18.44
N VAL C 190 -9.98 23.27 19.02
CA VAL C 190 -11.15 24.04 18.62
C VAL C 190 -11.55 25.04 19.71
N ILE C 191 -11.39 26.32 19.38
CA ILE C 191 -11.57 27.43 20.28
C ILE C 191 -13.04 27.77 20.50
N GLU C 192 -13.41 27.99 21.76
CA GLU C 192 -14.78 28.27 22.20
C GLU C 192 -15.26 29.69 21.91
N GLU C 193 -14.38 30.66 22.11
CA GLU C 193 -14.72 32.06 21.89
C GLU C 193 -14.89 32.35 20.41
N PRO C 194 -16.00 32.99 20.04
CA PRO C 194 -16.16 33.38 18.65
C PRO C 194 -15.41 34.68 18.36
N LEU C 195 -14.96 34.85 17.12
CA LEU C 195 -14.49 36.13 16.62
C LEU C 195 -15.69 36.83 15.99
N GLU C 196 -15.54 38.10 15.64
CA GLU C 196 -16.64 38.81 15.01
C GLU C 196 -16.36 38.99 13.52
N VAL C 197 -17.45 39.06 12.76
CA VAL C 197 -17.37 39.34 11.34
C VAL C 197 -18.63 40.15 10.99
N SER C 198 -18.49 41.19 10.18
CA SER C 198 -19.66 41.96 9.81
C SER C 198 -20.43 41.21 8.75
N ALA C 199 -21.69 41.58 8.55
CA ALA C 199 -22.52 40.97 7.53
C ALA C 199 -21.95 41.17 6.15
N LYS C 200 -21.35 42.33 5.91
CA LYS C 200 -20.79 42.60 4.59
C LYS C 200 -19.51 41.80 4.35
N GLN C 201 -18.72 41.63 5.40
CA GLN C 201 -17.54 40.78 5.36
C GLN C 201 -17.92 39.30 5.13
N LEU C 202 -18.98 38.85 5.76
CA LEU C 202 -19.40 37.47 5.62
C LEU C 202 -19.84 37.17 4.20
N ALA C 203 -20.62 38.07 3.63
CA ALA C 203 -21.09 37.97 2.25
C ALA C 203 -19.94 38.05 1.27
N GLU C 204 -18.98 38.89 1.60
CA GLU C 204 -17.84 39.07 0.73
C GLU C 204 -17.02 37.77 0.72
N ILE C 205 -16.74 37.21 1.87
CA ILE C 205 -15.94 36.00 1.85
C ILE C 205 -16.73 34.83 1.32
N LYS C 206 -18.04 34.81 1.54
CA LYS C 206 -18.86 33.74 0.97
C LYS C 206 -18.90 33.82 -0.55
N LYS C 207 -18.81 35.04 -1.07
CA LYS C 207 -18.74 35.29 -2.50
C LYS C 207 -17.43 34.80 -3.08
N ARG C 208 -16.36 34.97 -2.30
CA ARG C 208 -15.05 34.48 -2.69
C ARG C 208 -14.94 32.96 -2.61
N MET C 209 -15.83 32.32 -1.88
CA MET C 209 -15.91 30.87 -1.90
C MET C 209 -17.10 30.40 -2.73
N LYS C 210 -17.44 31.20 -3.74
CA LYS C 210 -18.38 30.85 -4.81
C LYS C 210 -19.80 30.64 -4.34
N ASN C 211 -20.15 31.23 -3.21
CA ASN C 211 -21.51 31.15 -2.67
C ASN C 211 -22.01 29.72 -2.60
N SER C 212 -21.06 28.80 -2.40
CA SER C 212 -21.36 27.40 -2.22
C SER C 212 -20.80 26.95 -0.87
N PRO C 213 -21.67 26.51 0.05
CA PRO C 213 -21.21 26.04 1.36
C PRO C 213 -20.14 24.95 1.25
N ASN C 214 -19.08 25.10 2.02
CA ASN C 214 -18.03 24.10 2.08
C ASN C 214 -17.89 23.55 3.48
N GLN C 215 -18.98 22.95 3.97
CA GLN C 215 -19.02 22.33 5.28
C GLN C 215 -19.22 20.79 5.19
N ARG C 216 -18.21 20.01 5.54
CA ARG C 216 -18.39 18.56 5.60
C ARG C 216 -19.34 18.22 6.72
N PRO C 217 -20.34 17.37 6.47
CA PRO C 217 -21.28 17.05 7.54
C PRO C 217 -20.56 16.40 8.71
N VAL C 218 -21.20 16.43 9.87
CA VAL C 218 -20.66 15.79 11.06
C VAL C 218 -20.50 14.28 10.80
N GLN C 219 -19.33 13.79 11.20
CA GLN C 219 -18.91 12.43 10.94
C GLN C 219 -19.23 11.54 12.12
N PRO C 220 -19.21 10.20 11.90
CA PRO C 220 -19.44 9.26 13.00
C PRO C 220 -18.46 9.46 14.14
N ASP C 221 -18.97 9.45 15.37
CA ASP C 221 -18.17 9.65 16.58
C ASP C 221 -17.98 8.35 17.34
N TYR C 222 -16.75 7.86 17.44
CA TYR C 222 -16.51 6.64 18.20
C TYR C 222 -16.10 6.99 19.62
N ASN C 223 -16.96 7.72 20.33
CA ASN C 223 -16.68 8.13 21.69
C ASN C 223 -15.33 8.85 21.76
N THR C 224 -15.11 9.77 20.82
CA THR C 224 -13.88 10.55 20.73
C THR C 224 -13.57 11.21 22.07
N VAL C 225 -12.35 10.99 22.55
CA VAL C 225 -11.88 11.60 23.78
C VAL C 225 -11.44 13.05 23.57
N ILE C 226 -12.17 13.96 24.20
CA ILE C 226 -11.92 15.40 24.11
C ILE C 226 -11.60 16.02 25.48
N ILE C 227 -10.53 16.79 25.57
CA ILE C 227 -10.26 17.54 26.78
C ILE C 227 -10.55 19.03 26.54
N LYS C 228 -11.02 19.71 27.56
CA LYS C 228 -11.20 21.14 27.49
C LYS C 228 -10.11 21.80 28.32
N SER C 229 -9.40 22.75 27.73
CA SER C 229 -8.30 23.41 28.41
C SER C 229 -8.28 24.90 28.02
N SER C 230 -7.20 25.62 28.33
CA SER C 230 -7.14 27.04 28.00
C SER C 230 -5.70 27.50 27.80
N ALA C 231 -5.52 28.61 27.09
CA ALA C 231 -4.18 29.15 26.87
C ALA C 231 -4.17 30.66 26.63
N GLU C 232 -2.98 31.27 26.67
CA GLU C 232 -2.81 32.67 26.29
C GLU C 232 -2.09 32.70 24.99
N THR C 233 -2.65 33.39 24.00
CA THR C 233 -2.05 33.38 22.67
C THR C 233 -1.07 34.54 22.54
N ARG C 234 -1.12 35.47 23.48
CA ARG C 234 -0.21 36.61 23.49
C ARG C 234 -0.16 37.26 24.85
N LYS D 9 -1.02 -18.12 9.94
CA LYS D 9 -0.03 -17.11 9.56
C LYS D 9 0.36 -16.16 10.68
N TRP D 10 -0.33 -15.02 10.85
CA TRP D 10 0.15 -14.02 11.81
C TRP D 10 0.40 -14.52 13.21
N ASP D 11 1.55 -14.17 13.79
CA ASP D 11 1.88 -14.55 15.16
C ASP D 11 2.71 -13.49 15.86
N TYR D 12 3.20 -13.78 17.07
CA TYR D 12 4.01 -12.81 17.80
C TYR D 12 5.48 -13.22 17.70
N LYS D 13 5.79 -14.16 16.80
CA LYS D 13 7.16 -14.61 16.61
C LYS D 13 7.93 -13.56 15.84
N ASN D 14 9.26 -13.69 15.80
CA ASN D 14 10.09 -12.67 15.18
C ASN D 14 10.49 -12.94 13.72
N LYS D 15 9.70 -13.74 13.01
CA LYS D 15 10.05 -14.03 11.61
C LYS D 15 8.96 -13.50 10.68
N GLU D 16 8.71 -14.20 9.58
CA GLU D 16 7.92 -13.64 8.51
C GLU D 16 6.48 -13.35 8.93
N ASN D 17 5.98 -14.00 9.97
CA ASN D 17 4.59 -13.79 10.38
C ASN D 17 4.36 -12.99 11.69
N GLY D 18 5.40 -12.36 12.22
CA GLY D 18 5.31 -11.58 13.45
C GLY D 18 4.65 -10.24 13.25
N PRO D 19 4.41 -9.49 14.35
CA PRO D 19 3.67 -8.21 14.35
C PRO D 19 4.20 -7.16 13.36
N HIS D 20 5.52 -7.13 13.17
CA HIS D 20 6.21 -6.20 12.28
C HIS D 20 5.86 -6.45 10.81
N ARG D 21 5.26 -7.61 10.52
CA ARG D 21 4.88 -7.97 9.16
C ARG D 21 3.40 -8.29 9.06
N TRP D 22 2.61 -7.94 10.08
CA TRP D 22 1.17 -8.21 10.04
C TRP D 22 0.53 -7.52 8.87
N ASP D 23 1.03 -6.32 8.60
CA ASP D 23 0.54 -5.50 7.50
C ASP D 23 0.85 -6.09 6.14
N LYS D 24 1.91 -6.90 6.06
CA LYS D 24 2.36 -7.50 4.82
C LYS D 24 1.50 -8.69 4.40
N LEU D 25 0.92 -9.39 5.38
CA LEU D 25 0.26 -10.67 5.13
C LEU D 25 -1.07 -10.61 4.36
N HIS D 26 -1.88 -9.60 4.62
CA HIS D 26 -3.20 -9.45 4.00
C HIS D 26 -3.59 -7.98 3.83
N LYS D 27 -4.47 -7.69 2.87
CA LYS D 27 -4.84 -6.31 2.60
C LYS D 27 -5.74 -5.79 3.70
N ASP D 28 -6.39 -6.70 4.40
CA ASP D 28 -7.17 -6.33 5.56
C ASP D 28 -6.33 -5.74 6.69
N PHE D 29 -5.07 -6.16 6.76
CA PHE D 29 -4.21 -5.82 7.91
C PHE D 29 -3.33 -4.60 7.72
N GLU D 30 -3.56 -3.83 6.67
CA GLU D 30 -2.63 -2.74 6.34
C GLU D 30 -2.64 -1.63 7.39
N VAL D 31 -3.78 -1.41 8.03
CA VAL D 31 -3.90 -0.41 9.09
CA VAL D 31 -3.86 -0.36 9.03
C VAL D 31 -2.88 -0.62 10.19
N CYS D 32 -2.39 -1.85 10.31
CA CYS D 32 -1.46 -2.22 11.38
C CYS D 32 -0.20 -1.38 11.31
N LYS D 33 0.15 -0.90 10.11
CA LYS D 33 1.31 -0.02 9.96
C LYS D 33 0.91 1.41 9.65
N SER D 34 -0.10 1.60 8.81
CA SER D 34 -0.48 2.90 8.30
C SER D 34 -1.32 3.73 9.27
N GLY D 35 -1.88 3.05 10.28
CA GLY D 35 -2.74 3.67 11.27
C GLY D 35 -2.08 4.66 12.20
N LYS D 36 -2.85 5.67 12.61
CA LYS D 36 -2.33 6.71 13.48
C LYS D 36 -2.88 6.60 14.94
N SER D 37 -3.67 5.56 15.21
CA SER D 37 -4.24 5.36 16.55
C SER D 37 -4.06 3.92 17.01
N GLN D 38 -2.86 3.38 16.82
CA GLN D 38 -2.62 1.95 17.03
C GLN D 38 -2.26 1.53 18.46
N SER D 39 -2.80 0.38 18.88
CA SER D 39 -2.59 -0.18 20.20
C SER D 39 -1.84 -1.53 20.19
N PRO D 40 -1.05 -1.84 21.24
CA PRO D 40 -0.84 -1.06 22.46
C PRO D 40 0.22 0.05 22.43
N ILE D 41 0.20 0.88 23.48
CA ILE D 41 1.17 1.95 23.71
C ILE D 41 1.57 1.96 25.17
N ASN D 42 2.60 2.75 25.48
CA ASN D 42 2.90 3.07 26.87
C ASN D 42 2.14 4.31 27.31
N ILE D 43 1.27 4.16 28.32
CA ILE D 43 0.46 5.27 28.77
C ILE D 43 1.28 6.12 29.69
N GLU D 44 1.72 7.28 29.20
CA GLU D 44 2.69 8.04 29.96
C GLU D 44 2.30 9.50 30.15
N HIS D 45 1.60 10.09 29.19
CA HIS D 45 1.07 11.43 29.48
C HIS D 45 -0.43 11.55 29.28
N TYR D 46 -1.07 12.13 30.27
CA TYR D 46 -2.51 12.22 30.34
C TYR D 46 -2.97 13.50 31.03
N TYR D 47 -4.27 13.74 30.98
CA TYR D 47 -4.89 14.92 31.53
C TYR D 47 -5.77 14.52 32.69
N HIS D 48 -5.59 15.14 33.86
CA HIS D 48 -6.43 14.84 35.02
C HIS D 48 -7.78 15.53 34.96
N THR D 49 -8.81 14.83 35.40
CA THR D 49 -10.19 15.30 35.33
C THR D 49 -11.05 14.84 36.49
N GLN D 50 -12.36 15.06 36.38
CA GLN D 50 -13.35 14.53 37.28
C GLN D 50 -14.11 13.37 36.64
N ASP D 51 -14.94 12.69 37.42
CA ASP D 51 -15.68 11.55 36.90
C ASP D 51 -17.17 11.83 36.83
N LYS D 52 -17.65 12.08 35.62
CA LYS D 52 -18.67 11.25 34.98
C LYS D 52 -18.37 11.21 33.46
N ALA D 53 -18.75 10.16 32.77
CA ALA D 53 -19.31 10.34 31.45
C ALA D 53 -20.09 9.12 31.12
N ASP D 54 -21.26 8.92 31.71
CA ASP D 54 -21.38 7.93 32.75
C ASP D 54 -20.95 6.60 32.15
N LEU D 55 -20.24 5.87 32.99
CA LEU D 55 -19.97 4.48 32.80
C LEU D 55 -20.84 3.79 33.84
N GLN D 56 -21.75 2.95 33.36
CA GLN D 56 -22.49 2.05 34.25
C GLN D 56 -22.24 0.59 33.92
N PHE D 57 -22.00 -0.23 34.94
CA PHE D 57 -21.74 -1.65 34.74
C PHE D 57 -23.00 -2.44 35.04
N LYS D 58 -23.44 -3.28 34.12
CA LYS D 58 -24.53 -4.19 34.45
C LYS D 58 -24.11 -5.64 34.18
N TYR D 59 -23.23 -6.16 35.04
CA TYR D 59 -22.66 -7.49 34.90
C TYR D 59 -23.35 -8.49 35.81
N ALA D 60 -23.27 -9.76 35.45
CA ALA D 60 -23.85 -10.82 36.27
C ALA D 60 -23.06 -12.11 36.13
N ALA D 61 -23.24 -13.01 37.10
CA ALA D 61 -22.62 -14.31 37.03
C ALA D 61 -23.10 -15.02 35.78
N SER D 62 -22.18 -15.44 34.93
CA SER D 62 -22.59 -16.00 33.65
C SER D 62 -21.80 -17.24 33.30
N LYS D 63 -22.52 -18.25 32.83
CA LYS D 63 -21.88 -19.43 32.30
C LYS D 63 -21.38 -19.04 30.93
N PRO D 64 -20.08 -19.26 30.71
CA PRO D 64 -19.48 -18.94 29.42
C PRO D 64 -20.22 -19.66 28.29
N LYS D 65 -20.44 -18.96 27.18
CA LYS D 65 -21.02 -19.58 26.01
C LYS D 65 -20.07 -20.69 25.54
N ALA D 66 -18.77 -20.43 25.69
CA ALA D 66 -17.73 -21.39 25.39
C ALA D 66 -16.42 -20.96 26.04
N VAL D 67 -15.52 -21.90 26.27
CA VAL D 67 -14.16 -21.56 26.67
C VAL D 67 -13.17 -22.33 25.79
N PHE D 68 -12.29 -21.62 25.08
CA PHE D 68 -11.40 -22.29 24.15
C PHE D 68 -10.17 -21.43 23.85
N PHE D 69 -9.17 -22.04 23.24
CA PHE D 69 -7.96 -21.34 22.82
C PHE D 69 -8.11 -20.93 21.36
N THR D 70 -7.91 -19.64 21.10
CA THR D 70 -8.01 -19.07 19.76
C THR D 70 -7.01 -17.93 19.60
N HIS D 71 -6.35 -17.88 18.45
CA HIS D 71 -5.44 -16.81 18.07
C HIS D 71 -4.44 -16.46 19.16
N HIS D 72 -3.85 -17.49 19.77
CA HIS D 72 -2.74 -17.38 20.73
C HIS D 72 -3.17 -16.86 22.09
N THR D 73 -4.46 -16.69 22.29
CA THR D 73 -4.97 -16.26 23.58
C THR D 73 -6.05 -17.23 24.04
N LEU D 74 -6.33 -17.28 25.34
CA LEU D 74 -7.45 -18.08 25.85
C LEU D 74 -8.70 -17.25 26.04
N LYS D 75 -9.78 -17.64 25.39
CA LYS D 75 -10.98 -16.82 25.31
C LYS D 75 -12.17 -17.51 25.92
N ALA D 76 -12.90 -16.78 26.77
CA ALA D 76 -14.16 -17.27 27.26
C ALA D 76 -15.24 -16.30 26.82
N SER D 77 -16.12 -16.75 25.93
CA SER D 77 -17.19 -15.90 25.43
C SER D 77 -18.46 -16.13 26.23
N PHE D 78 -19.36 -15.16 26.20
CA PHE D 78 -20.59 -15.24 26.97
C PHE D 78 -21.78 -14.95 26.08
N GLU D 79 -22.95 -15.42 26.51
CA GLU D 79 -24.19 -15.02 25.86
C GLU D 79 -24.39 -13.55 26.14
N PRO D 80 -25.14 -12.84 25.28
CA PRO D 80 -25.29 -11.38 25.39
C PRO D 80 -26.19 -10.93 26.56
N THR D 81 -25.80 -11.26 27.78
CA THR D 81 -26.55 -10.95 28.99
C THR D 81 -25.85 -9.93 29.91
N ASN D 82 -24.58 -9.63 29.64
CA ASN D 82 -23.84 -8.63 30.44
C ASN D 82 -23.56 -7.35 29.65
N HIS D 83 -23.71 -6.20 30.29
CA HIS D 83 -23.52 -4.91 29.63
C HIS D 83 -22.74 -3.86 30.40
N ILE D 84 -22.20 -2.88 29.65
CA ILE D 84 -21.70 -1.61 30.15
C ILE D 84 -22.44 -0.48 29.42
N ASN D 85 -22.85 0.57 30.14
CA ASN D 85 -23.47 1.76 29.52
C ASN D 85 -22.51 2.93 29.41
N TYR D 86 -22.25 3.39 28.20
CA TYR D 86 -21.34 4.50 28.03
C TYR D 86 -22.01 5.55 27.14
N ARG D 87 -22.18 6.74 27.69
CA ARG D 87 -22.79 7.85 26.98
C ARG D 87 -24.17 7.53 26.41
N GLY D 88 -24.99 6.84 27.19
CA GLY D 88 -26.37 6.52 26.84
C GLY D 88 -26.53 5.39 25.85
N HIS D 89 -25.49 4.58 25.69
CA HIS D 89 -25.51 3.45 24.77
C HIS D 89 -25.05 2.16 25.45
N ASP D 90 -25.78 1.05 25.24
CA ASP D 90 -25.39 -0.26 25.81
C ASP D 90 -24.32 -0.96 25.01
N TYR D 91 -23.25 -1.32 25.72
CA TYR D 91 -22.15 -2.07 25.14
C TYR D 91 -22.13 -3.46 25.77
N VAL D 92 -22.40 -4.49 24.96
CA VAL D 92 -22.51 -5.86 25.46
C VAL D 92 -21.17 -6.62 25.52
N LEU D 93 -20.91 -7.29 26.64
CA LEU D 93 -19.71 -8.11 26.80
C LEU D 93 -19.74 -9.36 25.92
N ASP D 94 -18.74 -9.48 25.06
CA ASP D 94 -18.56 -10.65 24.21
C ASP D 94 -17.64 -11.69 24.84
N ASN D 95 -16.48 -11.23 25.28
CA ASN D 95 -15.48 -12.14 25.77
C ASN D 95 -14.47 -11.49 26.67
N VAL D 96 -13.79 -12.34 27.43
CA VAL D 96 -12.62 -12.00 28.18
C VAL D 96 -11.53 -12.90 27.65
N HIS D 97 -10.43 -12.32 27.23
CA HIS D 97 -9.29 -13.10 26.79
C HIS D 97 -8.06 -12.57 27.47
N PHE D 98 -6.93 -13.22 27.24
CA PHE D 98 -5.77 -12.96 28.05
C PHE D 98 -4.60 -12.65 27.19
N HIS D 99 -3.67 -11.91 27.75
CA HIS D 99 -2.41 -11.68 27.08
C HIS D 99 -1.33 -11.92 28.10
N ALA D 100 -0.29 -12.62 27.68
CA ALA D 100 0.88 -12.85 28.51
C ALA D 100 2.15 -12.56 27.72
N PRO D 101 2.89 -11.51 28.11
CA PRO D 101 2.55 -10.57 29.20
C PRO D 101 1.46 -9.55 28.86
N MET D 102 1.17 -8.67 29.81
CA MET D 102 0.23 -7.58 29.59
C MET D 102 0.76 -6.69 28.47
N GLU D 103 -0.16 -6.26 27.62
CA GLU D 103 0.20 -5.50 26.43
C GLU D 103 0.43 -4.01 26.71
N PHE D 104 -0.53 -3.39 27.39
CA PHE D 104 -0.48 -1.97 27.74
C PHE D 104 0.39 -1.61 28.94
N LEU D 105 1.23 -0.60 28.76
CA LEU D 105 2.07 -0.11 29.85
C LEU D 105 1.54 1.18 30.41
N ILE D 106 1.47 1.25 31.73
CA ILE D 106 1.19 2.49 32.41
C ILE D 106 2.50 2.95 33.01
N ASN D 107 3.04 4.04 32.49
CA ASN D 107 4.32 4.57 32.95
C ASN D 107 5.50 3.57 32.99
N ASN D 108 5.68 2.84 31.90
CA ASN D 108 6.86 1.97 31.66
C ASN D 108 6.93 0.71 32.57
N LYS D 109 5.82 0.42 33.22
CA LYS D 109 5.69 -0.75 34.08
C LYS D 109 4.56 -1.61 33.55
N THR D 110 4.73 -2.92 33.47
CA THR D 110 3.56 -3.74 33.12
C THR D 110 3.57 -5.10 33.85
N ARG D 111 2.37 -5.62 34.08
CA ARG D 111 2.07 -6.97 34.58
C ARG D 111 2.36 -8.16 33.63
N PRO D 112 2.55 -9.37 34.20
CA PRO D 112 2.81 -10.64 33.51
C PRO D 112 1.59 -11.21 32.79
N LEU D 113 0.43 -10.64 33.05
CA LEU D 113 -0.81 -11.10 32.43
C LEU D 113 -1.81 -9.96 32.46
N SER D 114 -2.70 -9.94 31.46
CA SER D 114 -3.83 -9.02 31.44
C SER D 114 -5.07 -9.69 30.90
N ALA D 115 -6.22 -9.10 31.17
CA ALA D 115 -7.49 -9.59 30.61
C ALA D 115 -8.22 -8.49 29.87
N HIS D 116 -8.75 -8.81 28.70
CA HIS D 116 -9.50 -7.83 27.94
C HIS D 116 -10.99 -8.15 27.91
N PHE D 117 -11.81 -7.19 28.34
CA PHE D 117 -13.24 -7.37 28.30
C PHE D 117 -13.80 -6.67 27.08
N VAL D 118 -14.15 -7.45 26.06
CA VAL D 118 -14.50 -6.91 24.75
C VAL D 118 -16.01 -6.69 24.60
N HIS D 119 -16.41 -5.45 24.33
CA HIS D 119 -17.84 -5.08 24.22
C HIS D 119 -18.22 -4.46 22.88
N LYS D 120 -19.49 -4.59 22.50
CA LYS D 120 -19.99 -4.04 21.24
C LYS D 120 -21.37 -3.39 21.41
N ASP D 121 -21.58 -2.21 20.83
CA ASP D 121 -22.90 -1.59 20.86
C ASP D 121 -23.68 -1.93 19.60
N ALA D 122 -24.82 -1.28 19.42
CA ALA D 122 -25.71 -1.56 18.31
C ALA D 122 -25.09 -1.24 16.97
N LYS D 123 -24.23 -0.22 16.91
CA LYS D 123 -23.58 0.16 15.64
C LYS D 123 -22.25 -0.56 15.36
N GLY D 124 -21.79 -1.37 16.32
CA GLY D 124 -20.58 -2.12 16.08
C GLY D 124 -19.36 -1.47 16.67
N ARG D 125 -19.60 -0.41 17.43
CA ARG D 125 -18.53 0.29 18.13
C ARG D 125 -18.04 -0.57 19.29
N LEU D 126 -16.73 -0.63 19.47
CA LEU D 126 -16.14 -1.51 20.49
C LEU D 126 -15.73 -0.73 21.71
N LEU D 127 -15.99 -1.32 22.86
CA LEU D 127 -15.51 -0.80 24.13
C LEU D 127 -14.77 -1.95 24.75
N VAL D 128 -13.48 -1.78 24.95
CA VAL D 128 -12.71 -2.88 25.51
C VAL D 128 -12.06 -2.45 26.79
N LEU D 129 -12.14 -3.35 27.75
CA LEU D 129 -11.68 -3.12 29.09
C LEU D 129 -10.39 -3.90 29.33
N ALA D 130 -9.35 -3.23 29.84
CA ALA D 130 -8.07 -3.91 30.13
C ALA D 130 -7.70 -3.80 31.61
N ILE D 131 -7.21 -4.90 32.19
CA ILE D 131 -6.77 -4.97 33.59
C ILE D 131 -5.65 -6.00 33.78
N GLY D 132 -4.61 -5.65 34.52
CA GLY D 132 -3.49 -6.57 34.72
C GLY D 132 -3.59 -7.56 35.88
N PHE D 133 -2.81 -8.63 35.79
CA PHE D 133 -2.75 -9.65 36.85
C PHE D 133 -1.36 -9.79 37.49
N GLY D 136 -0.13 -13.56 43.58
CA GLY D 136 -0.57 -13.49 44.96
C GLY D 136 -1.60 -14.55 45.31
N LYS D 137 -2.73 -14.12 45.88
CA LYS D 137 -3.77 -15.05 46.27
C LYS D 137 -4.38 -15.67 45.03
N GLU D 138 -4.91 -16.86 45.21
CA GLU D 138 -5.61 -17.53 44.14
C GLU D 138 -6.81 -16.69 43.84
N ASN D 139 -7.15 -16.59 42.57
CA ASN D 139 -8.31 -15.82 42.14
C ASN D 139 -9.45 -16.78 41.80
N PRO D 140 -10.51 -16.76 42.63
CA PRO D 140 -11.67 -17.66 42.50
C PRO D 140 -12.47 -17.43 41.22
N ASN D 141 -12.33 -16.24 40.62
CA ASN D 141 -12.99 -15.90 39.37
C ASN D 141 -12.36 -16.55 38.14
N LEU D 142 -11.07 -16.85 38.24
CA LEU D 142 -10.32 -17.49 37.16
C LEU D 142 -10.61 -18.98 37.05
N ASP D 143 -10.98 -19.58 38.17
CA ASP D 143 -11.17 -21.02 38.23
C ASP D 143 -12.26 -21.57 37.32
N PRO D 144 -13.42 -20.89 37.20
CA PRO D 144 -14.40 -21.46 36.26
C PRO D 144 -13.91 -21.45 34.81
N ILE D 145 -13.00 -20.53 34.52
CA ILE D 145 -12.36 -20.40 33.21
C ILE D 145 -11.29 -21.47 32.98
N LEU D 146 -10.42 -21.64 33.97
CA LEU D 146 -9.36 -22.64 33.91
C LEU D 146 -9.94 -24.05 33.95
N GLU D 147 -11.03 -24.19 34.67
CA GLU D 147 -11.82 -25.42 34.75
C GLU D 147 -12.61 -25.62 33.48
N GLY D 148 -12.90 -24.50 32.82
CA GLY D 148 -13.78 -24.51 31.67
C GLY D 148 -13.07 -24.84 30.39
N ILE D 149 -11.78 -24.58 30.28
CA ILE D 149 -11.09 -24.91 29.03
C ILE D 149 -10.87 -26.43 28.97
N GLN D 150 -11.20 -27.10 30.07
CA GLN D 150 -11.05 -28.55 30.13
C GLN D 150 -12.36 -29.27 29.77
N LYS D 151 -13.38 -28.50 29.35
CA LYS D 151 -14.70 -29.02 28.94
C LYS D 151 -15.11 -28.43 27.58
N LYS D 152 -16.17 -28.98 26.97
CA LYS D 152 -16.65 -28.48 25.67
C LYS D 152 -18.18 -28.25 25.68
N GLN D 153 -18.84 -28.71 26.74
CA GLN D 153 -20.29 -28.60 26.88
C GLN D 153 -20.66 -27.70 28.05
N ASN D 154 -20.98 -28.30 29.21
CA ASN D 154 -21.32 -27.53 30.41
C ASN D 154 -20.18 -26.70 31.01
N PHE D 155 -20.48 -25.42 31.28
CA PHE D 155 -19.54 -24.53 31.96
C PHE D 155 -20.20 -23.94 33.19
N LYS D 156 -19.40 -23.70 34.22
CA LYS D 156 -19.88 -23.06 35.45
C LYS D 156 -19.92 -21.55 35.31
N GLU D 157 -20.84 -20.91 36.01
CA GLU D 157 -21.01 -19.48 35.92
C GLU D 157 -19.71 -18.79 36.32
N VAL D 158 -19.31 -17.80 35.55
CA VAL D 158 -18.20 -16.97 35.93
C VAL D 158 -18.76 -15.74 36.63
N ALA D 159 -18.20 -15.43 37.79
CA ALA D 159 -18.68 -14.31 38.61
C ALA D 159 -18.19 -12.98 38.07
N LEU D 160 -18.80 -12.54 36.97
CA LEU D 160 -18.42 -11.30 36.32
C LEU D 160 -18.65 -10.10 37.22
N ASP D 161 -19.64 -10.19 38.08
CA ASP D 161 -19.95 -9.08 38.99
C ASP D 161 -18.94 -9.01 40.13
N ALA D 162 -18.05 -9.99 40.19
CA ALA D 162 -17.04 -10.04 41.25
C ALA D 162 -15.63 -10.03 40.69
N PHE D 163 -15.51 -10.09 39.38
CA PHE D 163 -14.21 -10.25 38.74
C PHE D 163 -13.34 -9.00 38.94
N LEU D 164 -13.92 -7.86 38.61
CA LEU D 164 -13.23 -6.58 38.65
C LEU D 164 -13.28 -5.95 40.04
N PRO D 165 -12.36 -5.03 40.33
CA PRO D 165 -12.48 -4.25 41.57
C PRO D 165 -13.74 -3.37 41.57
N LYS D 166 -14.31 -3.12 42.75
CA LYS D 166 -15.48 -2.23 42.89
C LYS D 166 -15.18 -0.80 42.48
N SER D 167 -14.14 -0.23 43.09
CA SER D 167 -13.69 1.13 42.77
C SER D 167 -12.35 1.04 42.06
N ILE D 168 -12.30 1.60 40.86
CA ILE D 168 -11.14 1.50 39.97
C ILE D 168 -10.59 2.84 39.50
N ASN D 169 -9.28 2.90 39.25
CA ASN D 169 -8.65 4.05 38.57
C ASN D 169 -8.25 3.65 37.14
N TYR D 170 -8.66 4.44 36.14
CA TYR D 170 -8.46 4.00 34.76
C TYR D 170 -7.93 5.08 33.80
N TYR D 171 -7.37 4.65 32.69
CA TYR D 171 -6.99 5.55 31.60
C TYR D 171 -7.88 5.29 30.38
N HIS D 172 -8.43 6.35 29.81
CA HIS D 172 -9.35 6.21 28.70
C HIS D 172 -8.85 6.96 27.50
N PHE D 173 -8.82 6.29 26.34
CA PHE D 173 -8.32 6.88 25.10
C PHE D 173 -8.91 6.13 23.93
N ASN D 174 -8.74 6.67 22.74
CA ASN D 174 -9.17 6.01 21.53
C ASN D 174 -8.00 5.25 20.94
N GLY D 175 -8.21 3.97 20.65
CA GLY D 175 -7.13 3.15 20.15
C GLY D 175 -7.56 2.13 19.13
N SER D 176 -6.87 1.00 19.08
CA SER D 176 -7.14 0.00 18.06
C SER D 176 -7.17 -1.42 18.64
N LEU D 177 -7.65 -2.40 17.87
CA LEU D 177 -7.47 -3.81 18.21
C LEU D 177 -5.99 -4.04 18.29
N THR D 178 -5.57 -4.85 19.24
CA THR D 178 -4.16 -5.09 19.47
C THR D 178 -3.70 -6.29 18.67
N ALA D 179 -4.62 -6.85 17.88
CA ALA D 179 -4.35 -7.98 17.00
C ALA D 179 -4.96 -7.72 15.63
N PRO D 180 -4.41 -8.34 14.57
CA PRO D 180 -5.01 -8.15 13.24
C PRO D 180 -6.51 -8.43 13.24
N PRO D 181 -7.28 -7.66 12.48
CA PRO D 181 -6.86 -6.66 11.48
C PRO D 181 -6.57 -5.26 12.02
N CYS D 182 -6.36 -5.12 13.33
CA CYS D 182 -5.95 -3.87 13.97
C CYS D 182 -6.94 -2.73 13.81
N THR D 183 -8.23 -3.03 13.82
CA THR D 183 -9.24 -2.01 13.62
C THR D 183 -9.17 -0.91 14.67
N GLU D 184 -9.23 0.34 14.25
CA GLU D 184 -9.16 1.47 15.16
C GLU D 184 -10.55 1.86 15.63
N GLY D 185 -10.63 2.94 16.41
CA GLY D 185 -11.92 3.36 16.92
C GLY D 185 -12.35 2.55 18.12
N VAL D 186 -11.37 1.97 18.80
CA VAL D 186 -11.64 1.18 20.00
C VAL D 186 -11.59 2.08 21.22
N ALA D 187 -12.69 2.13 21.97
CA ALA D 187 -12.71 2.89 23.21
C ALA D 187 -12.07 2.07 24.32
N TRP D 188 -10.84 2.42 24.67
CA TRP D 188 -10.09 1.71 25.70
C TRP D 188 -10.21 2.35 27.08
N PHE D 189 -10.46 1.51 28.07
CA PHE D 189 -10.43 1.92 29.48
C PHE D 189 -9.39 1.00 30.11
N VAL D 190 -8.23 1.56 30.49
CA VAL D 190 -7.17 0.72 31.02
C VAL D 190 -7.06 0.88 32.54
N ILE D 191 -7.44 -0.18 33.25
CA ILE D 191 -7.53 -0.13 34.71
C ILE D 191 -6.15 -0.28 35.32
N GLU D 192 -5.83 0.65 36.21
CA GLU D 192 -4.53 0.67 36.87
C GLU D 192 -4.48 -0.35 38.02
N GLU D 193 -5.59 -0.50 38.73
CA GLU D 193 -5.64 -1.43 39.87
C GLU D 193 -5.51 -2.86 39.41
N PRO D 194 -4.64 -3.62 40.08
CA PRO D 194 -4.36 -5.03 39.79
C PRO D 194 -5.41 -6.00 40.32
N LEU D 195 -5.59 -7.09 39.61
CA LEU D 195 -6.27 -8.25 40.18
C LEU D 195 -5.16 -9.11 40.70
N GLU D 196 -5.48 -10.13 41.48
CA GLU D 196 -4.45 -10.97 42.01
C GLU D 196 -4.49 -12.29 41.27
N VAL D 197 -3.34 -12.93 41.11
CA VAL D 197 -3.28 -14.25 40.50
C VAL D 197 -2.12 -15.04 41.12
N SER D 198 -2.33 -16.33 41.37
CA SER D 198 -1.25 -17.11 41.94
C SER D 198 -0.23 -17.40 40.86
N ALA D 199 1.00 -17.69 41.25
CA ALA D 199 2.03 -18.05 40.29
C ALA D 199 1.63 -19.34 39.62
N LYS D 200 0.94 -20.19 40.38
CA LYS D 200 0.47 -21.47 39.88
C LYS D 200 -0.74 -21.33 38.94
N GLN D 201 -1.65 -20.41 39.23
CA GLN D 201 -2.74 -20.12 38.29
C GLN D 201 -2.15 -19.53 37.02
N LEU D 202 -1.15 -18.68 37.22
CA LEU D 202 -0.45 -17.98 36.16
C LEU D 202 0.23 -18.95 35.22
N ALA D 203 0.91 -19.93 35.80
CA ALA D 203 1.65 -20.93 35.03
C ALA D 203 0.73 -21.77 34.13
N GLU D 204 -0.46 -22.09 34.61
CA GLU D 204 -1.39 -22.89 33.83
C GLU D 204 -1.87 -22.17 32.59
N ILE D 205 -2.39 -20.96 32.77
CA ILE D 205 -2.98 -20.19 31.69
C ILE D 205 -1.96 -19.75 30.65
N LYS D 206 -0.76 -19.43 31.10
CA LYS D 206 0.28 -19.03 30.17
C LYS D 206 0.69 -20.24 29.35
N LYS D 207 0.68 -21.42 29.97
CA LYS D 207 0.99 -22.67 29.31
C LYS D 207 -0.19 -23.09 28.43
N ARG D 208 -1.43 -22.76 28.83
CA ARG D 208 -2.59 -23.04 27.97
C ARG D 208 -2.50 -22.14 26.74
N MET D 209 -1.73 -21.08 26.85
CA MET D 209 -1.38 -20.24 25.71
C MET D 209 0.01 -20.63 25.23
N LYS D 210 0.32 -21.92 25.43
CA LYS D 210 1.50 -22.57 24.88
C LYS D 210 2.79 -21.97 25.38
N ASN D 211 2.74 -21.31 26.52
CA ASN D 211 3.91 -20.69 27.11
C ASN D 211 4.66 -19.85 26.07
N SER D 212 3.90 -19.31 25.13
CA SER D 212 4.39 -18.44 24.08
C SER D 212 3.71 -17.09 24.21
N PRO D 213 4.49 -16.04 24.47
CA PRO D 213 3.99 -14.68 24.69
C PRO D 213 3.09 -14.16 23.56
N ASN D 214 1.93 -13.63 23.93
CA ASN D 214 1.03 -13.03 22.96
C ASN D 214 0.82 -11.57 23.30
N GLN D 215 1.93 -10.85 23.39
CA GLN D 215 1.85 -9.43 23.67
C GLN D 215 2.33 -8.72 22.41
N ARG D 216 1.44 -7.95 21.77
CA ARG D 216 1.86 -7.10 20.68
C ARG D 216 2.73 -6.01 21.27
N PRO D 217 3.88 -5.76 20.63
CA PRO D 217 4.77 -4.71 21.14
C PRO D 217 4.10 -3.35 21.10
N VAL D 218 4.61 -2.45 21.92
CA VAL D 218 4.09 -1.11 22.06
C VAL D 218 4.14 -0.39 20.72
N GLN D 219 3.04 0.30 20.37
CA GLN D 219 2.94 0.98 19.07
C GLN D 219 3.26 2.47 19.16
N PRO D 220 3.49 3.13 17.99
CA PRO D 220 3.74 4.57 17.95
C PRO D 220 2.64 5.44 18.56
N ASP D 221 3.02 6.42 19.37
CA ASP D 221 2.02 7.29 20.00
C ASP D 221 2.02 8.65 19.34
N TYR D 222 0.95 8.92 18.62
CA TYR D 222 0.79 10.17 17.92
C TYR D 222 0.05 11.17 18.81
N ASN D 223 0.65 11.42 19.96
CA ASN D 223 0.13 12.36 20.94
C ASN D 223 -1.32 12.05 21.29
N THR D 224 -1.60 10.78 21.52
CA THR D 224 -2.96 10.32 21.88
C THR D 224 -3.49 11.12 23.05
N VAL D 225 -4.72 11.60 22.94
CA VAL D 225 -5.34 12.31 24.06
C VAL D 225 -5.84 11.30 25.09
N ILE D 226 -5.18 11.32 26.24
CA ILE D 226 -5.38 10.42 27.36
C ILE D 226 -5.88 11.16 28.62
N ILE D 227 -7.01 10.72 29.18
CA ILE D 227 -7.51 11.21 30.48
C ILE D 227 -7.42 10.15 31.57
N LYS D 228 -7.14 10.57 32.80
CA LYS D 228 -7.19 9.64 33.92
C LYS D 228 -8.41 9.91 34.78
N SER D 229 -9.19 8.87 35.05
CA SER D 229 -10.40 9.01 35.86
C SER D 229 -10.61 7.76 36.72
N SER D 230 -11.80 7.57 37.26
CA SER D 230 -12.10 6.43 38.12
C SER D 230 -13.57 6.02 38.06
N ALA D 231 -13.92 4.79 38.44
CA ALA D 231 -15.32 4.36 38.37
C ALA D 231 -15.76 3.25 39.34
N GLU D 232 -17.08 3.04 39.40
CA GLU D 232 -17.72 1.96 40.17
C GLU D 232 -18.31 0.84 39.31
N THR D 233 -17.87 -0.39 39.60
CA THR D 233 -18.31 -1.54 38.84
C THR D 233 -19.54 -2.15 39.50
N ARG D 234 -19.84 -1.67 40.69
CA ARG D 234 -20.95 -2.14 41.52
C ARG D 234 -21.33 -1.07 42.55
N LYS E 9 26.97 -48.21 -64.66
CA LYS E 9 28.43 -48.21 -64.58
C LYS E 9 28.93 -47.21 -63.53
N TRP E 10 28.11 -46.19 -63.22
CA TRP E 10 28.42 -45.21 -62.17
C TRP E 10 28.62 -45.85 -60.79
N ASP E 11 29.65 -45.39 -60.09
CA ASP E 11 29.91 -45.85 -58.73
C ASP E 11 30.46 -44.70 -57.89
N TYR E 12 30.99 -45.05 -56.71
CA TYR E 12 31.55 -44.05 -55.81
C TYR E 12 33.06 -44.08 -55.71
N LYS E 13 33.71 -44.77 -56.66
CA LYS E 13 35.17 -44.82 -56.71
C LYS E 13 35.69 -43.48 -57.29
N ASN E 14 36.98 -43.19 -57.18
CA ASN E 14 37.46 -41.91 -57.73
C ASN E 14 38.02 -42.12 -59.13
N LYS E 15 37.52 -43.11 -59.85
CA LYS E 15 38.08 -43.41 -61.16
C LYS E 15 37.13 -43.04 -62.26
N GLU E 16 37.18 -43.78 -63.35
CA GLU E 16 36.49 -43.39 -64.57
C GLU E 16 34.99 -43.27 -64.38
N ASN E 17 34.44 -43.99 -63.40
CA ASN E 17 33.00 -44.03 -63.20
C ASN E 17 32.49 -43.30 -61.94
N GLY E 18 33.38 -42.56 -61.27
CA GLY E 18 33.06 -41.91 -60.01
C GLY E 18 32.22 -40.66 -60.00
N PRO E 19 31.85 -40.19 -58.78
CA PRO E 19 30.95 -39.05 -58.60
C PRO E 19 31.41 -37.81 -59.36
N HIS E 20 32.72 -37.63 -59.47
CA HIS E 20 33.25 -36.46 -60.15
C HIS E 20 32.98 -36.54 -61.64
N ARG E 21 32.64 -37.74 -62.13
CA ARG E 21 32.47 -37.93 -63.57
C ARG E 21 31.13 -38.49 -63.96
N TRP E 22 30.19 -38.53 -63.03
CA TRP E 22 28.88 -39.15 -63.28
C TRP E 22 28.23 -38.48 -64.48
N ASP E 23 28.43 -37.18 -64.60
CA ASP E 23 27.84 -36.40 -65.67
C ASP E 23 28.42 -36.74 -67.03
N LYS E 24 29.66 -37.23 -67.06
CA LYS E 24 30.32 -37.57 -68.31
C LYS E 24 29.83 -38.90 -68.83
N LEU E 25 29.41 -39.77 -67.94
CA LEU E 25 29.08 -41.13 -68.29
C LEU E 25 27.84 -41.19 -69.17
N HIS E 26 26.91 -40.28 -68.92
CA HIS E 26 25.66 -40.25 -69.66
C HIS E 26 25.12 -38.82 -69.63
N LYS E 27 24.41 -38.39 -70.66
CA LYS E 27 23.96 -37.02 -70.69
C LYS E 27 22.72 -36.86 -69.81
N ASP E 28 22.05 -37.97 -69.50
CA ASP E 28 20.97 -37.98 -68.51
C ASP E 28 21.53 -37.48 -67.16
N PHE E 29 22.82 -37.69 -66.97
CA PHE E 29 23.49 -37.39 -65.71
C PHE E 29 24.10 -35.99 -65.75
N GLU E 30 23.72 -35.17 -66.72
CA GLU E 30 24.35 -33.85 -66.84
C GLU E 30 23.97 -32.89 -65.68
N VAL E 31 22.75 -33.01 -65.17
CA VAL E 31 22.37 -32.15 -64.06
C VAL E 31 23.17 -32.50 -62.78
N CYS E 32 23.84 -33.65 -62.77
CA CYS E 32 24.74 -34.01 -61.67
C CYS E 32 25.85 -32.99 -61.52
N LYS E 33 26.16 -32.30 -62.61
CA LYS E 33 27.17 -31.25 -62.56
C LYS E 33 26.55 -29.88 -62.71
N SER E 34 25.63 -29.74 -63.67
CA SER E 34 25.06 -28.44 -64.03
C SER E 34 23.93 -27.93 -63.14
N GLY E 35 23.38 -28.82 -62.31
CA GLY E 35 22.28 -28.45 -61.44
C GLY E 35 22.70 -27.44 -60.40
N LYS E 36 21.78 -26.58 -59.99
CA LYS E 36 22.12 -25.52 -59.02
C LYS E 36 21.59 -25.83 -57.62
N SER E 37 20.92 -26.97 -57.48
CA SER E 37 20.31 -27.40 -56.24
CA SER E 37 20.38 -27.37 -56.19
C SER E 37 20.66 -28.86 -55.96
N GLN E 38 21.95 -29.17 -55.99
CA GLN E 38 22.43 -30.52 -55.85
C GLN E 38 22.59 -30.93 -54.38
N SER E 39 22.30 -32.20 -54.10
CA SER E 39 22.40 -32.80 -52.77
C SER E 39 23.50 -33.86 -52.79
N PRO E 40 24.15 -34.09 -51.65
CA PRO E 40 23.91 -33.48 -50.36
C PRO E 40 24.69 -32.21 -50.08
N ILE E 41 24.32 -31.53 -49.00
CA ILE E 41 25.04 -30.36 -48.50
C ILE E 41 25.28 -30.45 -47.00
N ASN E 42 26.16 -29.58 -46.52
CA ASN E 42 26.35 -29.39 -45.10
C ASN E 42 25.30 -28.41 -44.62
N ILE E 43 24.45 -28.85 -43.72
CA ILE E 43 23.37 -28.02 -43.22
C ILE E 43 23.88 -27.15 -42.09
N GLU E 44 24.10 -25.89 -42.41
CA GLU E 44 24.75 -24.99 -41.47
C GLU E 44 24.12 -23.59 -41.35
N HIS E 45 23.41 -23.13 -42.37
CA HIS E 45 22.68 -21.86 -42.28
C HIS E 45 21.19 -22.11 -42.48
N TYR E 46 20.37 -21.76 -41.49
CA TYR E 46 18.96 -22.06 -41.58
C TYR E 46 18.06 -21.14 -40.76
N TYR E 47 16.76 -21.27 -40.99
CA TYR E 47 15.75 -20.43 -40.38
C TYR E 47 14.90 -21.25 -39.43
N HIS E 48 14.70 -20.75 -38.22
CA HIS E 48 13.82 -21.39 -37.27
C HIS E 48 12.35 -21.04 -37.46
N THR E 49 11.51 -22.05 -37.38
CA THR E 49 10.06 -21.88 -37.42
C THR E 49 9.59 -23.07 -36.56
N GLN E 50 8.30 -23.20 -36.26
CA GLN E 50 7.83 -24.37 -35.50
C GLN E 50 6.97 -25.32 -36.33
N ASP E 51 6.27 -26.22 -35.63
CA ASP E 51 5.47 -27.31 -36.22
C ASP E 51 4.23 -26.72 -36.92
N LYS E 52 4.13 -26.92 -38.23
CA LYS E 52 3.00 -26.40 -38.98
C LYS E 52 1.82 -27.34 -38.90
N ALA E 53 2.13 -28.62 -38.61
CA ALA E 53 1.23 -29.79 -38.67
C ALA E 53 1.18 -30.19 -40.13
N ASP E 54 2.19 -29.70 -40.83
CA ASP E 54 2.42 -29.90 -42.26
C ASP E 54 2.63 -31.33 -42.71
N LEU E 55 3.17 -32.15 -41.83
CA LEU E 55 3.71 -33.42 -42.24
C LEU E 55 3.05 -34.50 -41.42
N GLN E 56 2.25 -35.33 -42.07
CA GLN E 56 1.57 -36.43 -41.41
C GLN E 56 1.96 -37.80 -41.92
N PHE E 57 2.22 -38.72 -41.01
CA PHE E 57 2.68 -40.02 -41.40
C PHE E 57 1.53 -41.00 -41.39
N LYS E 58 1.38 -41.78 -42.47
CA LYS E 58 0.43 -42.89 -42.43
C LYS E 58 1.16 -44.18 -42.81
N TYR E 59 2.01 -44.64 -41.89
CA TYR E 59 2.86 -45.81 -42.07
C TYR E 59 2.25 -46.98 -41.31
N ALA E 60 2.58 -48.19 -41.70
CA ALA E 60 2.19 -49.39 -40.96
C ALA E 60 3.21 -50.47 -41.25
N ALA E 61 3.24 -51.51 -40.44
CA ALA E 61 4.13 -52.64 -40.68
C ALA E 61 3.83 -53.22 -42.04
N SER E 62 4.85 -53.34 -42.87
CA SER E 62 4.66 -53.73 -44.26
C SER E 62 5.67 -54.78 -44.67
N LYS E 63 5.16 -55.77 -45.40
CA LYS E 63 6.01 -56.79 -45.99
C LYS E 63 6.62 -56.18 -47.22
N PRO E 64 7.96 -56.16 -47.31
CA PRO E 64 8.58 -55.55 -48.47
C PRO E 64 8.18 -56.25 -49.76
N LYS E 65 7.95 -55.47 -50.82
CA LYS E 65 7.73 -56.04 -52.15
C LYS E 65 8.97 -56.81 -52.56
N ALA E 66 10.14 -56.27 -52.19
CA ALA E 66 11.41 -56.91 -52.45
C ALA E 66 12.48 -56.32 -51.55
N VAL E 67 13.53 -57.07 -51.26
CA VAL E 67 14.72 -56.52 -50.58
C VAL E 67 15.95 -56.92 -51.40
N PHE E 68 16.70 -55.94 -51.89
CA PHE E 68 17.77 -56.26 -52.83
C PHE E 68 18.87 -55.22 -52.87
N PHE E 69 19.98 -55.62 -53.48
CA PHE E 69 21.12 -54.73 -53.70
C PHE E 69 20.95 -54.13 -55.06
N THR E 70 21.00 -52.82 -55.14
CA THR E 70 20.87 -52.11 -56.41
C THR E 70 21.68 -50.83 -56.37
N HIS E 71 22.46 -50.58 -57.41
CA HIS E 71 23.24 -49.36 -57.54
C HIS E 71 23.92 -48.99 -56.24
N HIS E 72 24.61 -49.98 -55.68
CA HIS E 72 25.52 -49.83 -54.53
C HIS E 72 24.85 -49.65 -53.18
N THR E 73 23.52 -49.78 -53.12
CA THR E 73 22.83 -49.63 -51.85
C THR E 73 22.00 -50.87 -51.57
N LEU E 74 21.60 -51.04 -50.32
CA LEU E 74 20.66 -52.08 -49.90
C LEU E 74 19.27 -51.46 -49.89
N LYS E 75 18.33 -51.99 -50.66
CA LYS E 75 17.06 -51.30 -50.85
C LYS E 75 15.88 -52.20 -50.55
N ALA E 76 14.91 -51.67 -49.81
CA ALA E 76 13.67 -52.40 -49.56
C ALA E 76 12.49 -51.67 -50.15
N SER E 77 11.83 -52.31 -51.12
CA SER E 77 10.64 -51.73 -51.78
C SER E 77 9.38 -52.24 -51.15
N PHE E 78 8.32 -51.45 -51.28
CA PHE E 78 7.04 -51.79 -50.68
C PHE E 78 5.92 -51.63 -51.67
N GLU E 79 4.82 -52.31 -51.40
CA GLU E 79 3.60 -52.05 -52.11
C GLU E 79 3.15 -50.65 -51.70
N PRO E 80 2.36 -49.98 -52.56
CA PRO E 80 2.02 -48.59 -52.26
C PRO E 80 0.98 -48.39 -51.15
N THR E 81 1.25 -48.89 -49.95
CA THR E 81 0.26 -48.78 -48.88
C THR E 81 0.70 -47.78 -47.83
N ASN E 82 1.94 -47.30 -47.93
CA ASN E 82 2.42 -46.31 -46.98
C ASN E 82 2.51 -44.95 -47.66
N HIS E 83 2.06 -43.93 -46.94
CA HIS E 83 1.99 -42.57 -47.44
C HIS E 83 2.46 -41.56 -46.39
N ILE E 84 2.87 -40.38 -46.85
CA ILE E 84 3.03 -39.20 -46.01
C ILE E 84 2.12 -38.12 -46.58
N ASN E 85 1.44 -37.38 -45.72
CA ASN E 85 0.62 -36.25 -46.14
C ASN E 85 1.43 -35.00 -45.90
N TYR E 86 1.71 -34.25 -46.94
CA TYR E 86 2.47 -33.02 -46.77
C TYR E 86 1.77 -31.84 -47.40
N ARG E 87 1.43 -30.87 -46.56
CA ARG E 87 0.76 -29.65 -46.97
C ARG E 87 -0.52 -30.05 -47.67
N GLY E 88 -1.07 -31.20 -47.27
CA GLY E 88 -2.29 -31.71 -47.88
C GLY E 88 -2.03 -32.41 -49.21
N HIS E 89 -0.81 -32.87 -49.42
CA HIS E 89 -0.49 -33.58 -50.64
C HIS E 89 0.08 -34.93 -50.24
N ASP E 90 -0.49 -35.98 -50.83
CA ASP E 90 -0.14 -37.36 -50.54
C ASP E 90 1.00 -37.93 -51.37
N TYR E 91 2.05 -38.36 -50.70
CA TYR E 91 3.22 -38.98 -51.30
C TYR E 91 3.33 -40.42 -50.82
N VAL E 92 3.31 -41.40 -51.72
CA VAL E 92 3.39 -42.82 -51.35
C VAL E 92 4.84 -43.31 -51.20
N LEU E 93 5.10 -44.05 -50.12
CA LEU E 93 6.43 -44.63 -49.90
C LEU E 93 6.76 -45.75 -50.91
N ASP E 94 7.84 -45.57 -51.66
CA ASP E 94 8.28 -46.57 -52.63
C ASP E 94 9.33 -47.49 -52.00
N ASN E 95 10.33 -46.90 -51.35
CA ASN E 95 11.42 -47.69 -50.77
C ASN E 95 12.18 -47.00 -49.62
N VAL E 96 12.90 -47.85 -48.87
CA VAL E 96 13.91 -47.44 -47.89
C VAL E 96 15.24 -47.99 -48.36
N HIS E 97 16.26 -47.14 -48.49
CA HIS E 97 17.58 -47.64 -48.85
C HIS E 97 18.58 -46.96 -47.95
N PHE E 98 19.84 -47.38 -48.04
CA PHE E 98 20.81 -46.97 -47.04
C PHE E 98 22.05 -46.38 -47.66
N HIS E 99 22.67 -45.49 -46.88
CA HIS E 99 23.92 -44.87 -47.25
C HIS E 99 24.93 -45.00 -46.13
N ALA E 100 26.18 -45.31 -46.49
CA ALA E 100 27.28 -45.40 -45.54
C ALA E 100 28.52 -44.68 -46.07
N PRO E 101 28.96 -43.60 -45.40
CA PRO E 101 28.33 -42.94 -44.26
C PRO E 101 27.13 -42.11 -44.70
N MET E 102 26.50 -41.41 -43.76
CA MET E 102 25.40 -40.52 -44.04
C MET E 102 25.83 -39.45 -45.00
N GLU E 103 24.95 -39.10 -45.93
CA GLU E 103 25.26 -38.13 -46.98
C GLU E 103 25.10 -36.70 -46.52
N PHE E 104 23.99 -36.36 -45.88
CA PHE E 104 23.79 -34.98 -45.40
C PHE E 104 24.55 -34.67 -44.12
N LEU E 105 25.15 -33.48 -44.07
CA LEU E 105 25.81 -32.98 -42.86
C LEU E 105 24.99 -31.92 -42.12
N ILE E 106 24.90 -32.05 -40.80
CA ILE E 106 24.27 -31.02 -39.99
C ILE E 106 25.35 -30.28 -39.23
N ASN E 107 25.61 -29.03 -39.61
CA ASN E 107 26.69 -28.26 -39.03
C ASN E 107 28.00 -29.04 -38.98
N ASN E 108 28.38 -29.62 -40.10
CA ASN E 108 29.67 -30.33 -40.23
C ASN E 108 29.79 -31.63 -39.44
N LYS E 109 28.67 -32.21 -39.04
CA LYS E 109 28.73 -33.44 -38.29
C LYS E 109 28.21 -34.61 -39.09
N THR E 110 28.94 -35.72 -38.99
CA THR E 110 28.63 -36.93 -39.71
C THR E 110 28.02 -38.04 -38.84
N ARG E 111 27.28 -38.93 -39.48
CA ARG E 111 26.88 -40.20 -38.90
C ARG E 111 27.49 -41.34 -39.74
N PRO E 112 27.66 -42.54 -39.15
CA PRO E 112 28.17 -43.71 -39.90
C PRO E 112 27.21 -44.34 -40.91
N LEU E 113 25.93 -44.00 -40.80
CA LEU E 113 24.91 -44.61 -41.65
C LEU E 113 23.70 -43.71 -41.76
N SER E 114 23.01 -43.77 -42.89
CA SER E 114 21.73 -43.10 -42.99
C SER E 114 20.74 -43.91 -43.76
N ALA E 115 19.47 -43.58 -43.59
CA ALA E 115 18.42 -44.23 -44.34
C ALA E 115 17.66 -43.17 -45.08
N HIS E 116 17.34 -43.41 -46.34
CA HIS E 116 16.50 -42.51 -47.09
C HIS E 116 15.17 -43.18 -47.34
N PHE E 117 14.10 -42.50 -46.96
CA PHE E 117 12.73 -42.96 -47.20
C PHE E 117 12.16 -42.25 -48.44
N VAL E 118 12.01 -42.99 -49.53
CA VAL E 118 11.68 -42.40 -50.82
C VAL E 118 10.19 -42.42 -51.13
N HIS E 119 9.60 -41.23 -51.33
CA HIS E 119 8.19 -41.09 -51.68
C HIS E 119 7.98 -40.37 -53.02
N LYS E 120 6.85 -40.66 -53.68
CA LYS E 120 6.45 -40.01 -54.92
C LYS E 120 4.95 -39.73 -54.87
N ASP E 121 4.51 -38.56 -55.32
CA ASP E 121 3.07 -38.32 -55.38
C ASP E 121 2.53 -38.76 -56.73
N ALA E 122 1.26 -38.48 -56.95
CA ALA E 122 0.57 -38.93 -58.15
C ALA E 122 1.19 -38.33 -59.40
N LYS E 123 1.75 -37.13 -59.26
CA LYS E 123 2.37 -36.37 -60.37
C LYS E 123 3.81 -36.76 -60.68
N GLY E 124 4.41 -37.59 -59.83
CA GLY E 124 5.79 -37.98 -60.02
C GLY E 124 6.75 -37.09 -59.23
N ARG E 125 6.22 -36.19 -58.41
CA ARG E 125 7.05 -35.34 -57.56
C ARG E 125 7.64 -36.10 -56.38
N LEU E 126 8.89 -35.77 -56.05
CA LEU E 126 9.66 -36.52 -55.06
C LEU E 126 9.76 -35.89 -53.69
N LEU E 127 9.59 -36.71 -52.67
CA LEU E 127 9.85 -36.30 -51.29
C LEU E 127 10.72 -37.36 -50.65
N VAL E 128 11.90 -36.96 -50.17
CA VAL E 128 12.75 -37.94 -49.51
C VAL E 128 13.04 -37.49 -48.08
N LEU E 129 12.96 -38.47 -47.19
CA LEU E 129 13.15 -38.28 -45.79
C LEU E 129 14.47 -38.96 -45.45
N ALA E 130 15.39 -38.25 -44.79
CA ALA E 130 16.67 -38.84 -44.43
C ALA E 130 16.87 -38.87 -42.93
N ILE E 131 17.47 -39.95 -42.42
CA ILE E 131 17.76 -40.03 -41.00
C ILE E 131 19.06 -40.81 -40.77
N GLY E 132 19.88 -40.30 -39.86
CA GLY E 132 21.15 -40.91 -39.51
C GLY E 132 21.06 -41.92 -38.38
N PHE E 133 22.08 -42.75 -38.28
CA PHE E 133 22.23 -43.70 -37.18
C PHE E 133 23.51 -43.43 -36.41
N GLU E 134 23.46 -43.60 -35.11
CA GLU E 134 24.66 -43.55 -34.29
C GLU E 134 24.87 -44.96 -33.71
N GLU E 135 26.11 -45.38 -33.55
CA GLU E 135 26.31 -46.69 -32.98
C GLU E 135 25.84 -46.77 -31.54
N GLY E 136 25.12 -47.84 -31.23
CA GLY E 136 24.59 -48.04 -29.90
C GLY E 136 23.92 -49.40 -29.81
N LYS E 137 22.72 -49.44 -29.28
CA LYS E 137 22.02 -50.70 -29.11
C LYS E 137 21.51 -51.26 -30.42
N GLU E 138 21.22 -52.54 -30.44
CA GLU E 138 20.66 -53.16 -31.62
C GLU E 138 19.36 -52.49 -31.98
N ASN E 139 19.16 -52.34 -33.28
CA ASN E 139 17.98 -51.75 -33.88
C ASN E 139 17.14 -52.88 -34.45
N PRO E 140 16.01 -53.16 -33.82
CA PRO E 140 15.12 -54.26 -34.16
C PRO E 140 14.51 -54.06 -35.54
N ASN E 141 14.43 -52.80 -35.98
CA ASN E 141 13.89 -52.45 -37.31
C ASN E 141 14.80 -52.81 -38.48
N LEU E 142 16.10 -52.92 -38.24
CA LEU E 142 17.00 -53.36 -39.29
C LEU E 142 16.93 -54.86 -39.51
N ASP E 143 16.51 -55.61 -38.50
CA ASP E 143 16.55 -57.07 -38.55
C ASP E 143 15.75 -57.73 -39.69
N PRO E 144 14.51 -57.26 -40.00
CA PRO E 144 13.77 -57.81 -41.13
C PRO E 144 14.39 -57.46 -42.48
N ILE E 145 15.09 -56.33 -42.53
CA ILE E 145 15.82 -55.93 -43.74
C ILE E 145 17.08 -56.78 -43.90
N LEU E 146 17.83 -56.97 -42.84
CA LEU E 146 19.03 -57.78 -42.91
C LEU E 146 18.75 -59.27 -43.22
N GLU E 147 17.63 -59.82 -42.76
CA GLU E 147 17.29 -61.20 -43.13
C GLU E 147 16.78 -61.30 -44.55
N GLY E 148 16.21 -60.21 -45.04
CA GLY E 148 15.48 -60.24 -46.29
C GLY E 148 16.40 -60.21 -47.49
N ILE E 149 17.62 -59.75 -47.30
CA ILE E 149 18.60 -59.73 -48.39
C ILE E 149 19.15 -61.14 -48.63
N GLN E 150 18.85 -62.04 -47.70
CA GLN E 150 19.24 -63.45 -47.79
C GLN E 150 18.13 -64.33 -48.34
N LYS E 151 17.05 -63.70 -48.81
CA LYS E 151 15.90 -64.42 -49.34
C LYS E 151 15.45 -63.88 -50.70
N LYS E 152 14.53 -64.58 -51.35
CA LYS E 152 14.05 -64.11 -52.67
C LYS E 152 12.53 -63.97 -52.76
N GLN E 153 11.82 -64.55 -51.80
CA GLN E 153 10.36 -64.55 -51.81
C GLN E 153 9.72 -63.93 -50.58
N ASN E 154 9.23 -64.78 -49.69
CA ASN E 154 8.49 -64.35 -48.52
C ASN E 154 9.31 -63.52 -47.52
N PHE E 155 9.19 -62.19 -47.58
CA PHE E 155 9.98 -61.29 -46.72
C PHE E 155 9.26 -60.94 -45.41
N LYS E 156 10.02 -60.77 -44.33
CA LYS E 156 9.40 -60.43 -43.07
C LYS E 156 9.03 -58.96 -43.03
N GLU E 157 7.98 -58.66 -42.28
CA GLU E 157 7.44 -57.32 -42.16
C GLU E 157 8.46 -56.34 -41.62
N VAL E 158 8.49 -55.14 -42.23
CA VAL E 158 9.21 -54.00 -41.67
C VAL E 158 8.24 -53.09 -40.90
N ALA E 159 8.52 -52.80 -39.64
CA ALA E 159 7.61 -51.97 -38.84
C ALA E 159 7.83 -50.49 -39.13
N LEU E 160 7.31 -50.02 -40.26
CA LEU E 160 7.53 -48.64 -40.70
C LEU E 160 7.00 -47.60 -39.74
N ASP E 161 5.93 -47.91 -39.01
CA ASP E 161 5.37 -46.99 -38.05
C ASP E 161 6.15 -46.95 -36.72
N ALA E 162 7.18 -47.76 -36.59
CA ALA E 162 7.94 -47.75 -35.35
C ALA E 162 9.34 -47.31 -35.64
N PHE E 163 9.64 -47.19 -36.94
CA PHE E 163 11.00 -46.98 -37.41
C PHE E 163 11.55 -45.64 -36.96
N LEU E 164 10.78 -44.59 -37.21
CA LEU E 164 11.24 -43.26 -36.92
C LEU E 164 10.98 -42.97 -35.44
N PRO E 165 11.71 -42.00 -34.86
CA PRO E 165 11.43 -41.54 -33.50
C PRO E 165 10.02 -40.95 -33.37
N LYS E 166 9.50 -40.94 -32.16
CA LYS E 166 8.19 -40.34 -31.88
C LYS E 166 8.15 -38.87 -32.27
N SER E 167 9.15 -38.15 -31.78
CA SER E 167 9.29 -36.72 -32.00
C SER E 167 10.46 -36.44 -32.89
N ILE E 168 10.24 -35.69 -33.95
CA ILE E 168 11.36 -35.44 -34.83
C ILE E 168 11.54 -33.96 -35.02
N ASN E 169 12.79 -33.55 -35.10
CA ASN E 169 13.13 -32.20 -35.52
C ASN E 169 13.85 -32.32 -36.83
N TYR E 170 13.43 -31.56 -37.84
CA TYR E 170 13.94 -31.78 -39.19
C TYR E 170 14.34 -30.51 -39.90
N TYR E 171 15.12 -30.69 -40.96
CA TYR E 171 15.49 -29.60 -41.87
C TYR E 171 14.84 -29.79 -43.22
N HIS E 172 14.17 -28.76 -43.74
CA HIS E 172 13.43 -28.91 -44.97
C HIS E 172 13.91 -27.92 -46.03
N PHE E 173 14.23 -28.47 -47.20
CA PHE E 173 14.74 -27.70 -48.32
C PHE E 173 14.55 -28.54 -49.58
N ASN E 174 14.68 -27.88 -50.72
CA ASN E 174 14.63 -28.58 -51.99
C ASN E 174 16.03 -28.84 -52.51
N GLY E 175 16.25 -30.06 -52.97
CA GLY E 175 17.56 -30.49 -53.43
C GLY E 175 17.47 -31.48 -54.59
N SER E 176 18.38 -32.44 -54.63
CA SER E 176 18.43 -33.39 -55.73
C SER E 176 18.55 -34.83 -55.22
N LEU E 177 18.38 -35.78 -56.13
CA LEU E 177 18.79 -37.14 -55.85
C LEU E 177 20.29 -37.09 -55.66
N THR E 178 20.81 -37.93 -54.78
CA THR E 178 22.23 -37.96 -54.47
C THR E 178 22.99 -38.98 -55.35
N ALA E 179 22.26 -39.64 -56.24
CA ALA E 179 22.82 -40.60 -57.17
C ALA E 179 22.26 -40.30 -58.56
N PRO E 180 23.02 -40.69 -59.61
CA PRO E 180 22.53 -40.45 -60.96
C PRO E 180 21.10 -40.97 -61.17
N PRO E 181 20.27 -40.22 -61.90
CA PRO E 181 20.57 -39.03 -62.70
C PRO E 181 20.56 -37.70 -61.96
N CYS E 182 20.63 -37.70 -60.63
CA CYS E 182 20.74 -36.47 -59.85
C CYS E 182 19.59 -35.51 -60.11
N THR E 183 18.40 -36.05 -60.34
CA THR E 183 17.24 -35.25 -60.67
C THR E 183 16.91 -34.23 -59.57
N GLU E 184 16.65 -32.98 -59.95
CA GLU E 184 16.36 -31.94 -58.98
C GLU E 184 14.86 -31.82 -58.72
N GLY E 185 14.43 -30.86 -57.89
CA GLY E 185 13.03 -30.77 -57.48
C GLY E 185 12.64 -31.74 -56.35
N VAL E 186 13.64 -32.20 -55.60
CA VAL E 186 13.44 -33.12 -54.47
C VAL E 186 13.16 -32.41 -53.15
N ALA E 187 12.04 -32.75 -52.52
CA ALA E 187 11.73 -32.24 -51.19
C ALA E 187 12.46 -33.06 -50.12
N TRP E 188 13.52 -32.50 -49.55
CA TRP E 188 14.29 -33.18 -48.51
C TRP E 188 13.84 -32.82 -47.10
N PHE E 189 13.73 -33.83 -46.26
CA PHE E 189 13.55 -33.65 -44.84
C PHE E 189 14.64 -34.39 -44.11
N VAL E 190 15.57 -33.67 -43.52
CA VAL E 190 16.64 -34.35 -42.84
C VAL E 190 16.40 -34.25 -41.34
N ILE E 191 16.14 -35.40 -40.74
CA ILE E 191 15.83 -35.49 -39.33
C ILE E 191 17.11 -35.43 -38.53
N GLU E 192 17.10 -34.60 -37.49
CA GLU E 192 18.26 -34.35 -36.62
C GLU E 192 18.58 -35.44 -35.60
N GLU E 193 17.54 -36.06 -35.07
CA GLU E 193 17.67 -37.13 -34.08
C GLU E 193 18.23 -38.40 -34.72
N PRO E 194 19.31 -38.98 -34.13
CA PRO E 194 19.86 -40.23 -34.66
C PRO E 194 19.10 -41.44 -34.15
N LEU E 195 19.10 -42.50 -34.94
CA LEU E 195 18.66 -43.82 -34.51
C LEU E 195 19.92 -44.56 -34.04
N GLU E 196 19.75 -45.70 -33.40
CA GLU E 196 20.92 -46.45 -32.99
C GLU E 196 21.09 -47.68 -33.89
N VAL E 197 22.33 -48.08 -34.04
CA VAL E 197 22.63 -49.28 -34.79
C VAL E 197 23.79 -49.98 -34.06
N SER E 198 23.74 -51.31 -33.91
CA SER E 198 24.84 -51.94 -33.18
C SER E 198 26.07 -52.04 -34.09
N ALA E 199 27.23 -52.20 -33.47
CA ALA E 199 28.46 -52.29 -34.21
C ALA E 199 28.36 -53.49 -35.11
N LYS E 200 27.70 -54.52 -34.61
CA LYS E 200 27.57 -55.75 -35.36
C LYS E 200 26.63 -55.60 -36.56
N GLN E 201 25.52 -54.90 -36.38
CA GLN E 201 24.61 -54.58 -37.47
C GLN E 201 25.22 -53.64 -38.50
N LEU E 202 25.96 -52.63 -38.05
CA LEU E 202 26.60 -51.70 -38.97
C LEU E 202 27.55 -52.42 -39.89
N ALA E 203 28.31 -53.34 -39.32
CA ALA E 203 29.25 -54.17 -40.08
C ALA E 203 28.50 -55.06 -41.05
N GLU E 204 27.36 -55.59 -40.62
CA GLU E 204 26.59 -56.46 -41.48
C GLU E 204 26.00 -55.68 -42.64
N ILE E 205 25.42 -54.52 -42.39
CA ILE E 205 24.79 -53.79 -43.49
C ILE E 205 25.83 -53.26 -44.47
N LYS E 206 27.01 -52.90 -43.98
CA LYS E 206 28.10 -52.46 -44.85
C LYS E 206 28.60 -53.58 -45.73
N LYS E 207 28.55 -54.81 -45.21
CA LYS E 207 28.96 -55.98 -45.96
C LYS E 207 28.00 -56.23 -47.09
N ARG E 208 26.71 -56.01 -46.83
CA ARG E 208 25.69 -56.17 -47.85
C ARG E 208 25.76 -55.08 -48.92
N MET E 209 26.42 -53.97 -48.61
CA MET E 209 26.71 -52.94 -49.59
C MET E 209 28.15 -53.08 -50.06
N LYS E 210 28.63 -54.31 -50.02
CA LYS E 210 29.87 -54.75 -50.64
C LYS E 210 31.10 -54.04 -50.09
N ASN E 211 31.02 -53.62 -48.84
CA ASN E 211 32.13 -52.97 -48.13
C ASN E 211 32.76 -51.81 -48.90
N SER E 212 31.95 -51.12 -49.68
CA SER E 212 32.38 -49.91 -50.38
C SER E 212 31.45 -48.73 -50.04
N PRO E 213 32.02 -47.63 -49.55
CA PRO E 213 31.20 -46.45 -49.20
C PRO E 213 30.27 -46.01 -50.34
N ASN E 214 29.00 -45.74 -50.04
CA ASN E 214 28.10 -45.21 -51.05
C ASN E 214 27.56 -43.84 -50.65
N GLN E 215 28.49 -42.93 -50.39
CA GLN E 215 28.20 -41.58 -49.96
C GLN E 215 28.69 -40.54 -51.00
N ARG E 216 27.77 -39.81 -51.62
CA ARG E 216 28.15 -38.71 -52.52
C ARG E 216 28.79 -37.56 -51.76
N PRO E 217 29.89 -37.03 -52.28
CA PRO E 217 30.46 -35.91 -51.54
C PRO E 217 29.49 -34.75 -51.49
N VAL E 218 29.65 -33.86 -50.52
CA VAL E 218 28.85 -32.66 -50.42
C VAL E 218 29.08 -31.76 -51.64
N GLN E 219 27.99 -31.23 -52.19
CA GLN E 219 28.00 -30.42 -53.41
C GLN E 219 28.03 -28.91 -53.10
N PRO E 220 28.31 -28.08 -54.12
CA PRO E 220 28.27 -26.62 -53.95
C PRO E 220 26.91 -26.15 -53.49
N ASP E 221 26.85 -25.26 -52.50
CA ASP E 221 25.57 -24.78 -52.01
C ASP E 221 25.33 -23.35 -52.48
N TYR E 222 24.27 -23.16 -53.26
CA TYR E 222 23.93 -21.85 -53.74
C TYR E 222 22.96 -21.18 -52.79
N ASN E 223 23.34 -21.03 -51.52
CA ASN E 223 22.51 -20.42 -50.49
C ASN E 223 21.09 -20.98 -50.43
N THR E 224 21.00 -22.31 -50.41
CA THR E 224 19.75 -23.02 -50.27
C THR E 224 19.01 -22.51 -49.06
N VAL E 225 17.73 -22.20 -49.23
CA VAL E 225 16.93 -21.77 -48.10
C VAL E 225 16.48 -22.98 -47.28
N ILE E 226 16.92 -23.03 -46.02
CA ILE E 226 16.63 -24.17 -45.15
C ILE E 226 15.78 -23.77 -43.93
N ILE E 227 14.64 -24.43 -43.71
CA ILE E 227 13.83 -24.19 -42.51
C ILE E 227 13.95 -25.35 -41.51
N LYS E 228 13.93 -25.04 -40.23
CA LYS E 228 13.92 -26.09 -39.22
C LYS E 228 12.59 -26.15 -38.54
N SER E 229 12.03 -27.34 -38.48
CA SER E 229 10.73 -27.50 -37.88
C SER E 229 10.69 -28.77 -37.10
N SER E 230 9.50 -29.22 -36.74
CA SER E 230 9.37 -30.43 -35.98
C SER E 230 8.05 -31.11 -36.29
N ALA E 231 7.97 -32.40 -35.99
CA ALA E 231 6.75 -33.15 -36.22
C ALA E 231 6.63 -34.32 -35.28
N GLU E 232 5.43 -34.89 -35.25
CA GLU E 232 5.08 -36.09 -34.51
C GLU E 232 4.94 -37.15 -35.56
N THR E 233 5.61 -38.27 -35.39
CA THR E 233 5.60 -39.29 -36.43
C THR E 233 4.46 -40.27 -36.24
N ARG E 234 3.83 -40.22 -35.08
CA ARG E 234 2.67 -41.04 -34.81
C ARG E 234 1.94 -40.47 -33.61
N TRP F 10 13.46 -14.92 -78.81
CA TRP F 10 12.54 -15.21 -77.72
C TRP F 10 11.70 -13.99 -77.38
N ASP F 11 10.42 -14.24 -77.16
CA ASP F 11 9.51 -13.19 -76.76
C ASP F 11 8.51 -13.76 -75.76
N TYR F 12 7.49 -12.97 -75.45
CA TYR F 12 6.45 -13.42 -74.55
C TYR F 12 5.17 -13.61 -75.38
N LYS F 13 5.35 -13.61 -76.69
CA LYS F 13 4.25 -13.77 -77.62
C LYS F 13 3.71 -15.19 -77.69
N ASN F 14 2.63 -15.33 -78.44
CA ASN F 14 1.87 -16.56 -78.58
C ASN F 14 2.24 -17.50 -79.75
N LYS F 15 3.45 -17.34 -80.29
CA LYS F 15 3.90 -18.20 -81.38
C LYS F 15 5.14 -19.01 -81.03
N GLU F 16 5.95 -19.27 -82.05
CA GLU F 16 7.10 -20.16 -81.93
C GLU F 16 8.17 -19.59 -80.99
N ASN F 17 8.18 -18.26 -80.84
CA ASN F 17 9.24 -17.59 -80.09
C ASN F 17 8.80 -17.23 -78.67
N GLY F 18 7.63 -17.72 -78.30
CA GLY F 18 7.03 -17.44 -77.01
C GLY F 18 7.66 -18.23 -75.88
N PRO F 19 7.24 -17.94 -74.65
CA PRO F 19 7.77 -18.50 -73.40
C PRO F 19 7.75 -20.03 -73.38
N HIS F 20 6.72 -20.61 -73.97
CA HIS F 20 6.53 -22.06 -74.04
C HIS F 20 7.55 -22.81 -74.92
N ARG F 21 8.26 -22.09 -75.77
CA ARG F 21 9.28 -22.68 -76.65
C ARG F 21 10.64 -22.02 -76.49
N TRP F 22 10.83 -21.28 -75.41
CA TRP F 22 12.11 -20.61 -75.19
C TRP F 22 13.21 -21.66 -75.20
N ASP F 23 12.89 -22.83 -74.66
CA ASP F 23 13.82 -23.95 -74.64
C ASP F 23 14.12 -24.47 -76.03
N LYS F 24 13.15 -24.32 -76.93
CA LYS F 24 13.23 -24.78 -78.31
C LYS F 24 14.05 -23.85 -79.18
N LEU F 25 14.11 -22.57 -78.80
CA LEU F 25 14.78 -21.55 -79.59
C LEU F 25 16.28 -21.72 -79.58
N HIS F 26 16.82 -22.11 -78.44
CA HIS F 26 18.25 -22.29 -78.30
C HIS F 26 18.44 -23.36 -77.22
N LYS F 27 19.55 -24.10 -77.27
CA LYS F 27 19.74 -25.15 -76.26
C LYS F 27 20.26 -24.56 -74.95
N ASP F 28 20.78 -23.33 -74.99
CA ASP F 28 21.15 -22.60 -73.79
C ASP F 28 19.93 -22.47 -72.90
N PHE F 29 18.78 -22.46 -73.55
CA PHE F 29 17.52 -22.16 -72.90
C PHE F 29 16.81 -23.40 -72.43
N GLU F 30 17.48 -24.55 -72.42
CA GLU F 30 16.79 -25.77 -72.07
C GLU F 30 16.36 -25.77 -70.60
N VAL F 31 17.10 -25.10 -69.73
CA VAL F 31 16.73 -25.00 -68.32
C VAL F 31 15.43 -24.23 -68.09
N CYS F 32 14.99 -23.45 -69.07
CA CYS F 32 13.71 -22.75 -68.96
C CYS F 32 12.57 -23.73 -68.82
N LYS F 33 12.77 -24.95 -69.31
CA LYS F 33 11.78 -26.02 -69.23
C LYS F 33 12.16 -27.16 -68.30
N SER F 34 13.43 -27.52 -68.34
CA SER F 34 13.97 -28.68 -67.61
C SER F 34 14.24 -28.38 -66.16
N GLY F 35 14.32 -27.09 -65.83
CA GLY F 35 14.61 -26.62 -64.48
C GLY F 35 13.55 -26.89 -63.44
N LYS F 36 14.00 -27.13 -62.22
CA LYS F 36 13.12 -27.45 -61.10
C LYS F 36 13.03 -26.28 -60.14
N SER F 37 13.67 -25.18 -60.51
CA SER F 37 13.69 -24.01 -59.65
C SER F 37 13.32 -22.78 -60.46
N GLN F 38 12.33 -22.91 -61.34
CA GLN F 38 12.04 -21.83 -62.28
C GLN F 38 11.06 -20.81 -61.74
N SER F 39 11.31 -19.56 -62.10
CA SER F 39 10.51 -18.40 -61.71
C SER F 39 9.82 -17.82 -62.96
N PRO F 40 8.66 -17.16 -62.78
CA PRO F 40 8.00 -16.85 -61.50
C PRO F 40 7.09 -17.96 -61.01
N ILE F 41 6.65 -17.80 -59.77
CA ILE F 41 5.70 -18.69 -59.13
C ILE F 41 4.60 -17.91 -58.41
N ASN F 42 3.58 -18.64 -58.02
CA ASN F 42 2.58 -18.15 -57.11
C ASN F 42 3.08 -18.38 -55.70
N ILE F 43 3.23 -17.30 -54.93
CA ILE F 43 3.71 -17.45 -53.55
C ILE F 43 2.55 -17.81 -52.61
N GLU F 44 2.43 -19.07 -52.23
CA GLU F 44 1.21 -19.55 -51.57
C GLU F 44 1.39 -20.39 -50.30
N HIS F 45 2.48 -21.11 -50.18
CA HIS F 45 2.81 -21.77 -48.92
C HIS F 45 4.19 -21.28 -48.55
N TYR F 46 4.31 -20.74 -47.33
CA TYR F 46 5.58 -20.17 -46.90
C TYR F 46 5.72 -20.31 -45.39
N TYR F 47 6.92 -20.06 -44.90
CA TYR F 47 7.30 -20.26 -43.51
C TYR F 47 7.60 -18.96 -42.80
N HIS F 48 6.99 -18.78 -41.63
CA HIS F 48 7.21 -17.59 -40.81
C HIS F 48 8.45 -17.78 -39.97
N THR F 49 9.28 -16.77 -39.81
CA THR F 49 10.44 -16.88 -38.93
C THR F 49 10.88 -15.65 -38.10
N GLN F 50 11.50 -15.85 -36.94
CA GLN F 50 12.16 -14.80 -36.17
C GLN F 50 13.62 -14.59 -36.47
N ASP F 51 14.24 -15.41 -37.29
CA ASP F 51 15.68 -15.57 -37.27
C ASP F 51 16.36 -14.44 -38.02
N LYS F 52 17.59 -14.59 -38.52
CA LYS F 52 18.61 -13.56 -38.76
C LYS F 52 18.31 -12.18 -39.32
N ALA F 53 19.06 -11.16 -38.84
CA ALA F 53 19.08 -9.85 -39.46
C ALA F 53 20.03 -9.92 -40.66
N ASP F 54 19.74 -10.85 -41.56
CA ASP F 54 20.65 -11.32 -42.59
C ASP F 54 20.93 -10.42 -43.80
N LEU F 55 20.16 -9.35 -43.96
CA LEU F 55 20.20 -8.50 -45.14
C LEU F 55 20.48 -7.05 -44.86
N GLN F 56 21.64 -6.56 -45.30
CA GLN F 56 21.98 -5.16 -45.11
C GLN F 56 22.12 -4.49 -46.46
N PHE F 57 21.56 -3.31 -46.55
CA PHE F 57 21.56 -2.55 -47.76
C PHE F 57 22.63 -1.48 -47.73
N LYS F 58 23.38 -1.38 -48.80
CA LYS F 58 24.31 -0.28 -48.98
C LYS F 58 23.96 0.47 -50.26
N TYR F 59 22.86 1.21 -50.21
CA TYR F 59 22.42 1.93 -51.40
C TYR F 59 22.72 3.43 -51.32
N ALA F 60 22.83 4.06 -52.47
CA ALA F 60 23.00 5.49 -52.51
C ALA F 60 22.41 6.02 -53.80
N ALA F 61 22.09 7.31 -53.82
CA ALA F 61 21.57 7.95 -55.03
C ALA F 61 22.63 7.86 -56.12
N SER F 62 22.27 7.28 -57.25
CA SER F 62 23.24 7.07 -58.28
C SER F 62 22.69 7.36 -59.63
N LYS F 63 23.50 8.04 -60.43
CA LYS F 63 23.18 8.26 -61.82
C LYS F 63 23.47 6.95 -62.58
N PRO F 64 22.46 6.43 -63.30
CA PRO F 64 22.56 5.21 -64.11
C PRO F 64 23.60 5.34 -65.21
N LYS F 65 24.38 4.29 -65.43
CA LYS F 65 25.32 4.23 -66.55
C LYS F 65 24.58 4.28 -67.87
N ALA F 66 23.39 3.68 -67.90
CA ALA F 66 22.54 3.78 -69.06
C ALA F 66 21.14 3.41 -68.63
N VAL F 67 20.14 3.96 -69.30
CA VAL F 67 18.77 3.51 -69.13
C VAL F 67 18.20 3.35 -70.53
N PHE F 68 17.71 2.15 -70.86
CA PHE F 68 17.31 1.85 -72.23
C PHE F 68 16.37 0.66 -72.35
N PHE F 69 15.83 0.46 -73.55
CA PHE F 69 15.00 -0.72 -73.85
C PHE F 69 15.86 -1.84 -74.43
N THR F 70 15.79 -3.01 -73.78
CA THR F 70 16.51 -4.20 -74.20
C THR F 70 15.67 -5.41 -73.81
N HIS F 71 15.51 -6.35 -74.75
CA HIS F 71 14.78 -7.60 -74.53
C HIS F 71 13.43 -7.46 -73.84
N HIS F 72 12.58 -6.62 -74.41
CA HIS F 72 11.17 -6.47 -74.05
C HIS F 72 10.92 -5.75 -72.72
N THR F 73 11.99 -5.25 -72.09
CA THR F 73 11.88 -4.55 -70.81
C THR F 73 12.51 -3.15 -70.82
N LEU F 74 12.14 -2.31 -69.87
CA LEU F 74 12.81 -1.03 -69.65
C LEU F 74 13.86 -1.20 -68.57
N LYS F 75 15.12 -0.94 -68.89
CA LYS F 75 16.21 -1.27 -67.98
C LYS F 75 17.12 -0.08 -67.66
N ALA F 76 17.46 0.08 -66.39
CA ALA F 76 18.43 1.07 -65.93
C ALA F 76 19.63 0.38 -65.32
N SER F 77 20.79 0.56 -65.95
CA SER F 77 22.01 -0.08 -65.47
C SER F 77 22.76 0.89 -64.59
N PHE F 78 23.61 0.36 -63.72
CA PHE F 78 24.33 1.19 -62.77
C PHE F 78 25.81 0.92 -62.74
N GLU F 79 26.56 1.90 -62.26
CA GLU F 79 27.93 1.67 -61.89
C GLU F 79 27.90 0.75 -60.69
N PRO F 80 28.98 -0.01 -60.46
CA PRO F 80 28.97 -0.98 -59.36
C PRO F 80 29.16 -0.33 -58.00
N THR F 81 28.29 0.61 -57.61
CA THR F 81 28.52 1.32 -56.36
C THR F 81 27.48 1.08 -55.26
N ASN F 82 26.38 0.40 -55.62
CA ASN F 82 25.32 0.06 -54.69
C ASN F 82 25.39 -1.43 -54.33
N HIS F 83 25.14 -1.79 -53.08
CA HIS F 83 25.31 -3.19 -52.69
C HIS F 83 24.19 -3.79 -51.83
N ILE F 84 24.03 -5.10 -51.93
CA ILE F 84 23.27 -5.87 -50.97
C ILE F 84 24.12 -6.99 -50.38
N ASN F 85 24.15 -7.08 -49.07
CA ASN F 85 24.87 -8.12 -48.35
C ASN F 85 23.96 -9.19 -47.72
N TYR F 86 24.14 -10.42 -48.16
CA TYR F 86 23.42 -11.57 -47.66
C TYR F 86 24.41 -12.70 -47.39
N ARG F 87 24.49 -13.16 -46.15
CA ARG F 87 25.38 -14.26 -45.77
C ARG F 87 26.86 -14.04 -46.07
N GLY F 88 27.34 -12.85 -45.73
CA GLY F 88 28.75 -12.59 -45.81
C GLY F 88 29.30 -12.40 -47.21
N HIS F 89 28.42 -12.15 -48.18
CA HIS F 89 28.88 -11.82 -49.53
C HIS F 89 28.15 -10.58 -49.99
N ASP F 90 28.90 -9.59 -50.48
CA ASP F 90 28.28 -8.39 -50.99
C ASP F 90 27.90 -8.65 -52.44
N TYR F 91 26.63 -8.37 -52.76
CA TYR F 91 26.11 -8.50 -54.11
C TYR F 91 25.86 -7.12 -54.68
N VAL F 92 26.58 -6.75 -55.73
CA VAL F 92 26.49 -5.39 -56.24
C VAL F 92 25.29 -5.27 -57.16
N LEU F 93 24.54 -4.18 -57.02
CA LEU F 93 23.39 -3.92 -57.85
C LEU F 93 23.88 -3.74 -59.28
N ASP F 94 23.37 -4.55 -60.20
CA ASP F 94 23.78 -4.38 -61.58
C ASP F 94 22.80 -3.48 -62.31
N ASN F 95 21.50 -3.75 -62.17
CA ASN F 95 20.48 -3.00 -62.88
C ASN F 95 19.11 -3.11 -62.24
N VAL F 96 18.23 -2.18 -62.60
CA VAL F 96 16.80 -2.29 -62.28
C VAL F 96 15.93 -2.25 -63.54
N HIS F 97 15.05 -3.23 -63.68
CA HIS F 97 14.11 -3.32 -64.79
C HIS F 97 12.68 -3.61 -64.33
N PHE F 98 11.75 -3.67 -65.27
CA PHE F 98 10.32 -3.72 -64.94
C PHE F 98 9.59 -4.84 -65.67
N HIS F 99 8.51 -5.31 -65.06
CA HIS F 99 7.60 -6.28 -65.69
C HIS F 99 6.13 -5.85 -65.55
N ALA F 100 5.42 -5.94 -66.66
CA ALA F 100 3.99 -5.62 -66.71
C ALA F 100 3.25 -6.73 -67.43
N PRO F 101 2.37 -7.43 -66.72
CA PRO F 101 2.15 -7.23 -65.28
C PRO F 101 3.25 -7.80 -64.40
N MET F 102 3.09 -7.70 -63.09
CA MET F 102 4.04 -8.27 -62.18
C MET F 102 4.17 -9.76 -62.41
N GLU F 103 5.37 -10.28 -62.37
CA GLU F 103 5.54 -11.68 -62.68
C GLU F 103 5.20 -12.56 -61.49
N PHE F 104 5.72 -12.23 -60.32
CA PHE F 104 5.40 -13.00 -59.10
C PHE F 104 4.02 -12.70 -58.53
N LEU F 105 3.31 -13.77 -58.16
CA LEU F 105 2.00 -13.65 -57.53
C LEU F 105 2.04 -13.96 -56.03
N ILE F 106 1.40 -13.09 -55.24
CA ILE F 106 1.20 -13.31 -53.81
C ILE F 106 -0.24 -13.65 -53.48
N ASN F 107 -0.45 -14.88 -52.99
CA ASN F 107 -1.78 -15.42 -52.69
C ASN F 107 -2.72 -15.16 -53.84
N ASN F 108 -2.19 -15.44 -55.03
CA ASN F 108 -2.94 -15.40 -56.27
C ASN F 108 -3.35 -14.00 -56.66
N LYS F 109 -2.68 -13.00 -56.09
CA LYS F 109 -2.99 -11.62 -56.43
C LYS F 109 -1.84 -10.97 -57.18
N THR F 110 -2.16 -10.26 -58.25
CA THR F 110 -1.16 -9.62 -59.09
C THR F 110 -1.12 -8.09 -58.93
N ARG F 111 0.02 -7.48 -59.23
CA ARG F 111 0.13 -6.03 -59.34
C ARG F 111 0.28 -5.65 -60.79
N PRO F 112 -0.07 -4.41 -61.15
CA PRO F 112 0.07 -4.02 -62.55
C PRO F 112 1.51 -3.85 -63.02
N LEU F 113 2.47 -3.81 -62.09
CA LEU F 113 3.85 -3.61 -62.50
C LEU F 113 4.77 -4.08 -61.38
N SER F 114 6.00 -4.48 -61.72
CA SER F 114 7.04 -4.76 -60.73
C SER F 114 8.44 -4.32 -61.18
N ALA F 115 9.36 -4.16 -60.23
CA ALA F 115 10.74 -3.83 -60.57
C ALA F 115 11.69 -4.82 -59.94
N HIS F 116 12.70 -5.23 -60.71
CA HIS F 116 13.71 -6.17 -60.22
C HIS F 116 15.09 -5.53 -60.07
N PHE F 117 15.68 -5.65 -58.88
CA PHE F 117 17.04 -5.20 -58.60
C PHE F 117 18.02 -6.35 -58.69
N VAL F 118 18.84 -6.35 -59.75
CA VAL F 118 19.72 -7.49 -60.01
C VAL F 118 21.12 -7.30 -59.43
N HIS F 119 21.50 -8.21 -58.55
CA HIS F 119 22.81 -8.16 -57.92
C HIS F 119 23.58 -9.45 -58.21
N LYS F 120 24.90 -9.36 -58.22
CA LYS F 120 25.75 -10.53 -58.36
C LYS F 120 26.95 -10.40 -57.47
N ASP F 121 27.38 -11.49 -56.86
CA ASP F 121 28.61 -11.43 -56.09
C ASP F 121 29.78 -11.70 -57.04
N ALA F 122 30.99 -11.76 -56.51
CA ALA F 122 32.17 -11.88 -57.36
C ALA F 122 32.21 -13.19 -58.13
N LYS F 123 31.62 -14.23 -57.52
CA LYS F 123 31.64 -15.56 -58.08
C LYS F 123 30.53 -15.71 -59.11
N GLY F 124 29.71 -14.67 -59.24
CA GLY F 124 28.65 -14.66 -60.23
C GLY F 124 27.31 -15.13 -59.72
N ARG F 125 27.24 -15.37 -58.42
CA ARG F 125 26.02 -15.83 -57.77
C ARG F 125 24.98 -14.71 -57.81
N LEU F 126 23.73 -15.07 -58.06
CA LEU F 126 22.67 -14.11 -58.34
C LEU F 126 21.74 -13.84 -57.16
N LEU F 127 21.48 -12.57 -56.89
CA LEU F 127 20.49 -12.15 -55.88
C LEU F 127 19.58 -11.12 -56.52
N VAL F 128 18.30 -11.42 -56.65
CA VAL F 128 17.39 -10.45 -57.25
C VAL F 128 16.28 -10.06 -56.29
N LEU F 129 16.02 -8.76 -56.24
CA LEU F 129 15.04 -8.16 -55.34
C LEU F 129 13.83 -7.79 -56.20
N ALA F 130 12.63 -8.19 -55.79
CA ALA F 130 11.43 -7.87 -56.53
C ALA F 130 10.48 -7.07 -55.66
N ILE F 131 9.80 -6.09 -56.25
CA ILE F 131 8.81 -5.29 -55.53
C ILE F 131 7.68 -4.83 -56.45
N GLY F 132 6.44 -4.92 -55.99
CA GLY F 132 5.28 -4.56 -56.80
C GLY F 132 4.89 -3.09 -56.76
N PHE F 133 4.08 -2.67 -57.73
CA PHE F 133 3.56 -1.31 -57.70
C PHE F 133 2.05 -1.30 -57.61
N GLU F 134 1.52 -0.38 -56.83
CA GLU F 134 0.09 -0.22 -56.71
C GLU F 134 -0.25 1.15 -57.26
N GLU F 135 -1.36 1.24 -58.00
CA GLU F 135 -1.78 2.51 -58.60
C GLU F 135 -2.22 3.54 -57.55
N GLY F 136 -1.66 4.74 -57.63
CA GLY F 136 -1.87 5.79 -56.64
C GLY F 136 -1.15 7.09 -56.95
N LYS F 137 -0.32 7.52 -56.00
CA LYS F 137 0.47 8.74 -56.10
C LYS F 137 1.55 8.67 -57.17
N GLU F 138 1.94 9.84 -57.71
CA GLU F 138 3.06 9.87 -58.62
C GLU F 138 4.28 9.53 -57.80
N ASN F 139 5.18 8.76 -58.39
CA ASN F 139 6.38 8.35 -57.72
C ASN F 139 7.53 9.16 -58.28
N PRO F 140 8.03 10.10 -57.48
CA PRO F 140 9.12 10.95 -57.93
C PRO F 140 10.38 10.13 -58.20
N ASN F 141 10.48 8.94 -57.63
CA ASN F 141 11.67 8.11 -57.81
C ASN F 141 11.74 7.58 -59.23
N LEU F 142 10.57 7.42 -59.84
CA LEU F 142 10.47 6.95 -61.21
C LEU F 142 10.86 8.03 -62.22
N ASP F 143 10.71 9.29 -61.83
CA ASP F 143 10.92 10.40 -62.76
C ASP F 143 12.34 10.44 -63.36
N PRO F 144 13.39 10.15 -62.55
CA PRO F 144 14.73 10.13 -63.16
C PRO F 144 14.95 9.03 -64.19
N ILE F 145 14.18 7.96 -64.10
CA ILE F 145 14.26 6.87 -65.06
C ILE F 145 13.60 7.20 -66.40
N LEU F 146 12.38 7.69 -66.32
CA LEU F 146 11.62 8.02 -67.52
C LEU F 146 12.21 9.21 -68.29
N GLU F 147 12.85 10.12 -67.57
CA GLU F 147 13.50 11.26 -68.21
C GLU F 147 14.74 10.84 -68.99
N GLY F 148 15.37 9.73 -68.60
CA GLY F 148 16.69 9.42 -69.12
C GLY F 148 16.96 8.64 -70.39
N ILE F 149 16.08 7.75 -70.83
CA ILE F 149 16.36 7.02 -72.06
C ILE F 149 16.00 7.88 -73.30
N GLN F 150 15.46 9.09 -73.09
CA GLN F 150 15.23 9.98 -74.23
C GLN F 150 16.49 10.84 -74.29
N LYS F 151 17.45 10.37 -73.52
CA LYS F 151 18.75 10.95 -73.42
C LYS F 151 19.74 9.84 -73.56
N LYS F 152 20.96 10.20 -73.85
CA LYS F 152 22.07 9.29 -73.95
C LYS F 152 23.23 9.96 -73.22
N GLN F 153 23.03 11.22 -72.84
CA GLN F 153 24.13 12.02 -72.29
C GLN F 153 24.18 11.99 -70.74
N ASN F 154 23.89 13.11 -70.06
CA ASN F 154 23.95 13.19 -68.60
C ASN F 154 22.64 12.85 -67.89
N PHE F 155 22.56 11.66 -67.30
CA PHE F 155 21.37 11.19 -66.59
C PHE F 155 21.25 11.82 -65.21
N LYS F 156 20.02 11.98 -64.76
CA LYS F 156 19.77 12.43 -63.41
C LYS F 156 19.91 11.24 -62.46
N GLU F 157 20.40 11.50 -61.25
CA GLU F 157 20.53 10.44 -60.26
C GLU F 157 19.19 9.87 -59.83
N VAL F 158 19.14 8.55 -59.74
CA VAL F 158 18.01 7.82 -59.18
C VAL F 158 18.28 7.54 -57.70
N ALA F 159 17.29 7.83 -56.87
CA ALA F 159 17.38 7.68 -55.42
C ALA F 159 17.16 6.25 -54.92
N LEU F 160 18.18 5.39 -55.09
CA LEU F 160 18.10 3.99 -54.69
C LEU F 160 17.96 3.80 -53.19
N ASP F 161 18.56 4.71 -52.43
CA ASP F 161 18.47 4.68 -50.97
C ASP F 161 17.13 5.22 -50.47
N ALA F 162 16.30 5.71 -51.39
CA ALA F 162 14.97 6.22 -51.06
C ALA F 162 13.88 5.46 -51.82
N PHE F 163 14.31 4.59 -52.74
CA PHE F 163 13.41 3.95 -53.66
C PHE F 163 12.48 2.95 -52.97
N LEU F 164 13.09 2.09 -52.17
CA LEU F 164 12.37 1.02 -51.50
C LEU F 164 11.74 1.52 -50.20
N PRO F 165 10.76 0.77 -49.66
CA PRO F 165 10.31 1.17 -48.34
C PRO F 165 11.48 1.04 -47.37
N LYS F 166 11.52 1.82 -46.30
CA LYS F 166 12.57 1.62 -45.32
C LYS F 166 12.40 0.24 -44.72
N SER F 167 11.19 -0.09 -44.30
CA SER F 167 10.95 -1.40 -43.72
C SER F 167 10.20 -2.30 -44.67
N ILE F 168 10.75 -3.48 -44.91
CA ILE F 168 10.17 -4.41 -45.86
C ILE F 168 9.88 -5.76 -45.26
N ASN F 169 8.77 -6.34 -45.70
CA ASN F 169 8.42 -7.73 -45.47
C ASN F 169 8.55 -8.46 -46.80
N TYR F 170 9.27 -9.57 -46.80
CA TYR F 170 9.58 -10.22 -48.05
C TYR F 170 9.47 -11.75 -48.01
N TYR F 171 9.43 -12.32 -49.20
CA TYR F 171 9.48 -13.75 -49.35
C TYR F 171 10.83 -14.07 -49.94
N HIS F 172 11.55 -14.99 -49.32
CA HIS F 172 12.89 -15.33 -49.80
C HIS F 172 13.00 -16.82 -50.11
N PHE F 173 13.46 -17.13 -51.33
CA PHE F 173 13.55 -18.49 -51.81
C PHE F 173 14.57 -18.60 -52.91
N ASN F 174 14.87 -19.84 -53.31
CA ASN F 174 15.72 -20.08 -54.48
C ASN F 174 14.90 -20.33 -55.73
N GLY F 175 15.27 -19.61 -56.78
CA GLY F 175 14.56 -19.67 -58.04
C GLY F 175 15.48 -19.48 -59.23
N SER F 176 14.92 -18.86 -60.27
CA SER F 176 15.58 -18.67 -61.57
C SER F 176 15.42 -17.27 -62.15
N LEU F 177 16.20 -16.97 -63.19
CA LEU F 177 15.95 -15.79 -64.03
C LEU F 177 14.61 -15.98 -64.68
N THR F 178 13.85 -14.92 -64.88
CA THR F 178 12.52 -15.07 -65.48
C THR F 178 12.56 -14.92 -66.99
N ALA F 179 13.77 -14.74 -67.54
CA ALA F 179 13.95 -14.63 -68.98
C ALA F 179 15.13 -15.50 -69.43
N PRO F 180 15.14 -15.93 -70.69
CA PRO F 180 16.26 -16.75 -71.15
C PRO F 180 17.60 -16.13 -70.81
N PRO F 181 18.60 -16.96 -70.43
CA PRO F 181 18.54 -18.42 -70.48
C PRO F 181 17.94 -19.10 -69.23
N CYS F 182 17.26 -18.33 -68.36
CA CYS F 182 16.55 -18.86 -67.21
C CYS F 182 17.40 -19.60 -66.19
N THR F 183 18.63 -19.14 -66.03
CA THR F 183 19.62 -19.74 -65.14
C THR F 183 19.13 -19.81 -63.69
N GLU F 184 19.27 -20.98 -63.06
CA GLU F 184 18.81 -21.13 -61.68
C GLU F 184 19.91 -20.81 -60.70
N GLY F 185 19.63 -21.02 -59.41
CA GLY F 185 20.55 -20.66 -58.34
C GLY F 185 20.43 -19.20 -58.00
N VAL F 186 19.29 -18.62 -58.35
CA VAL F 186 19.00 -17.22 -58.03
C VAL F 186 18.29 -17.04 -56.70
N ALA F 187 18.87 -16.21 -55.84
CA ALA F 187 18.26 -15.84 -54.57
C ALA F 187 17.23 -14.73 -54.74
N TRP F 188 15.96 -15.09 -54.62
CA TRP F 188 14.87 -14.13 -54.78
C TRP F 188 14.42 -13.51 -53.46
N PHE F 189 14.26 -12.19 -53.47
CA PHE F 189 13.60 -11.51 -52.37
C PHE F 189 12.45 -10.74 -52.98
N VAL F 190 11.23 -11.22 -52.73
CA VAL F 190 10.07 -10.58 -53.29
C VAL F 190 9.35 -9.83 -52.17
N ILE F 191 9.37 -8.51 -52.26
CA ILE F 191 8.83 -7.67 -51.20
C ILE F 191 7.32 -7.63 -51.28
N GLU F 192 6.70 -7.71 -50.11
CA GLU F 192 5.26 -7.73 -49.96
C GLU F 192 4.65 -6.37 -50.21
N GLU F 193 5.33 -5.35 -49.68
CA GLU F 193 4.88 -3.96 -49.79
C GLU F 193 5.00 -3.47 -51.23
N PRO F 194 3.92 -2.90 -51.77
CA PRO F 194 3.95 -2.28 -53.09
C PRO F 194 4.50 -0.86 -53.02
N LEU F 195 5.17 -0.39 -54.06
CA LEU F 195 5.47 1.02 -54.15
C LEU F 195 4.33 1.69 -54.92
N GLU F 196 4.35 3.00 -54.98
CA GLU F 196 3.21 3.65 -55.56
C GLU F 196 3.55 4.13 -56.96
N VAL F 197 2.54 4.14 -57.83
CA VAL F 197 2.71 4.72 -59.15
C VAL F 197 1.39 5.32 -59.65
N SER F 198 1.46 6.47 -60.32
CA SER F 198 0.27 7.09 -60.90
C SER F 198 -0.13 6.39 -62.20
N ALA F 199 -1.35 6.60 -62.66
CA ALA F 199 -1.81 6.00 -63.91
C ALA F 199 -1.03 6.44 -65.12
N LYS F 200 -0.66 7.72 -65.12
CA LYS F 200 0.11 8.30 -66.22
C LYS F 200 1.58 7.86 -66.14
N GLN F 201 2.11 7.73 -64.93
CA GLN F 201 3.44 7.17 -64.82
C GLN F 201 3.41 5.72 -65.34
N LEU F 202 2.34 5.01 -65.00
CA LEU F 202 2.13 3.63 -65.44
C LEU F 202 1.97 3.49 -66.95
N ALA F 203 1.17 4.38 -67.53
CA ALA F 203 0.93 4.40 -68.97
C ALA F 203 2.18 4.74 -69.76
N GLU F 204 2.99 5.65 -69.23
CA GLU F 204 4.21 6.09 -69.90
C GLU F 204 5.27 5.00 -69.92
N ILE F 205 5.47 4.29 -68.80
CA ILE F 205 6.45 3.18 -68.72
C ILE F 205 6.03 1.91 -69.51
N LYS F 206 4.74 1.61 -69.53
CA LYS F 206 4.18 0.47 -70.27
C LYS F 206 4.30 0.64 -71.79
N LYS F 207 4.20 1.88 -72.24
CA LYS F 207 4.34 2.26 -73.66
C LYS F 207 5.79 2.18 -74.12
N ARG F 208 6.68 2.48 -73.19
CA ARG F 208 8.13 2.40 -73.41
C ARG F 208 8.64 0.94 -73.53
N MET F 209 7.87 -0.01 -73.00
CA MET F 209 8.16 -1.43 -73.18
C MET F 209 7.24 -1.98 -74.26
N LYS F 210 6.87 -1.05 -75.15
CA LYS F 210 6.20 -1.28 -76.42
C LYS F 210 4.80 -1.82 -76.26
N ASN F 211 4.14 -1.48 -75.16
CA ASN F 211 2.75 -1.87 -74.89
C ASN F 211 2.49 -3.34 -75.18
N SER F 212 3.58 -4.11 -75.06
CA SER F 212 3.55 -5.55 -75.25
C SER F 212 4.02 -6.16 -73.93
N PRO F 213 3.12 -6.92 -73.28
CA PRO F 213 3.43 -7.54 -71.98
C PRO F 213 4.69 -8.39 -72.02
N ASN F 214 5.55 -8.17 -71.01
CA ASN F 214 6.72 -8.99 -70.84
C ASN F 214 6.66 -9.64 -69.48
N GLN F 215 5.57 -10.35 -69.23
CA GLN F 215 5.44 -11.03 -67.97
C GLN F 215 5.52 -12.49 -68.32
N ARG F 216 6.55 -13.15 -67.81
CA ARG F 216 6.64 -14.58 -68.00
C ARG F 216 5.52 -15.23 -67.23
N PRO F 217 4.84 -16.20 -67.85
CA PRO F 217 3.77 -16.94 -67.19
C PRO F 217 4.28 -17.69 -65.98
N VAL F 218 3.36 -18.02 -65.07
CA VAL F 218 3.68 -18.79 -63.89
C VAL F 218 4.18 -20.20 -64.27
N GLN F 219 5.29 -20.59 -63.63
CA GLN F 219 6.02 -21.83 -63.90
C GLN F 219 5.66 -22.97 -62.93
N PRO F 220 6.02 -24.22 -63.27
CA PRO F 220 5.79 -25.32 -62.32
C PRO F 220 6.49 -25.11 -60.96
N ASP F 221 5.78 -25.40 -59.87
CA ASP F 221 6.33 -25.27 -58.51
C ASP F 221 6.53 -26.65 -57.86
N TYR F 222 7.78 -26.98 -57.59
CA TYR F 222 8.17 -28.23 -56.91
C TYR F 222 8.30 -28.02 -55.40
N ASN F 223 7.22 -27.60 -54.74
CA ASN F 223 7.22 -27.35 -53.31
C ASN F 223 8.33 -26.40 -52.88
N THR F 224 8.50 -25.30 -53.61
CA THR F 224 9.54 -24.34 -53.24
C THR F 224 9.42 -23.97 -51.77
N VAL F 225 10.52 -24.06 -51.04
CA VAL F 225 10.56 -23.64 -49.66
C VAL F 225 10.75 -22.13 -49.60
N ILE F 226 9.73 -21.42 -49.12
CA ILE F 226 9.75 -19.96 -49.02
C ILE F 226 9.65 -19.50 -47.56
N ILE F 227 10.54 -18.60 -47.14
CA ILE F 227 10.41 -18.00 -45.82
C ILE F 227 9.86 -16.57 -45.97
N LYS F 228 9.06 -16.15 -45.01
CA LYS F 228 8.63 -14.76 -44.99
C LYS F 228 9.32 -14.09 -43.81
N SER F 229 10.03 -13.01 -44.09
CA SER F 229 10.82 -12.35 -43.08
C SER F 229 10.73 -10.85 -43.31
N SER F 230 11.64 -10.10 -42.71
CA SER F 230 11.66 -8.66 -42.85
C SER F 230 13.06 -8.06 -42.66
N ALA F 231 13.28 -6.87 -43.21
CA ALA F 231 14.57 -6.20 -43.09
C ALA F 231 14.43 -4.69 -43.23
N GLU F 232 15.50 -3.98 -42.90
CA GLU F 232 15.55 -2.53 -43.05
C GLU F 232 16.44 -2.17 -44.22
N THR F 233 15.89 -1.36 -45.13
CA THR F 233 16.53 -1.02 -46.39
C THR F 233 17.45 0.22 -46.38
N ARG F 234 17.45 1.01 -45.30
CA ARG F 234 18.30 2.19 -45.28
C ARG F 234 18.63 2.67 -43.90
N ASN G 7 -11.77 8.83 79.03
CA ASN G 7 -11.79 9.62 80.26
C ASN G 7 -11.75 11.13 79.99
N THR G 8 -12.88 11.62 79.48
CA THR G 8 -13.15 13.01 79.16
C THR G 8 -14.66 13.13 79.06
N LYS G 9 -15.13 14.18 78.39
CA LYS G 9 -16.55 14.33 78.16
C LYS G 9 -16.79 14.52 76.67
N TRP G 10 -15.75 14.94 75.92
CA TRP G 10 -15.87 15.15 74.47
C TRP G 10 -16.17 13.89 73.68
N ASP G 11 -17.11 14.01 72.74
CA ASP G 11 -17.52 12.90 71.89
C ASP G 11 -17.84 13.32 70.45
N TYR G 12 -18.39 12.39 69.66
CA TYR G 12 -18.70 12.69 68.27
C TYR G 12 -20.21 12.83 68.03
N LYS G 13 -20.98 12.99 69.11
CA LYS G 13 -22.41 13.18 68.99
C LYS G 13 -22.81 14.58 68.53
N ASN G 14 -24.08 14.75 68.25
CA ASN G 14 -24.61 16.04 67.85
C ASN G 14 -25.14 16.76 69.09
N LYS G 15 -24.62 16.42 70.27
CA LYS G 15 -25.15 16.99 71.51
C LYS G 15 -24.16 17.90 72.21
N GLU G 16 -24.29 17.91 73.53
CA GLU G 16 -23.60 18.89 74.35
C GLU G 16 -22.11 18.74 74.25
N ASN G 17 -21.65 17.52 73.97
CA ASN G 17 -20.23 17.26 73.98
C ASN G 17 -19.67 16.98 72.58
N GLY G 18 -20.50 17.18 71.56
CA GLY G 18 -20.12 16.87 70.22
C GLY G 18 -19.16 17.86 69.60
N PRO G 19 -18.63 17.52 68.41
CA PRO G 19 -17.62 18.27 67.65
C PRO G 19 -18.01 19.72 67.40
N HIS G 20 -19.29 19.97 67.19
CA HIS G 20 -19.80 21.32 66.97
C HIS G 20 -19.67 22.10 68.27
N ARG G 21 -19.41 21.38 69.35
CA ARG G 21 -19.28 21.98 70.65
C ARG G 21 -18.00 21.69 71.41
N TRP G 22 -17.01 21.10 70.76
CA TRP G 22 -15.77 20.75 71.45
C TRP G 22 -15.08 21.98 72.05
N ASP G 23 -15.17 23.12 71.37
CA ASP G 23 -14.54 24.36 71.84
C ASP G 23 -15.12 24.86 73.16
N LYS G 24 -16.37 24.50 73.41
CA LYS G 24 -17.04 24.88 74.66
C LYS G 24 -16.64 23.99 75.83
N LEU G 25 -16.17 22.78 75.57
CA LEU G 25 -15.87 21.85 76.67
C LEU G 25 -14.69 22.31 77.51
N HIS G 26 -13.68 22.87 76.86
CA HIS G 26 -12.50 23.36 77.56
C HIS G 26 -11.89 24.51 76.78
N LYS G 27 -11.15 25.38 77.46
CA LYS G 27 -10.57 26.54 76.81
C LYS G 27 -9.33 26.17 76.04
N ASP G 28 -8.71 25.05 76.40
CA ASP G 28 -7.61 24.48 75.62
C ASP G 28 -8.06 24.15 74.21
N PHE G 29 -9.35 23.90 74.05
CA PHE G 29 -9.93 23.40 72.82
C PHE G 29 -10.44 24.52 71.91
N GLU G 30 -10.09 25.77 72.21
CA GLU G 30 -10.71 26.88 71.49
C GLU G 30 -10.30 26.91 70.03
N VAL G 31 -9.07 26.50 69.75
CA VAL G 31 -8.56 26.53 68.38
C VAL G 31 -9.34 25.56 67.49
N CYS G 32 -10.12 24.66 68.08
CA CYS G 32 -11.01 23.78 67.32
C CYS G 32 -12.02 24.57 66.53
N LYS G 33 -12.36 25.76 67.01
CA LYS G 33 -13.28 26.64 66.29
C LYS G 33 -12.55 27.87 65.75
N SER G 34 -11.61 28.40 66.52
CA SER G 34 -10.95 29.63 66.11
C SER G 34 -9.82 29.40 65.09
N GLY G 35 -9.37 28.15 64.97
CA GLY G 35 -8.25 27.81 64.11
C GLY G 35 -8.45 27.99 62.61
N LYS G 36 -7.37 28.35 61.93
CA LYS G 36 -7.43 28.61 60.48
C LYS G 36 -6.82 27.53 59.61
N SER G 37 -6.42 26.42 60.23
CA SER G 37 -5.96 25.25 59.52
CA SER G 37 -5.99 25.25 59.50
C SER G 37 -6.52 23.98 60.14
N GLN G 38 -7.85 23.90 60.28
CA GLN G 38 -8.46 22.78 60.97
C GLN G 38 -8.67 21.60 60.06
N SER G 39 -8.45 20.40 60.60
CA SER G 39 -8.60 19.16 59.85
C SER G 39 -9.73 18.32 60.43
N PRO G 40 -10.38 17.48 59.59
CA PRO G 40 -10.12 17.24 58.18
C PRO G 40 -10.83 18.22 57.25
N ILE G 41 -10.45 18.15 55.97
CA ILE G 41 -11.05 18.94 54.89
C ILE G 41 -11.26 18.00 53.70
N ASN G 42 -11.96 18.45 52.67
CA ASN G 42 -12.02 17.71 51.39
C ASN G 42 -10.85 17.98 50.50
N ILE G 43 -10.12 16.94 50.12
CA ILE G 43 -8.99 17.15 49.24
C ILE G 43 -9.42 17.17 47.76
N GLU G 44 -9.54 18.37 47.19
CA GLU G 44 -10.00 18.54 45.80
C GLU G 44 -9.22 19.61 45.02
N HIS G 45 -8.69 20.61 45.70
CA HIS G 45 -7.80 21.54 45.02
C HIS G 45 -6.40 21.26 45.51
N TYR G 46 -5.54 20.91 44.57
CA TYR G 46 -4.18 20.53 44.86
C TYR G 46 -3.24 20.76 43.68
N TYR G 47 -1.95 20.68 43.95
CA TYR G 47 -0.90 20.95 42.97
C TYR G 47 -0.03 19.72 42.74
N HIS G 48 0.15 19.35 41.47
CA HIS G 48 1.04 18.24 41.12
C HIS G 48 2.48 18.76 41.03
N THR G 49 3.41 17.97 41.52
CA THR G 49 4.82 18.32 41.49
C THR G 49 5.66 17.05 41.30
N GLN G 50 6.97 17.23 41.15
CA GLN G 50 7.94 16.13 41.08
C GLN G 50 8.83 16.14 42.35
N ASP G 51 8.77 15.09 43.18
CA ASP G 51 9.50 15.02 44.47
C ASP G 51 10.06 13.63 44.74
N LYS G 52 11.34 13.40 44.46
CA LYS G 52 11.88 12.07 44.71
C LYS G 52 12.42 11.81 46.14
N ALA G 53 13.00 12.80 46.81
CA ALA G 53 13.65 12.44 48.07
C ALA G 53 13.39 13.31 49.31
N ASP G 54 12.27 14.02 49.33
CA ASP G 54 11.82 14.68 50.55
C ASP G 54 11.56 13.77 51.74
N LEU G 55 10.98 12.61 51.45
CA LEU G 55 10.35 11.73 52.44
C LEU G 55 10.84 10.29 52.44
N GLN G 56 11.55 9.94 53.49
CA GLN G 56 12.07 8.60 53.67
C GLN G 56 11.62 7.94 54.99
N PHE G 57 11.26 6.67 54.88
CA PHE G 57 10.73 5.84 55.97
C PHE G 57 11.77 4.93 56.60
N LYS G 58 11.81 4.85 57.93
CA LYS G 58 12.60 3.81 58.58
C LYS G 58 11.74 2.96 59.49
N TYR G 59 10.93 2.08 58.91
CA TYR G 59 10.05 1.22 59.68
C TYR G 59 10.61 -0.19 59.82
N ALA G 60 10.13 -0.88 60.84
CA ALA G 60 10.50 -2.28 61.08
C ALA G 60 9.33 -2.98 61.77
N ALA G 61 9.31 -4.31 61.72
CA ALA G 61 8.27 -5.07 62.41
C ALA G 61 8.37 -4.80 63.90
N SER G 62 7.27 -4.39 64.51
CA SER G 62 7.32 -3.95 65.89
C SER G 62 6.19 -4.50 66.74
N LYS G 63 6.57 -4.94 67.93
CA LYS G 63 5.62 -5.37 68.94
C LYS G 63 5.01 -4.16 69.66
N PRO G 64 3.67 -4.07 69.67
CA PRO G 64 2.98 -2.97 70.34
C PRO G 64 3.27 -2.91 71.84
N LYS G 65 3.43 -1.71 72.39
CA LYS G 65 3.46 -1.55 73.84
C LYS G 65 2.08 -1.94 74.36
N ALA G 66 1.07 -1.56 73.60
CA ALA G 66 -0.30 -1.93 73.90
C ALA G 66 -1.20 -1.79 72.69
N VAL G 67 -2.29 -2.53 72.72
CA VAL G 67 -3.39 -2.37 71.79
C VAL G 67 -4.58 -2.19 72.69
N PHE G 68 -5.21 -1.05 72.56
CA PHE G 68 -6.24 -0.68 73.52
C PHE G 68 -7.21 0.30 72.98
N PHE G 69 -8.32 0.44 73.68
CA PHE G 69 -9.32 1.39 73.28
C PHE G 69 -9.15 2.66 74.10
N THR G 70 -8.97 3.79 73.41
CA THR G 70 -8.79 5.06 74.08
C THR G 70 -9.37 6.17 73.23
N HIS G 71 -10.11 7.06 73.86
CA HIS G 71 -10.65 8.23 73.18
C HIS G 71 -11.31 7.89 71.87
N HIS G 72 -12.17 6.88 71.94
CA HIS G 72 -13.06 6.50 70.85
C HIS G 72 -12.36 5.84 69.69
N THR G 73 -11.07 5.55 69.83
CA THR G 73 -10.36 4.85 68.77
C THR G 73 -9.77 3.59 69.34
N LEU G 74 -9.47 2.64 68.48
CA LEU G 74 -8.71 1.47 68.87
C LEU G 74 -7.29 1.77 68.46
N LYS G 75 -6.37 1.75 69.41
CA LYS G 75 -5.03 2.29 69.20
C LYS G 75 -3.91 1.29 69.46
N ALA G 76 -2.88 1.30 68.64
CA ALA G 76 -1.69 0.49 68.90
C ALA G 76 -0.48 1.38 69.16
N SER G 77 0.10 1.32 70.34
CA SER G 77 1.25 2.14 70.66
C SER G 77 2.55 1.39 70.41
N PHE G 78 3.64 2.11 70.14
CA PHE G 78 4.93 1.47 69.86
C PHE G 78 6.11 2.09 70.59
N GLU G 79 7.17 1.30 70.75
CA GLU G 79 8.44 1.86 71.18
C GLU G 79 9.00 2.79 70.11
N PRO G 80 9.84 3.74 70.52
CA PRO G 80 10.38 4.76 69.62
C PRO G 80 11.51 4.24 68.75
N THR G 81 11.22 3.20 67.98
CA THR G 81 12.24 2.57 67.17
C THR G 81 11.98 2.79 65.68
N ASN G 82 10.81 3.35 65.36
CA ASN G 82 10.47 3.65 63.98
C ASN G 82 10.48 5.14 63.69
N HIS G 83 10.99 5.54 62.54
CA HIS G 83 11.12 6.96 62.22
C HIS G 83 10.65 7.26 60.80
N ILE G 84 10.31 8.53 60.57
CA ILE G 84 10.18 9.12 59.24
C ILE G 84 11.05 10.36 59.09
N ASN G 85 11.74 10.50 57.97
CA ASN G 85 12.48 11.74 57.69
C ASN G 85 11.83 12.61 56.62
N TYR G 86 11.48 13.84 56.98
CA TYR G 86 10.94 14.83 56.05
C TYR G 86 11.65 16.15 56.31
N ARG G 87 12.33 16.69 55.30
CA ARG G 87 13.07 17.96 55.40
C ARG G 87 14.20 18.04 56.42
N GLY G 88 14.87 16.93 56.68
CA GLY G 88 15.99 16.93 57.60
C GLY G 88 15.63 16.95 59.06
N HIS G 89 14.39 16.59 59.39
CA HIS G 89 13.98 16.45 60.79
C HIS G 89 13.27 15.12 61.00
N ASP G 90 13.72 14.39 62.03
CA ASP G 90 13.22 13.06 62.35
C ASP G 90 11.95 13.04 63.19
N TYR G 91 10.95 12.32 62.69
CA TYR G 91 9.69 12.13 63.41
C TYR G 91 9.56 10.67 63.83
N VAL G 92 9.47 10.44 65.13
CA VAL G 92 9.34 9.08 65.65
C VAL G 92 7.86 8.71 65.72
N LEU G 93 7.50 7.52 65.26
CA LEU G 93 6.13 7.02 65.34
C LEU G 93 5.69 6.77 66.79
N ASP G 94 4.56 7.35 67.18
CA ASP G 94 3.97 7.13 68.51
C ASP G 94 2.97 5.97 68.50
N ASN G 95 2.08 6.00 67.51
CA ASN G 95 1.00 5.03 67.45
C ASN G 95 0.38 4.91 66.07
N VAL G 96 -0.37 3.83 65.89
CA VAL G 96 -1.30 3.70 64.78
CA VAL G 96 -1.31 3.75 64.78
C VAL G 96 -2.71 3.60 65.37
N HIS G 97 -3.63 4.46 64.96
CA HIS G 97 -4.99 4.32 65.43
C HIS G 97 -5.90 4.44 64.22
N PHE G 98 -7.20 4.22 64.43
CA PHE G 98 -8.14 4.04 63.32
C PHE G 98 -9.39 4.92 63.39
N HIS G 99 -9.94 5.21 62.21
CA HIS G 99 -11.22 5.93 62.12
C HIS G 99 -12.14 5.22 61.18
N ALA G 100 -13.40 5.13 61.57
CA ALA G 100 -14.47 4.59 60.75
C ALA G 100 -15.68 5.50 60.91
N PRO G 101 -16.11 6.19 59.82
CA PRO G 101 -15.49 6.19 58.49
C PRO G 101 -14.23 7.04 58.43
N MET G 102 -13.65 7.11 57.24
CA MET G 102 -12.49 7.95 56.99
C MET G 102 -12.83 9.43 57.23
N GLU G 103 -11.90 10.16 57.83
CA GLU G 103 -12.17 11.55 58.14
C GLU G 103 -11.87 12.43 56.94
N PHE G 104 -10.70 12.24 56.35
CA PHE G 104 -10.28 13.01 55.20
C PHE G 104 -10.96 12.52 53.93
N LEU G 105 -11.43 13.45 53.12
CA LEU G 105 -12.01 13.12 51.82
C LEU G 105 -11.01 13.39 50.74
N ILE G 106 -10.85 12.45 49.83
CA ILE G 106 -10.06 12.73 48.66
C ILE G 106 -11.05 12.90 47.53
N ASN G 107 -11.14 14.12 47.00
CA ASN G 107 -12.13 14.44 45.99
C ASN G 107 -13.54 13.97 46.36
N ASN G 108 -13.92 14.24 47.60
CA ASN G 108 -15.28 14.02 48.07
C ASN G 108 -15.70 12.57 48.14
N LYS G 109 -14.72 11.70 48.16
CA LYS G 109 -14.97 10.28 48.18
C LYS G 109 -14.50 9.69 49.51
N THR G 110 -15.35 8.85 50.09
CA THR G 110 -15.07 8.22 51.38
C THR G 110 -14.70 6.74 51.32
N ARG G 111 -13.93 6.31 52.31
CA ARG G 111 -13.64 4.91 52.53
C ARG G 111 -14.34 4.47 53.83
N PRO G 112 -14.58 3.18 54.02
CA PRO G 112 -15.20 2.82 55.29
C PRO G 112 -14.24 2.94 56.47
N LEU G 113 -12.96 3.08 56.18
CA LEU G 113 -11.95 3.06 57.23
C LEU G 113 -10.66 3.79 56.84
N SER G 114 -9.97 4.34 57.83
CA SER G 114 -8.62 4.86 57.60
C SER G 114 -7.77 4.59 58.84
N ALA G 115 -6.46 4.65 58.66
CA ALA G 115 -5.50 4.47 59.74
C ALA G 115 -4.59 5.70 59.83
N HIS G 116 -4.32 6.17 61.04
CA HIS G 116 -3.42 7.30 61.23
C HIS G 116 -2.11 6.88 61.87
N PHE G 117 -1.02 7.18 61.19
CA PHE G 117 0.33 6.93 61.71
C PHE G 117 0.88 8.24 62.27
N VAL G 118 0.91 8.31 63.61
CA VAL G 118 1.26 9.54 64.30
C VAL G 118 2.73 9.56 64.64
N HIS G 119 3.42 10.59 64.18
CA HIS G 119 4.83 10.70 64.46
C HIS G 119 5.05 11.96 65.28
N LYS G 120 6.09 11.98 66.09
CA LYS G 120 6.45 13.15 66.89
C LYS G 120 7.97 13.33 66.81
N ASP G 121 8.44 14.56 66.68
CA ASP G 121 9.89 14.74 66.72
C ASP G 121 10.30 15.06 68.14
N ALA G 122 11.57 15.39 68.34
CA ALA G 122 12.11 15.65 69.66
C ALA G 122 11.49 16.89 70.32
N LYS G 123 11.05 17.84 69.51
CA LYS G 123 10.49 19.10 69.99
C LYS G 123 8.97 19.05 70.26
N GLY G 124 8.34 17.94 69.90
CA GLY G 124 6.90 17.77 70.06
C GLY G 124 6.15 18.04 68.78
N ARG G 125 6.87 18.30 67.69
CA ARG G 125 6.25 18.50 66.38
C ARG G 125 5.73 17.24 65.75
N LEU G 126 4.56 17.38 65.14
CA LEU G 126 3.78 16.28 64.61
C LEU G 126 3.80 16.11 63.12
N LEU G 127 3.89 14.86 62.70
CA LEU G 127 3.65 14.47 61.32
C LEU G 127 2.70 13.31 61.35
N VAL G 128 1.54 13.43 60.75
CA VAL G 128 0.66 12.29 60.75
C VAL G 128 0.34 11.89 59.32
N LEU G 129 0.41 10.58 59.13
CA LEU G 129 0.25 9.91 57.87
C LEU G 129 -1.08 9.17 57.86
N ALA G 130 -1.88 9.38 56.83
CA ALA G 130 -3.19 8.74 56.75
C ALA G 130 -3.29 7.86 55.52
N ILE G 131 -3.95 6.73 55.65
CA ILE G 131 -4.15 5.86 54.51
C ILE G 131 -5.48 5.15 54.63
N GLY G 132 -6.22 5.05 53.52
CA GLY G 132 -7.54 4.45 53.55
C GLY G 132 -7.59 2.94 53.38
N PHE G 133 -8.72 2.35 53.77
CA PHE G 133 -8.99 0.92 53.60
C PHE G 133 -10.23 0.73 52.72
N GLU G 134 -10.22 -0.32 51.90
CA GLU G 134 -11.41 -0.69 51.14
C GLU G 134 -11.86 -2.11 51.50
N GLU G 135 -13.16 -2.34 51.57
CA GLU G 135 -13.67 -3.66 51.92
C GLU G 135 -13.28 -4.64 50.85
N GLY G 136 -12.68 -5.75 51.26
CA GLY G 136 -12.22 -6.73 50.29
C GLY G 136 -11.58 -7.95 50.90
N LYS G 137 -10.38 -8.27 50.41
CA LYS G 137 -9.60 -9.41 50.90
C LYS G 137 -9.10 -9.11 52.31
N GLU G 138 -8.79 -10.16 53.05
CA GLU G 138 -8.21 -10.01 54.37
C GLU G 138 -6.82 -9.37 54.36
N ASN G 139 -6.57 -8.49 55.33
CA ASN G 139 -5.28 -7.85 55.52
C ASN G 139 -4.57 -8.45 56.74
N PRO G 140 -3.50 -9.21 56.50
CA PRO G 140 -2.81 -9.88 57.60
C PRO G 140 -2.18 -8.90 58.59
N ASN G 141 -1.94 -7.67 58.17
CA ASN G 141 -1.30 -6.70 59.06
C ASN G 141 -2.20 -6.22 60.17
N LEU G 142 -3.51 -6.28 59.92
CA LEU G 142 -4.52 -5.90 60.90
C LEU G 142 -4.69 -6.94 61.98
N ASP G 143 -4.36 -8.17 61.64
CA ASP G 143 -4.56 -9.31 62.52
C ASP G 143 -3.76 -9.31 63.84
N PRO G 144 -2.49 -8.85 63.81
CA PRO G 144 -1.83 -8.75 65.12
C PRO G 144 -2.49 -7.69 66.01
N ILE G 145 -3.14 -6.71 65.39
CA ILE G 145 -3.89 -5.68 66.11
C ILE G 145 -5.25 -6.16 66.62
N LEU G 146 -5.99 -6.88 65.79
CA LEU G 146 -7.32 -7.36 66.20
C LEU G 146 -7.27 -8.32 67.39
N GLU G 147 -6.18 -9.08 67.50
CA GLU G 147 -5.95 -9.94 68.64
C GLU G 147 -5.61 -9.13 69.86
N GLY G 148 -5.10 -7.92 69.66
CA GLY G 148 -4.53 -7.24 70.80
C GLY G 148 -5.64 -6.60 71.60
N ILE G 149 -6.76 -6.22 70.98
CA ILE G 149 -7.81 -5.69 71.84
C ILE G 149 -8.59 -6.85 72.51
N GLN G 150 -8.33 -8.10 72.09
CA GLN G 150 -8.83 -9.23 72.88
C GLN G 150 -7.71 -9.98 73.67
N LYS G 151 -6.47 -9.48 73.62
CA LYS G 151 -5.33 -10.03 74.39
C LYS G 151 -4.61 -8.83 74.98
N LYS G 152 -4.09 -8.79 76.20
CA LYS G 152 -3.56 -7.46 76.55
C LYS G 152 -2.08 -7.34 76.97
N GLN G 153 -1.31 -8.42 76.99
CA GLN G 153 0.03 -8.23 77.50
C GLN G 153 1.10 -8.27 76.38
N ASN G 154 1.24 -9.42 75.74
CA ASN G 154 2.19 -9.64 74.66
C ASN G 154 1.58 -10.03 73.32
N PHE G 155 1.62 -9.03 72.44
CA PHE G 155 1.09 -9.03 71.09
C PHE G 155 2.13 -9.49 70.08
N LYS G 156 1.71 -10.12 69.01
CA LYS G 156 2.67 -10.55 68.00
C LYS G 156 2.98 -9.33 67.13
N GLU G 157 4.16 -9.29 66.52
CA GLU G 157 4.60 -8.13 65.74
C GLU G 157 3.67 -7.70 64.61
N VAL G 158 3.49 -6.39 64.50
CA VAL G 158 2.81 -5.77 63.36
C VAL G 158 3.87 -5.42 62.33
N ALA G 159 3.67 -5.84 61.09
CA ALA G 159 4.67 -5.61 60.07
C ALA G 159 4.62 -4.20 59.50
N LEU G 160 5.10 -3.23 60.28
CA LEU G 160 5.04 -1.84 59.88
C LEU G 160 5.85 -1.59 58.61
N ASP G 161 6.94 -2.34 58.48
CA ASP G 161 7.83 -2.26 57.33
C ASP G 161 7.24 -3.01 56.13
N ALA G 162 6.09 -3.63 56.36
CA ALA G 162 5.37 -4.35 55.32
C ALA G 162 3.98 -3.78 55.13
N PHE G 163 3.62 -2.87 56.02
CA PHE G 163 2.27 -2.34 56.12
C PHE G 163 1.85 -1.51 54.91
N LEU G 164 2.67 -0.53 54.55
CA LEU G 164 2.30 0.36 53.45
C LEU G 164 2.64 -0.20 52.04
N PRO G 165 1.99 0.33 51.00
CA PRO G 165 2.30 -0.03 49.59
C PRO G 165 3.72 0.32 49.19
N LYS G 166 4.23 -0.39 48.19
CA LYS G 166 5.56 -0.12 47.70
C LYS G 166 5.74 1.30 47.25
N SER G 167 4.88 1.69 46.32
CA SER G 167 4.89 3.01 45.76
C SER G 167 3.63 3.73 46.17
N ILE G 168 3.77 4.91 46.76
CA ILE G 168 2.61 5.62 47.28
C ILE G 168 2.48 7.00 46.65
N ASN G 169 1.24 7.40 46.43
CA ASN G 169 0.90 8.75 46.02
C ASN G 169 0.11 9.46 47.13
N TYR G 170 0.50 10.67 47.48
CA TYR G 170 -0.08 11.31 48.65
C TYR G 170 -0.48 12.78 48.46
N TYR G 171 -1.34 13.28 49.34
CA TYR G 171 -1.65 14.71 49.37
C TYR G 171 -1.04 15.26 50.64
N HIS G 172 -0.28 16.34 50.52
CA HIS G 172 0.47 16.90 51.64
C HIS G 172 0.18 18.34 51.92
N PHE G 173 -0.16 18.63 53.18
CA PHE G 173 -0.52 19.95 53.63
C PHE G 173 -0.34 19.98 55.14
N ASN G 174 -0.40 21.17 55.72
CA ASN G 174 -0.46 21.37 57.18
C ASN G 174 -1.89 21.57 57.62
N GLY G 175 -2.22 20.92 58.73
CA GLY G 175 -3.56 20.92 59.26
C GLY G 175 -3.51 20.93 60.77
N SER G 176 -4.46 20.22 61.37
CA SER G 176 -4.57 20.17 62.82
C SER G 176 -4.85 18.75 63.28
N LEU G 177 -4.79 18.51 64.59
CA LEU G 177 -5.33 17.29 65.13
C LEU G 177 -6.83 17.21 64.81
N THR G 178 -7.32 16.01 64.54
CA THR G 178 -8.74 15.82 64.18
C THR G 178 -9.53 15.50 65.43
N ALA G 179 -8.82 15.55 66.55
CA ALA G 179 -9.41 15.32 67.86
C ALA G 179 -8.95 16.43 68.80
N PRO G 180 -9.74 16.74 69.84
CA PRO G 180 -9.32 17.77 70.79
C PRO G 180 -7.93 17.47 71.29
N PRO G 181 -7.11 18.51 71.54
CA PRO G 181 -7.31 19.95 71.54
C PRO G 181 -7.13 20.66 70.19
N CYS G 182 -7.17 19.90 69.08
CA CYS G 182 -7.15 20.47 67.71
C CYS G 182 -5.93 21.35 67.41
N THR G 183 -4.78 21.00 67.99
CA THR G 183 -3.53 21.74 67.81
C THR G 183 -3.11 21.74 66.33
N GLU G 184 -2.79 22.92 65.81
CA GLU G 184 -2.46 22.99 64.39
C GLU G 184 -0.95 22.91 64.11
N GLY G 185 -0.54 23.01 62.85
CA GLY G 185 0.85 22.81 62.50
C GLY G 185 1.30 21.37 62.32
N VAL G 186 0.33 20.49 62.08
CA VAL G 186 0.59 19.09 61.84
C VAL G 186 0.86 18.84 60.36
N ALA G 187 1.97 18.20 60.04
CA ALA G 187 2.25 17.88 58.64
C ALA G 187 1.45 16.67 58.22
N TRP G 188 0.41 16.89 57.42
CA TRP G 188 -0.39 15.77 56.95
C TRP G 188 0.10 15.21 55.63
N PHE G 189 0.17 13.89 55.58
CA PHE G 189 0.38 13.15 54.36
C PHE G 189 -0.79 12.20 54.25
N VAL G 190 -1.67 12.44 53.29
CA VAL G 190 -2.83 11.60 53.06
C VAL G 190 -2.59 10.78 51.78
N ILE G 191 -2.48 9.47 51.95
CA ILE G 191 -2.15 8.57 50.87
C ILE G 191 -3.35 8.22 49.98
N GLU G 192 -3.12 8.26 48.67
CA GLU G 192 -4.17 7.98 47.71
C GLU G 192 -4.51 6.51 47.66
N GLU G 193 -3.49 5.65 47.67
CA GLU G 193 -3.70 4.22 47.52
C GLU G 193 -4.33 3.62 48.75
N PRO G 194 -5.50 2.97 48.57
CA PRO G 194 -6.14 2.27 49.69
C PRO G 194 -5.53 0.88 49.98
N LEU G 195 -5.60 0.48 51.24
CA LEU G 195 -5.25 -0.85 51.63
C LEU G 195 -6.49 -1.72 51.63
N GLU G 196 -6.30 -3.00 51.87
CA GLU G 196 -7.41 -3.93 51.83
C GLU G 196 -7.86 -4.26 53.23
N VAL G 197 -9.16 -4.53 53.37
CA VAL G 197 -9.73 -5.01 54.62
C VAL G 197 -10.93 -5.91 54.32
N SER G 198 -11.05 -7.03 55.03
CA SER G 198 -12.15 -7.97 54.81
C SER G 198 -13.42 -7.48 55.49
N ALA G 199 -14.54 -8.06 55.12
CA ALA G 199 -15.79 -7.71 55.75
C ALA G 199 -15.78 -8.07 57.24
N LYS G 200 -15.15 -9.20 57.57
CA LYS G 200 -15.11 -9.62 58.97
C LYS G 200 -14.11 -8.79 59.75
N GLN G 201 -12.98 -8.48 59.12
CA GLN G 201 -11.99 -7.56 59.70
C GLN G 201 -12.50 -6.12 59.83
N LEU G 202 -13.20 -5.62 58.80
CA LEU G 202 -13.75 -4.27 58.84
C LEU G 202 -14.76 -4.21 59.99
N ALA G 203 -15.60 -5.24 60.10
CA ALA G 203 -16.60 -5.30 61.15
C ALA G 203 -16.03 -5.44 62.56
N GLU G 204 -14.98 -6.23 62.75
CA GLU G 204 -14.43 -6.38 64.10
C GLU G 204 -13.74 -5.11 64.56
N ILE G 205 -12.90 -4.52 63.71
CA ILE G 205 -12.23 -3.25 63.98
CA ILE G 205 -12.21 -3.29 64.08
C ILE G 205 -13.24 -2.24 64.53
N LYS G 206 -14.38 -2.18 63.84
CA LYS G 206 -15.50 -1.32 64.20
C LYS G 206 -16.17 -1.80 65.48
N LYS G 207 -16.11 -3.10 65.73
CA LYS G 207 -16.69 -3.65 66.95
C LYS G 207 -15.91 -3.18 68.17
N ARG G 208 -14.60 -3.16 68.03
CA ARG G 208 -13.73 -2.74 69.12
C ARG G 208 -13.78 -1.24 69.39
N MET G 209 -14.22 -0.48 68.40
CA MET G 209 -14.49 0.94 68.57
C MET G 209 -15.97 1.14 68.78
N LYS G 210 -16.60 0.13 69.39
CA LYS G 210 -17.96 0.23 69.92
C LYS G 210 -19.01 0.51 68.87
N ASN G 211 -18.73 0.14 67.62
CA ASN G 211 -19.65 0.33 66.50
C ASN G 211 -20.19 1.77 66.45
N SER G 212 -19.39 2.69 66.98
CA SER G 212 -19.74 4.09 67.02
C SER G 212 -18.69 4.91 66.30
N PRO G 213 -19.12 5.62 65.24
CA PRO G 213 -18.26 6.45 64.41
C PRO G 213 -17.40 7.45 65.20
N ASN G 214 -16.10 7.47 64.90
CA ASN G 214 -15.18 8.44 65.48
C ASN G 214 -14.53 9.28 64.38
N GLN G 215 -15.38 9.90 63.57
CA GLN G 215 -14.92 10.73 62.47
C GLN G 215 -15.34 12.19 62.70
N ARG G 216 -14.37 13.08 62.90
CA ARG G 216 -14.68 14.50 62.97
C ARG G 216 -15.13 14.96 61.58
N PRO G 217 -16.26 15.68 61.50
CA PRO G 217 -16.69 16.15 60.19
C PRO G 217 -15.69 17.09 59.53
N VAL G 218 -15.78 17.25 58.23
CA VAL G 218 -14.88 18.18 57.52
C VAL G 218 -15.05 19.62 58.02
N GLN G 219 -13.90 20.27 58.19
CA GLN G 219 -13.77 21.60 58.78
C GLN G 219 -13.69 22.72 57.74
N PRO G 220 -13.93 23.99 58.14
CA PRO G 220 -13.77 25.07 57.17
C PRO G 220 -12.37 25.15 56.57
N ASP G 221 -12.32 25.32 55.25
CA ASP G 221 -11.06 25.35 54.49
C ASP G 221 -10.68 26.76 54.05
N TYR G 222 -9.59 27.27 54.59
CA TYR G 222 -9.10 28.58 54.24
C TYR G 222 -8.06 28.51 53.12
N ASN G 223 -8.48 27.98 51.98
CA ASN G 223 -7.63 27.83 50.79
C ASN G 223 -6.35 27.08 51.08
N THR G 224 -6.43 25.99 51.83
CA THR G 224 -5.24 25.19 52.15
C THR G 224 -4.52 24.80 50.90
N VAL G 225 -3.21 25.07 50.88
CA VAL G 225 -2.35 24.68 49.79
C VAL G 225 -1.98 23.22 49.99
N ILE G 226 -2.44 22.39 49.08
CA ILE G 226 -2.23 20.95 49.10
C ILE G 226 -1.41 20.57 47.87
N ILE G 227 -0.34 19.81 48.06
CA ILE G 227 0.38 19.26 46.92
C ILE G 227 0.10 17.77 46.79
N LYS G 228 0.12 17.26 45.56
CA LYS G 228 0.08 15.82 45.33
C LYS G 228 1.46 15.40 44.86
N SER G 229 2.00 14.39 45.53
CA SER G 229 3.32 13.88 45.24
C SER G 229 3.33 12.36 45.42
N SER G 230 4.53 11.79 45.50
CA SER G 230 4.67 10.34 45.65
C SER G 230 5.97 10.02 46.36
N ALA G 231 6.04 8.81 46.89
CA ALA G 231 7.23 8.36 47.61
C ALA G 231 7.43 6.85 47.58
N GLU G 232 8.61 6.44 48.01
CA GLU G 232 8.89 5.03 48.22
C GLU G 232 8.96 4.82 49.71
N THR G 233 8.18 3.84 50.16
CA THR G 233 8.05 3.55 51.57
C THR G 233 9.11 2.56 52.04
N ARG G 234 9.81 1.98 51.08
CA ARG G 234 10.84 1.00 51.38
C ARG G 234 11.82 0.81 50.25
N TRP H 10 2.71 48.70 69.72
CA TRP H 10 3.55 47.70 69.04
C TRP H 10 4.45 48.33 67.97
N ASP H 11 5.71 47.90 67.96
CA ASP H 11 6.67 48.36 66.94
C ASP H 11 7.61 47.24 66.52
N TYR H 12 8.66 47.59 65.77
CA TYR H 12 9.61 46.59 65.31
C TYR H 12 10.97 46.67 65.98
N LYS H 13 11.09 47.43 67.06
CA LYS H 13 12.36 47.56 67.78
C LYS H 13 12.65 46.33 68.64
N ASN H 14 13.85 46.24 69.18
CA ASN H 14 14.25 45.07 69.97
C ASN H 14 14.00 45.28 71.47
N LYS H 15 13.00 46.09 71.78
CA LYS H 15 12.65 46.43 73.16
C LYS H 15 11.34 45.79 73.55
N GLU H 16 10.64 46.42 74.49
CA GLU H 16 9.45 45.87 75.15
C GLU H 16 8.27 45.66 74.22
N ASN H 17 8.24 46.41 73.12
CA ASN H 17 7.14 46.37 72.16
C ASN H 17 7.49 45.65 70.86
N GLY H 18 8.66 45.01 70.82
CA GLY H 18 9.13 44.38 69.60
C GLY H 18 8.43 43.10 69.26
N PRO H 19 8.63 42.61 68.02
CA PRO H 19 7.94 41.43 67.49
C PRO H 19 8.08 40.21 68.38
N HIS H 20 9.20 40.10 69.09
CA HIS H 20 9.37 39.01 70.04
C HIS H 20 8.44 39.17 71.25
N ARG H 21 7.81 40.34 71.36
CA ARG H 21 6.92 40.60 72.49
C ARG H 21 5.52 41.04 72.12
N TRP H 22 5.16 40.93 70.85
CA TRP H 22 3.86 41.40 70.40
C TRP H 22 2.68 40.75 71.11
N ASP H 23 2.79 39.47 71.46
CA ASP H 23 1.72 38.76 72.15
C ASP H 23 1.51 39.27 73.60
N LYS H 24 2.54 39.84 74.19
CA LYS H 24 2.47 40.31 75.58
C LYS H 24 1.72 41.64 75.68
N LEU H 25 1.75 42.41 74.60
CA LEU H 25 1.22 43.78 74.57
C LEU H 25 -0.32 43.87 74.66
N HIS H 26 -1.00 42.90 74.06
CA HIS H 26 -2.46 42.80 74.01
C HIS H 26 -2.81 41.32 73.89
N LYS H 27 -4.01 40.91 74.32
CA LYS H 27 -4.35 39.49 74.29
C LYS H 27 -4.79 38.94 72.93
N ASP H 28 -5.24 39.84 72.06
CA ASP H 28 -5.57 39.52 70.68
C ASP H 28 -4.35 39.08 69.85
N PHE H 29 -3.18 39.51 70.28
CA PHE H 29 -1.94 39.34 69.52
C PHE H 29 -1.23 38.03 69.86
N GLU H 30 -1.93 37.16 70.58
CA GLU H 30 -1.26 35.98 71.09
C GLU H 30 -0.91 34.98 70.00
N VAL H 31 -1.70 34.94 68.92
CA VAL H 31 -1.44 34.01 67.81
C VAL H 31 -0.12 34.35 67.13
N CYS H 32 0.39 35.54 67.37
CA CYS H 32 1.70 35.93 66.85
C CYS H 32 2.79 34.97 67.34
N LYS H 33 2.55 34.37 68.51
CA LYS H 33 3.47 33.38 69.10
C LYS H 33 2.84 32.01 69.12
N SER H 34 1.55 32.00 69.40
CA SER H 34 0.85 30.75 69.58
C SER H 34 0.46 30.17 68.22
N GLY H 35 0.48 31.01 67.19
CA GLY H 35 0.16 30.56 65.85
C GLY H 35 1.23 29.65 65.27
N LYS H 36 0.82 28.68 64.47
CA LYS H 36 1.74 27.75 63.84
C LYS H 36 1.86 27.97 62.31
N SER H 37 1.24 29.02 61.80
CA SER H 37 1.29 29.33 60.38
C SER H 37 1.63 30.80 60.18
N GLN H 38 2.62 31.27 60.91
CA GLN H 38 2.94 32.69 60.98
C GLN H 38 3.83 33.12 59.82
N SER H 39 3.56 34.30 59.31
CA SER H 39 4.29 34.86 58.18
C SER H 39 5.08 36.10 58.61
N PRO H 40 6.21 36.41 57.95
CA PRO H 40 6.85 35.84 56.77
C PRO H 40 7.80 34.71 57.07
N ILE H 41 8.22 34.04 56.00
CA ILE H 41 9.22 33.01 56.07
C ILE H 41 10.21 33.17 54.93
N ASN H 42 11.32 32.46 55.03
CA ASN H 42 12.26 32.33 53.94
C ASN H 42 11.76 31.19 53.07
N ILE H 43 11.47 31.51 51.80
CA ILE H 43 10.95 30.51 50.87
C ILE H 43 12.09 29.72 50.22
N GLU H 44 12.26 28.47 50.67
CA GLU H 44 13.42 27.69 50.30
C GLU H 44 13.06 26.33 49.80
N HIS H 45 11.99 25.76 50.31
CA HIS H 45 11.56 24.50 49.76
C HIS H 45 10.13 24.63 49.35
N TYR H 46 9.90 24.30 48.10
CA TYR H 46 8.61 24.42 47.48
C TYR H 46 8.49 23.42 46.41
N TYR H 47 7.28 23.32 45.91
CA TYR H 47 6.89 22.35 44.93
C TYR H 47 6.55 23.03 43.61
N HIS H 48 7.14 22.58 42.52
CA HIS H 48 6.88 23.14 41.21
C HIS H 48 5.57 22.58 40.70
N THR H 49 4.77 23.35 39.99
CA THR H 49 3.48 22.79 39.58
C THR H 49 2.85 23.10 38.20
N GLN H 50 1.52 23.13 38.19
CA GLN H 50 0.74 23.01 36.98
C GLN H 50 0.13 24.27 36.37
N ASP H 51 -1.02 24.71 36.88
CA ASP H 51 -1.88 25.72 36.25
C ASP H 51 -1.74 27.16 36.79
N LYS H 52 -2.55 28.05 36.23
CA LYS H 52 -2.75 29.48 36.55
C LYS H 52 -2.90 29.71 38.05
N ALA H 53 -3.23 28.61 38.74
CA ALA H 53 -3.68 28.65 40.10
C ALA H 53 -4.95 29.45 40.00
N ASP H 54 -5.61 29.45 38.84
CA ASP H 54 -7.01 29.85 38.72
C ASP H 54 -7.13 31.29 39.23
N LEU H 55 -6.30 32.17 38.66
CA LEU H 55 -6.09 33.48 39.23
C LEU H 55 -6.36 34.54 38.15
N GLN H 56 -7.49 35.21 38.26
CA GLN H 56 -7.88 36.25 37.32
C GLN H 56 -7.98 37.61 37.98
N PHE H 57 -7.35 38.60 37.36
CA PHE H 57 -7.31 39.93 37.93
C PHE H 57 -8.33 40.82 37.25
N LYS H 58 -9.12 41.54 38.04
CA LYS H 58 -10.00 42.59 37.52
C LYS H 58 -9.58 43.90 38.16
N TYR H 59 -8.44 44.39 37.70
CA TYR H 59 -7.88 45.62 38.19
C TYR H 59 -8.07 46.74 37.18
N ALA H 60 -8.15 47.96 37.69
CA ALA H 60 -8.26 49.15 36.87
C ALA H 60 -7.74 50.35 37.63
N ALA H 61 -7.49 51.43 36.91
CA ALA H 61 -7.08 52.67 37.54
C ALA H 61 -8.15 53.10 38.54
N SER H 62 -7.71 53.35 39.76
CA SER H 62 -8.61 53.67 40.85
C SER H 62 -8.01 54.78 41.68
N LYS H 63 -8.85 55.74 42.02
CA LYS H 63 -8.50 56.79 42.97
C LYS H 63 -8.57 56.29 44.40
N PRO H 64 -7.49 56.48 45.16
CA PRO H 64 -7.43 56.04 46.56
C PRO H 64 -8.51 56.67 47.42
N LYS H 65 -9.08 55.86 48.30
CA LYS H 65 -10.00 56.32 49.35
C LYS H 65 -9.27 57.27 50.30
N ALA H 66 -8.01 56.96 50.56
CA ALA H 66 -7.13 57.79 51.38
C ALA H 66 -5.67 57.40 51.14
N VAL H 67 -4.73 58.32 51.38
CA VAL H 67 -3.31 57.94 51.39
C VAL H 67 -2.64 58.49 52.67
N PHE H 68 -2.13 57.57 53.50
CA PHE H 68 -1.60 57.92 54.85
C PHE H 68 -0.64 56.89 55.48
N PHE H 69 0.02 57.32 56.54
CA PHE H 69 0.92 56.47 57.33
C PHE H 69 0.19 55.89 58.54
N THR H 70 0.20 54.57 58.65
CA THR H 70 -0.49 53.91 59.75
C THR H 70 0.26 52.67 60.15
N HIS H 71 0.44 52.51 61.45
CA HIS H 71 1.07 51.32 62.01
C HIS H 71 2.35 50.98 61.24
N HIS H 72 3.19 52.00 61.11
CA HIS H 72 4.56 51.94 60.60
C HIS H 72 4.67 51.78 59.07
N THR H 73 3.55 51.81 58.37
CA THR H 73 3.61 51.66 56.91
C THR H 73 2.93 52.80 56.16
N LEU H 74 3.28 52.95 54.88
CA LEU H 74 2.58 53.87 53.99
C LEU H 74 1.52 53.07 53.23
N LYS H 75 0.27 53.54 53.34
CA LYS H 75 -0.88 52.79 52.90
C LYS H 75 -1.77 53.57 51.94
N ALA H 76 -2.24 52.90 50.89
CA ALA H 76 -3.26 53.45 49.99
C ALA H 76 -4.52 52.57 49.99
N SER H 77 -5.65 53.10 50.43
CA SER H 77 -6.88 52.31 50.44
C SER H 77 -7.76 52.58 49.22
N PHE H 78 -8.63 51.64 48.87
CA PHE H 78 -9.45 51.81 47.67
C PHE H 78 -10.89 51.52 47.90
N GLU H 79 -11.73 52.07 47.04
CA GLU H 79 -13.13 51.66 46.97
C GLU H 79 -13.20 50.27 46.36
N PRO H 80 -14.28 49.53 46.67
CA PRO H 80 -14.41 48.11 46.30
C PRO H 80 -14.71 47.79 44.81
N THR H 81 -13.87 48.24 43.88
CA THR H 81 -14.15 47.97 42.47
C THR H 81 -13.14 47.04 41.79
N ASN H 82 -12.05 46.72 42.47
CA ASN H 82 -11.04 45.84 41.89
C ASN H 82 -11.16 44.47 42.51
N HIS H 83 -10.99 43.42 41.71
CA HIS H 83 -11.16 42.09 42.26
C HIS H 83 -10.06 41.16 41.79
N ILE H 84 -9.84 40.10 42.57
CA ILE H 84 -9.09 38.95 42.09
C ILE H 84 -10.00 37.75 42.28
N ASN H 85 -10.15 36.93 41.26
CA ASN H 85 -10.93 35.72 41.41
C ASN H 85 -10.00 34.53 41.48
N TYR H 86 -10.08 33.81 42.59
CA TYR H 86 -9.27 32.63 42.83
C TYR H 86 -10.17 31.47 43.25
N ARG H 87 -10.14 30.42 42.44
CA ARG H 87 -10.91 29.21 42.65
C ARG H 87 -12.41 29.48 42.79
N GLY H 88 -12.91 30.39 41.96
CA GLY H 88 -14.33 30.68 41.93
C GLY H 88 -14.83 31.56 43.04
N HIS H 89 -13.94 32.33 43.65
CA HIS H 89 -14.36 33.24 44.70
C HIS H 89 -13.82 34.64 44.45
N ASP H 90 -14.64 35.67 44.62
CA ASP H 90 -14.20 37.04 44.43
C ASP H 90 -13.53 37.58 45.69
N TYR H 91 -12.30 38.05 45.54
CA TYR H 91 -11.56 38.72 46.59
C TYR H 91 -11.43 40.19 46.19
N VAL H 92 -12.01 41.08 46.97
CA VAL H 92 -12.03 42.50 46.67
C VAL H 92 -10.77 43.20 47.18
N LEU H 93 -10.16 44.05 46.37
CA LEU H 93 -8.98 44.82 46.80
C LEU H 93 -9.33 45.93 47.83
N ASP H 94 -8.69 45.87 49.00
CA ASP H 94 -8.89 46.87 50.03
C ASP H 94 -7.84 47.99 50.02
N ASN H 95 -6.58 47.59 49.93
CA ASN H 95 -5.51 48.56 50.02
C ASN H 95 -4.19 48.06 49.48
N VAL H 96 -3.26 48.97 49.23
CA VAL H 96 -1.86 48.61 49.00
C VAL H 96 -0.99 49.30 50.04
N HIS H 97 -0.12 48.56 50.70
CA HIS H 97 0.84 49.21 51.60
C HIS H 97 2.20 48.61 51.37
N PHE H 98 3.20 49.17 52.05
CA PHE H 98 4.60 48.91 51.72
C PHE H 98 5.40 48.49 52.95
N HIS H 99 6.48 47.74 52.75
CA HIS H 99 7.43 47.40 53.81
C HIS H 99 8.87 47.63 53.38
N ALA H 100 9.70 48.13 54.28
CA ALA H 100 11.14 48.28 54.02
C ALA H 100 11.94 47.74 55.20
N PRO H 101 12.75 46.69 54.97
CA PRO H 101 12.90 45.95 53.70
C PRO H 101 11.73 45.00 53.38
N MET H 102 11.84 44.26 52.27
CA MET H 102 10.85 43.24 51.93
C MET H 102 10.82 42.17 53.05
N GLU H 103 9.62 41.70 53.39
CA GLU H 103 9.43 40.76 54.48
C GLU H 103 9.63 39.30 54.11
N PHE H 104 9.03 38.85 53.02
CA PHE H 104 9.24 37.47 52.62
C PHE H 104 10.57 37.41 51.91
N LEU H 105 11.39 36.42 52.22
CA LEU H 105 12.65 36.30 51.50
C LEU H 105 12.48 35.20 50.48
N ILE H 106 12.88 35.47 49.25
CA ILE H 106 12.85 34.44 48.21
C ILE H 106 14.23 33.86 47.95
N ASN H 107 14.36 32.58 48.24
CA ASN H 107 15.62 31.87 48.09
C ASN H 107 16.78 32.60 48.73
N ASN H 108 16.53 33.02 49.97
CA ASN H 108 17.50 33.60 50.88
C ASN H 108 18.04 35.00 50.60
N LYS H 109 17.43 35.76 49.70
CA LYS H 109 17.88 37.14 49.49
C LYS H 109 16.78 38.19 49.69
N THR H 110 17.16 39.29 50.34
CA THR H 110 16.26 40.39 50.64
C THR H 110 16.12 41.35 49.46
N ARG H 111 14.99 42.06 49.41
CA ARG H 111 14.81 43.22 48.56
C ARG H 111 14.75 44.33 49.56
N PRO H 112 15.06 45.56 49.15
CA PRO H 112 14.95 46.76 50.01
C PRO H 112 13.51 47.28 50.23
N LEU H 113 12.56 46.79 49.44
CA LEU H 113 11.17 47.25 49.55
C LEU H 113 10.17 46.24 48.98
N SER H 114 8.96 46.20 49.54
CA SER H 114 7.87 45.39 48.98
C SER H 114 6.52 46.07 49.13
N ALA H 115 5.53 45.59 48.40
CA ALA H 115 4.18 46.10 48.49
C ALA H 115 3.18 44.98 48.80
N HIS H 116 2.19 45.24 49.64
CA HIS H 116 1.13 44.27 49.91
C HIS H 116 -0.23 44.74 49.39
N PHE H 117 -0.85 43.95 48.53
CA PHE H 117 -2.19 44.21 48.01
C PHE H 117 -3.16 43.35 48.79
N VAL H 118 -3.95 43.94 49.68
CA VAL H 118 -4.79 43.19 50.62
C VAL H 118 -6.21 42.99 50.13
N HIS H 119 -6.64 41.74 50.04
CA HIS H 119 -7.98 41.39 49.53
C HIS H 119 -8.81 40.64 50.56
N LYS H 120 -10.12 40.68 50.42
CA LYS H 120 -10.98 39.93 51.32
C LYS H 120 -12.19 39.41 50.57
N ASP H 121 -12.59 38.17 50.79
CA ASP H 121 -13.77 37.68 50.11
C ASP H 121 -15.00 37.98 50.94
N ALA H 122 -16.14 37.47 50.50
CA ALA H 122 -17.41 37.78 51.13
C ALA H 122 -17.44 37.27 52.57
N LYS H 123 -16.74 36.17 52.82
CA LYS H 123 -16.69 35.55 54.15
C LYS H 123 -15.63 36.13 55.08
N GLY H 124 -14.80 37.02 54.57
CA GLY H 124 -13.79 37.62 55.42
C GLY H 124 -12.46 36.90 55.31
N ARG H 125 -12.39 35.94 54.39
CA ARG H 125 -11.18 35.22 54.14
C ARG H 125 -10.25 36.17 53.41
N LEU H 126 -8.97 36.17 53.79
CA LEU H 126 -7.99 37.12 53.27
C LEU H 126 -7.09 36.53 52.20
N LEU H 127 -6.80 37.34 51.19
CA LEU H 127 -5.82 37.02 50.16
C LEU H 127 -4.90 38.22 50.02
N VAL H 128 -3.61 38.01 50.23
CA VAL H 128 -2.65 39.10 50.14
C VAL H 128 -1.55 38.81 49.13
N LEU H 129 -1.26 39.82 48.33
CA LEU H 129 -0.29 39.75 47.25
C LEU H 129 0.98 40.57 47.59
N ALA H 130 2.14 39.95 47.48
CA ALA H 130 3.39 40.66 47.75
C ALA H 130 4.30 40.64 46.52
N ILE H 131 5.01 41.75 46.29
CA ILE H 131 5.95 41.86 45.21
C ILE H 131 7.12 42.76 45.62
N GLY H 132 8.34 42.34 45.30
CA GLY H 132 9.50 43.09 45.74
C GLY H 132 9.87 44.20 44.78
N PHE H 133 10.65 45.16 45.27
CA PHE H 133 11.17 46.24 44.42
C PHE H 133 12.68 46.10 44.43
N GLU H 134 13.31 46.34 43.29
CA GLU H 134 14.76 46.37 43.21
C GLU H 134 15.19 47.78 42.80
N GLU H 135 16.27 48.25 43.38
CA GLU H 135 16.72 49.60 43.10
C GLU H 135 17.13 49.75 41.64
N GLY H 136 16.59 50.76 40.96
CA GLY H 136 16.90 50.99 39.55
C GLY H 136 16.24 52.22 38.95
N LYS H 137 15.58 52.08 37.79
CA LYS H 137 14.86 53.22 37.21
C LYS H 137 13.62 53.58 38.00
N GLU H 138 13.16 54.82 37.80
CA GLU H 138 11.93 55.31 38.39
C GLU H 138 10.71 54.54 37.97
N ASN H 139 9.79 54.37 38.92
CA ASN H 139 8.52 53.69 38.70
C ASN H 139 7.34 54.66 38.68
N PRO H 140 6.77 54.92 37.49
CA PRO H 140 5.69 55.90 37.40
C PRO H 140 4.45 55.52 38.19
N ASN H 141 4.30 54.23 38.44
CA ASN H 141 3.10 53.69 39.08
C ASN H 141 2.98 54.05 40.56
N LEU H 142 4.13 54.30 41.19
CA LEU H 142 4.20 54.74 42.57
C LEU H 142 3.83 56.20 42.72
N ASP H 143 3.95 56.96 41.63
CA ASP H 143 3.83 58.42 41.69
C ASP H 143 2.50 59.01 42.20
N PRO H 144 1.35 58.40 41.86
CA PRO H 144 0.14 58.90 42.52
C PRO H 144 0.14 58.65 44.02
N ILE H 145 0.86 57.64 44.47
CA ILE H 145 0.97 57.37 45.90
C ILE H 145 1.94 58.33 46.59
N LEU H 146 3.12 58.53 46.02
CA LEU H 146 4.07 59.47 46.61
C LEU H 146 3.52 60.90 46.59
N GLU H 147 2.75 61.23 45.55
CA GLU H 147 2.11 62.54 45.45
C GLU H 147 0.96 62.63 46.43
N GLY H 148 0.39 61.48 46.77
CA GLY H 148 -0.86 61.48 47.50
C GLY H 148 -0.75 61.72 48.99
N ILE H 149 0.41 61.46 49.59
CA ILE H 149 0.56 61.65 51.02
C ILE H 149 0.71 63.10 51.45
N GLN H 150 0.93 64.00 50.49
CA GLN H 150 1.07 65.43 50.83
C GLN H 150 -0.19 66.31 50.66
N LYS H 151 -1.32 65.67 50.31
CA LYS H 151 -2.68 66.26 50.22
C LYS H 151 -3.49 65.23 50.97
N LYS H 152 -4.77 65.47 51.21
CA LYS H 152 -5.62 64.47 51.84
C LYS H 152 -6.82 64.35 50.89
N GLN H 153 -6.85 65.24 49.90
CA GLN H 153 -7.92 65.34 48.93
C GLN H 153 -7.47 65.15 47.49
N ASN H 154 -8.45 64.97 46.63
CA ASN H 154 -8.30 64.90 45.18
C ASN H 154 -7.14 64.08 44.67
N PHE H 155 -6.97 62.89 45.24
CA PHE H 155 -5.93 61.94 44.84
C PHE H 155 -6.07 61.55 43.38
N LYS H 156 -4.94 61.35 42.68
CA LYS H 156 -5.02 60.84 41.31
C LYS H 156 -5.08 59.31 41.31
N GLU H 157 -5.71 58.76 40.27
CA GLU H 157 -5.90 57.34 40.14
C GLU H 157 -4.57 56.59 40.12
N VAL H 158 -4.57 55.44 40.80
CA VAL H 158 -3.43 54.54 40.74
C VAL H 158 -3.70 53.56 39.60
N ALA H 159 -2.67 53.35 38.78
CA ALA H 159 -2.74 52.48 37.61
C ALA H 159 -2.60 51.03 38.01
N LEU H 160 -3.65 50.48 38.61
CA LEU H 160 -3.64 49.11 39.10
C LEU H 160 -3.45 48.15 37.95
N ASP H 161 -3.93 48.58 36.80
CA ASP H 161 -3.84 47.82 35.56
C ASP H 161 -2.45 47.81 34.95
N ALA H 162 -1.52 48.58 35.52
CA ALA H 162 -0.14 48.62 35.05
C ALA H 162 0.88 48.29 36.13
N PHE H 163 0.46 48.18 37.39
CA PHE H 163 1.38 48.08 38.53
C PHE H 163 2.23 46.82 38.54
N LEU H 164 1.58 45.68 38.37
CA LEU H 164 2.26 44.41 38.39
C LEU H 164 2.80 44.10 37.02
N PRO H 165 3.80 43.23 36.96
CA PRO H 165 4.22 42.71 35.66
C PRO H 165 3.09 41.89 35.05
N LYS H 166 3.04 41.85 33.73
CA LYS H 166 2.08 40.98 33.05
C LYS H 166 2.34 39.51 33.36
N SER H 167 3.58 39.07 33.22
CA SER H 167 3.91 37.68 33.48
C SER H 167 4.70 37.62 34.78
N ILE H 168 4.19 36.81 35.70
CA ILE H 168 4.73 36.65 37.04
C ILE H 168 5.04 35.21 37.39
N ASN H 169 6.07 35.02 38.21
CA ASN H 169 6.30 33.76 38.88
C ASN H 169 6.09 34.06 40.35
N TYR H 170 5.30 33.24 41.02
CA TYR H 170 4.89 33.56 42.38
C TYR H 170 5.03 32.32 43.27
N TYR H 171 5.04 32.53 44.58
CA TYR H 171 4.98 31.45 45.58
C TYR H 171 3.66 31.49 46.37
N HIS H 172 3.00 30.36 46.49
CA HIS H 172 1.69 30.34 47.12
C HIS H 172 1.66 29.37 48.31
N PHE H 173 1.16 29.86 49.46
CA PHE H 173 1.13 29.09 50.71
C PHE H 173 0.10 29.68 51.70
N ASN H 174 -0.15 29.00 52.80
CA ASN H 174 -1.02 29.53 53.85
C ASN H 174 -0.25 30.20 55.00
N GLY H 175 -0.60 31.43 55.34
CA GLY H 175 0.15 32.17 56.33
C GLY H 175 -0.69 33.09 57.19
N SER H 176 -0.10 34.20 57.62
CA SER H 176 -0.80 35.13 58.49
C SER H 176 -0.52 36.56 58.09
N LEU H 177 -1.22 37.48 58.72
CA LEU H 177 -0.86 38.88 58.70
C LEU H 177 0.52 39.05 59.32
N THR H 178 1.29 40.00 58.80
CA THR H 178 2.65 40.20 59.26
C THR H 178 2.75 41.28 60.33
N ALA H 179 1.60 41.84 60.70
CA ALA H 179 1.54 42.83 61.77
C ALA H 179 0.41 42.43 62.70
N PRO H 180 0.52 42.80 63.98
CA PRO H 180 -0.55 42.44 64.90
C PRO H 180 -1.90 42.87 64.36
N PRO H 181 -2.93 42.05 64.57
CA PRO H 181 -2.97 40.88 65.45
C PRO H 181 -2.44 39.56 64.90
N CYS H 182 -1.73 39.58 63.78
CA CYS H 182 -1.08 38.39 63.19
C CYS H 182 -2.02 37.24 62.85
N THR H 183 -3.25 37.57 62.47
CA THR H 183 -4.31 36.60 62.24
C THR H 183 -3.97 35.61 61.12
N GLU H 184 -4.23 34.32 61.33
CA GLU H 184 -3.87 33.33 60.32
C GLU H 184 -4.97 32.96 59.31
N GLY H 185 -4.69 31.99 58.45
CA GLY H 185 -5.58 31.62 57.36
C GLY H 185 -5.50 32.50 56.11
N VAL H 186 -4.40 33.22 55.95
CA VAL H 186 -4.21 34.09 54.79
C VAL H 186 -3.55 33.38 53.60
N ALA H 187 -4.20 33.40 52.45
CA ALA H 187 -3.59 32.87 51.25
C ALA H 187 -2.62 33.89 50.69
N TRP H 188 -1.33 33.61 50.84
CA TRP H 188 -0.27 34.48 50.32
C TRP H 188 0.16 34.10 48.90
N PHE H 189 0.31 35.09 48.04
CA PHE H 189 0.95 34.88 46.76
C PHE H 189 2.10 35.87 46.70
N VAL H 190 3.32 35.37 46.72
CA VAL H 190 4.49 36.26 46.67
C VAL H 190 5.19 36.16 45.31
N ILE H 191 5.20 37.27 44.57
CA ILE H 191 5.74 37.31 43.20
C ILE H 191 7.26 37.39 43.19
N GLU H 192 7.88 36.52 42.39
CA GLU H 192 9.33 36.44 42.32
C GLU H 192 9.94 37.59 41.54
N GLU H 193 9.26 38.01 40.48
CA GLU H 193 9.78 39.11 39.68
C GLU H 193 9.65 40.42 40.44
N PRO H 194 10.76 41.16 40.55
CA PRO H 194 10.82 42.46 41.21
C PRO H 194 10.35 43.62 40.35
N LEU H 195 9.77 44.62 41.00
CA LEU H 195 9.48 45.86 40.32
C LEU H 195 10.67 46.76 40.54
N GLU H 196 10.68 47.90 39.86
CA GLU H 196 11.78 48.83 40.04
C GLU H 196 11.36 50.00 40.91
N VAL H 197 12.34 50.51 41.61
CA VAL H 197 12.17 51.70 42.42
C VAL H 197 13.47 52.45 42.31
N SER H 198 13.39 53.75 42.16
CA SER H 198 14.60 54.53 42.02
C SER H 198 15.25 54.68 43.39
N ALA H 199 16.53 55.02 43.43
CA ALA H 199 17.17 55.28 44.71
C ALA H 199 16.45 56.46 45.32
N LYS H 200 16.00 57.36 44.43
CA LYS H 200 15.32 58.58 44.79
C LYS H 200 13.90 58.32 45.29
N GLN H 201 13.18 57.41 44.64
CA GLN H 201 11.87 56.97 45.10
C GLN H 201 11.96 56.18 46.38
N LEU H 202 12.93 55.29 46.43
CA LEU H 202 13.14 54.40 47.57
C LEU H 202 13.48 55.14 48.85
N ALA H 203 14.37 56.12 48.75
CA ALA H 203 14.76 56.93 49.89
C ALA H 203 13.58 57.72 50.43
N GLU H 204 12.76 58.18 49.50
CA GLU H 204 11.61 59.00 49.83
C GLU H 204 10.55 58.23 50.59
N ILE H 205 10.23 57.03 50.13
CA ILE H 205 9.16 56.25 50.78
C ILE H 205 9.58 55.83 52.17
N LYS H 206 10.87 55.57 52.37
CA LYS H 206 11.29 55.15 53.69
C LYS H 206 11.11 56.26 54.70
N LYS H 207 11.22 57.50 54.26
CA LYS H 207 11.05 58.61 55.17
C LYS H 207 9.58 58.74 55.56
N ARG H 208 8.65 58.46 54.64
CA ARG H 208 7.23 58.43 54.99
C ARG H 208 6.93 57.26 55.88
N MET H 209 7.83 56.28 55.88
CA MET H 209 7.73 55.22 56.85
C MET H 209 8.75 55.54 57.96
N LYS H 210 9.02 56.83 58.12
CA LYS H 210 9.77 57.37 59.27
C LYS H 210 11.18 56.82 59.39
N ASN H 211 11.74 56.38 58.27
CA ASN H 211 13.10 55.86 58.21
C ASN H 211 13.40 54.79 59.25
N SER H 212 12.36 54.08 59.65
CA SER H 212 12.51 53.00 60.60
C SER H 212 11.98 51.72 59.98
N PRO H 213 12.86 50.72 59.80
CA PRO H 213 12.47 49.44 59.20
C PRO H 213 11.26 48.78 59.86
N ASN H 214 10.29 48.43 59.01
CA ASN H 214 9.07 47.78 59.45
C ASN H 214 8.92 46.39 58.87
N GLN H 215 9.93 45.57 59.11
CA GLN H 215 9.92 44.21 58.62
C GLN H 215 9.86 43.21 59.76
N ARG H 216 8.78 42.45 59.84
CA ARG H 216 8.68 41.38 60.83
C ARG H 216 9.69 40.30 60.52
N PRO H 217 10.42 39.84 61.54
CA PRO H 217 11.45 38.82 61.30
C PRO H 217 10.87 37.53 60.76
N VAL H 218 11.71 36.73 60.12
CA VAL H 218 11.26 35.44 59.64
C VAL H 218 10.79 34.61 60.84
N GLN H 219 9.63 33.99 60.68
CA GLN H 219 9.00 33.25 61.74
C GLN H 219 9.36 31.76 61.60
N PRO H 220 9.14 30.98 62.67
CA PRO H 220 9.36 29.54 62.53
C PRO H 220 8.50 28.95 61.40
N ASP H 221 9.12 28.10 60.60
CA ASP H 221 8.47 27.46 59.48
C ASP H 221 8.10 26.05 59.86
N TYR H 222 6.81 25.78 59.99
CA TYR H 222 6.37 24.44 60.32
C TYR H 222 6.20 23.65 59.07
N ASN H 223 7.30 23.62 58.32
CA ASN H 223 7.36 22.95 57.06
C ASN H 223 6.20 23.42 56.19
N THR H 224 6.02 24.75 56.12
CA THR H 224 4.97 25.37 55.32
C THR H 224 5.06 24.81 53.92
N VAL H 225 3.92 24.33 53.42
CA VAL H 225 3.79 23.79 52.08
C VAL H 225 3.64 24.94 51.06
N ILE H 226 4.63 25.09 50.20
CA ILE H 226 4.70 26.18 49.23
C ILE H 226 4.72 25.65 47.80
N ILE H 227 3.87 26.21 46.91
CA ILE H 227 3.98 25.85 45.49
C ILE H 227 4.62 26.99 44.70
N LYS H 228 5.38 26.65 43.67
CA LYS H 228 5.88 27.63 42.73
C LYS H 228 5.19 27.41 41.39
N SER H 229 4.62 28.46 40.84
CA SER H 229 3.94 28.37 39.55
C SER H 229 4.15 29.71 38.85
N SER H 230 3.38 29.99 37.81
CA SER H 230 3.49 31.27 37.12
C SER H 230 2.14 31.61 36.52
N ALA H 231 1.90 32.89 36.28
CA ALA H 231 0.60 33.32 35.77
C ALA H 231 0.65 34.64 34.99
N GLU H 232 -0.47 34.97 34.36
CA GLU H 232 -0.67 36.20 33.62
C GLU H 232 -1.60 37.12 34.41
N THR H 233 -1.21 38.38 34.59
CA THR H 233 -2.04 39.33 35.34
C THR H 233 -3.02 40.11 34.44
N ARG H 234 -2.87 40.00 33.11
CA ARG H 234 -3.70 40.78 32.19
C ARG H 234 -3.78 40.17 30.80
ZN ZN I . -0.46 6.71 -25.29
CL CL J . 3.32 2.59 -29.19
C1 AZM K . -3.44 6.42 -22.48
C2 AZM K . -5.16 7.98 -21.53
C3 AZM K . -7.12 9.40 -22.25
C4 AZM K . -8.24 10.38 -21.87
N1 AZM K . -0.91 5.96 -23.52
N2 AZM K . -4.27 7.46 -20.64
N3 AZM K . -3.35 6.61 -21.14
N4 AZM K . -6.23 8.89 -21.24
O1 AZM K . -2.54 4.02 -22.94
O2 AZM K . -3.07 5.46 -24.87
O3 AZM K . -7.02 9.07 -23.39
S1 AZM K . -2.47 5.39 -23.50
S2 AZM K . -4.75 7.31 -23.06
C1 GOL L . -1.86 11.52 -21.42
O1 GOL L . -0.99 11.00 -20.45
C2 GOL L . -1.53 10.72 -22.66
O2 GOL L . -0.55 9.80 -22.28
C3 GOL L . -2.79 9.99 -23.08
O3 GOL L . -3.88 10.89 -23.12
ZN ZN M . -10.13 -24.84 -10.09
CL CL N . -13.15 -25.95 -15.62
C1 AZM O . -7.41 -22.16 -8.34
C2 AZM O . -5.76 -22.22 -6.41
C3 AZM O . -3.70 -23.47 -5.63
C4 AZM O . -2.61 -23.67 -4.57
N1 AZM O . -9.83 -22.95 -9.74
N2 AZM O . -6.75 -21.30 -6.32
N3 AZM O . -7.64 -21.25 -7.34
N4 AZM O . -4.71 -22.46 -5.46
O1 AZM O . -8.20 -21.19 -10.69
O2 AZM O . -7.51 -23.57 -10.45
O3 AZM O . -3.67 -24.17 -6.58
S1 AZM O . -8.27 -22.45 -9.86
S2 AZM O . -6.05 -23.03 -7.89
ZN ZN P . -10.36 23.48 6.87
CL CL Q . -14.79 24.41 12.22
C1 AZM R . -7.69 20.56 5.75
C2 AZM R . -5.86 20.53 4.01
C3 AZM R . -3.71 21.70 3.47
C4 AZM R . -2.51 21.85 2.53
N1 AZM R . -10.16 21.55 6.69
N2 AZM R . -6.87 19.65 3.83
N3 AZM R . -7.84 19.65 4.75
N4 AZM R . -4.71 20.72 3.18
O1 AZM R . -9.00 19.61 7.89
O2 AZM R . -7.92 21.86 7.96
O3 AZM R . -3.78 22.41 4.43
S1 AZM R . -8.71 20.89 7.14
S2 AZM R . -6.25 21.38 5.45
C1 GOL S . -9.59 22.71 2.46
O1 GOL S . -9.38 21.41 1.98
C2 GOL S . -8.40 23.49 1.99
O2 GOL S . -7.33 23.15 2.81
C3 GOL S . -8.06 22.97 0.61
O3 GOL S . -6.66 22.95 0.52
ZN ZN T . -6.61 -8.78 23.59
CL CL U . -3.64 -4.69 28.49
C1 AZM V . -8.69 -7.86 20.29
C2 AZM V . -10.38 -9.19 18.94
C3 AZM V . -12.73 -10.10 19.02
C4 AZM V . -13.83 -10.89 18.30
N1 AZM V . -6.45 -7.72 21.97
N2 AZM V . -9.18 -8.97 18.37
N3 AZM V . -8.27 -8.27 19.07
N4 AZM V . -11.47 -9.91 18.37
O1 AZM V . -7.35 -5.59 20.85
O2 AZM V . -8.74 -6.66 22.61
O3 AZM V . -12.95 -9.66 20.11
S1 AZM V . -7.78 -6.90 21.47
S2 AZM V . -10.29 -8.42 20.48
ZN ZN W . 19.67 -42.37 -50.95
CL CL X . 21.63 -38.73 -45.62
C1 AZM Y . 17.97 -41.47 -54.51
C2 AZM Y . 16.87 -42.84 -56.34
C3 AZM Y . 14.96 -44.40 -56.75
C4 AZM Y . 14.16 -45.29 -57.70
N1 AZM Y . 19.97 -41.07 -52.56
N2 AZM Y . 17.98 -42.14 -56.69
N3 AZM Y . 18.56 -41.42 -55.73
N4 AZM Y . 16.10 -43.68 -57.20
O1 AZM Y . 18.41 -39.18 -53.27
O2 AZM Y . 17.46 -41.14 -52.01
O3 AZM Y . 14.62 -44.32 -55.61
S1 AZM Y . 18.45 -40.66 -53.02
S2 AZM Y . 16.63 -42.50 -54.67
C1 GOL Z . 18.58 -46.83 -55.19
O1 GOL Z . 17.38 -46.45 -55.85
C2 GOL Z . 19.61 -45.72 -55.36
O2 GOL Z . 18.94 -44.53 -55.37
C3 GOL Z . 20.47 -45.59 -54.14
O3 GOL Z . 20.89 -44.26 -54.12
ZN ZN AA . 13.05 -9.22 -64.34
CL CL BA . 7.81 -10.08 -60.32
C1 AZM CA . 16.43 -11.39 -65.19
C2 AZM CA . 18.61 -10.72 -66.27
C3 AZM CA . 20.54 -9.11 -65.97
C4 AZM CA . 21.89 -8.60 -66.51
N1 AZM CA . 13.69 -10.95 -64.84
N2 AZM CA . 17.91 -11.71 -66.90
N3 AZM CA . 16.74 -12.08 -66.33
N4 AZM CA . 19.86 -10.16 -66.67
O1 AZM CA . 14.84 -12.90 -63.59
O2 AZM CA . 15.44 -10.58 -62.98
O3 AZM CA . 20.12 -8.63 -64.96
S1 AZM CA . 15.07 -11.49 -64.10
S2 AZM CA . 17.69 -10.31 -64.89
ZN ZN DA . -6.84 10.07 64.07
CL CL EA . -8.48 9.98 57.47
C1 AZM FA . -4.74 12.67 66.44
C2 AZM FA . -3.71 12.58 68.76
C3 AZM FA . -1.86 11.45 70.09
C4 AZM FA . -1.14 11.28 71.44
N1 AZM FA . -6.69 11.80 64.68
N2 AZM FA . -4.77 13.42 68.60
N3 AZM FA . -5.32 13.47 67.39
N4 AZM FA . -2.97 12.36 69.97
O1 AZM FA . -5.27 13.88 64.20
O2 AZM FA . -4.22 11.62 64.05
O3 AZM FA . -1.49 10.80 69.15
S1 AZM FA . -5.21 12.50 64.75
S2 AZM FA . -3.48 11.88 67.20
C1 GOL GA . -6.58 10.70 69.38
O1 GOL GA . -6.41 9.46 68.74
C2 GOL GA . -6.47 10.51 70.88
O2 GOL GA . -5.11 10.44 71.28
C3 GOL GA . -7.19 11.69 71.56
O3 GOL GA . -6.78 11.88 72.90
ZN ZN HA . 1.55 44.57 54.81
CL CL IA . 6.98 40.87 51.55
C1 AZM JA . -1.30 43.03 56.91
C2 AZM JA . -3.38 44.23 57.75
C3 AZM JA . -5.55 45.29 57.03
C4 AZM JA . -6.85 46.03 57.43
N1 AZM JA . 1.43 43.11 56.20
N2 AZM JA . -2.49 43.86 58.69
N3 AZM JA . -1.39 43.24 58.27
N4 AZM JA . -4.61 44.91 58.04
O1 AZM JA . 0.28 40.85 56.49
O2 AZM JA . -0.40 42.29 54.62
O3 AZM JA . -5.32 45.06 55.87
S1 AZM JA . 0.03 42.25 56.04
S2 AZM JA . -2.71 43.71 56.23
C1 GOL KA . -2.12 47.22 57.34
O1 GOL KA . -3.12 47.79 58.14
C2 GOL KA . -0.74 47.70 57.80
O2 GOL KA . -0.72 47.87 59.19
C3 GOL KA . 0.27 46.65 57.45
O3 GOL KA . 0.82 46.15 58.63
#